data_5BTI
#
_entry.id   5BTI
#
_cell.length_a   108.390
_cell.length_b   83.280
_cell.length_c   129.701
_cell.angle_alpha   90.000
_cell.angle_beta   108.730
_cell.angle_gamma   90.000
#
_symmetry.space_group_name_H-M   'P 1 21 1'
#
loop_
_entity.id
_entity.type
_entity.pdbx_description
1 polymer 'DNA gyrase subunit A'
2 polymer 'DNA gyrase subunit B'
3 polymer 'DNA substrate 24-mer GGTCATGAATGACTATGCACGTAA'
4 polymer 'DNA substrate 24-mer TTACGTGCATAGTCATTCATGACC'
5 non-polymer 'MAGNESIUM ION'
6 non-polymer '(3S)-9-fluoro-3-methyl-10-(4-methylpiperazin-1-yl)-7-oxo-2,3-dihydro-7H-[1,4]oxazino[2,3,4-ij]quinoline-6-carboxylic acid'
7 water water
#
loop_
_entity_poly.entity_id
_entity_poly.type
_entity_poly.pdbx_seq_one_letter_code
_entity_poly.pdbx_strand_id
1 'polypeptide(L)'
;TDTTLPPDDSLDRIEPVDIEQEMQRSYIDYAMSVIVGRALPEVRDGLKPVHRRVLYAMFDSGFRPDRSHAKSARSVAETM
GNYHPHGDSSIYDSLVRMAQPWSLRYPLVDGQGNFGSPGNDPPAAMR(PTR)TEARLTPLAMEMLREIDEETVDFIPNYD
GRVQEPTVLPSRFPNLLANGSGGIAVGMATNIPPHNLRELADAVFWALENHDADEEETLAAVMGRVKGPDFPTAGLIVGS
QGTADAYKTGRGSIRMRGVVEVEEDSRGRTSLVITELPYQVNHDNFITSIAEQVRDGKLAGISNIEDQSSDRVGLRIVIE
IKRDAVAKVVINNLYKHTQLQTSFGANMLAIVDGVPRTLRLDQLIRYYVDHQLDVIVRRTTYRLRKANERAHILRGLVKA
LDALDEVIALIRASETVDIARAGLIELLDIDEIQAQAILDMQLRRLAALERQRIIDDLAKIEAEIADLEDILAKPERQRG
IVRDELAEIVDRHGDDRRTRIIAIGSG
;
A,C
2 'polypeptide(L)'
;SNALVRRKSATDIGGLPGKLADCRSTDPRKSELYVVEGDSAGGSAKSGRDSMFQAILPLRGKIINVEKARIDRVLKNTEV
QAIITALGTGIHDEFDIGKLRYHKIVLMADADVDGQHISTLLLTLLFRFMRPLIENGHVFLAQPPLYKLKWQRSDPEFAY
SDRERDGLLEAGLKAGKKINKEDGIQRYKGLGEMDAKELWETTMDPSVRVLRQVTLDDAAAADELFSILMGEDVDARRSF
ITRNAKDVRFLDV
;
B,D
3 'polydeoxyribonucleotide'
;(DG)(DG)(DT)(DC)(DA)(DT)(DG)(DA)(DA)(DT)(DG)(DA)(DC)(DT)(DA)(DT)(DG)(DC)(DA)(DC)
(DG)(DT)(DA)(DA)
;
E,H
4 'polydeoxyribonucleotide'
;(DT)(DT)(DA)(DC)(DG)(DT)(DG)(DC)(DA)(DT)(DA)(DG)(DT)(DC)(DA)(DT)(DT)(DC)(DA)(DT)
(DG)(DA)(DC)(DC)
;
F,G
#
loop_
_chem_comp.id
_chem_comp.type
_chem_comp.name
_chem_comp.formula
DA DNA linking 2'-DEOXYADENOSINE-5'-MONOPHOSPHATE 'C10 H14 N5 O6 P'
DC DNA linking 2'-DEOXYCYTIDINE-5'-MONOPHOSPHATE 'C9 H14 N3 O7 P'
DG DNA linking 2'-DEOXYGUANOSINE-5'-MONOPHOSPHATE 'C10 H14 N5 O7 P'
DT DNA linking THYMIDINE-5'-MONOPHOSPHATE 'C10 H15 N2 O8 P'
LFX non-polymer '(3S)-9-fluoro-3-methyl-10-(4-methylpiperazin-1-yl)-7-oxo-2,3-dihydro-7H-[1,4]oxazino[2,3,4-ij]quinoline-6-carboxylic acid' 'C18 H20 F N3 O4'
MG non-polymer 'MAGNESIUM ION' 'Mg 2'
#
# COMPACT_ATOMS: atom_id res chain seq x y z
N ILE A 14 -23.25 34.75 6.68
CA ILE A 14 -22.38 34.08 7.64
C ILE A 14 -23.08 33.89 8.98
N GLU A 15 -23.16 32.63 9.39
CA GLU A 15 -23.83 32.25 10.63
C GLU A 15 -22.92 32.46 11.85
N PRO A 16 -23.49 32.94 12.98
CA PRO A 16 -22.69 33.06 14.20
C PRO A 16 -22.77 31.82 15.08
N VAL A 17 -21.66 31.46 15.71
CA VAL A 17 -21.62 30.32 16.63
C VAL A 17 -20.83 30.68 17.89
N ASP A 18 -21.37 30.31 19.04
CA ASP A 18 -20.71 30.61 20.31
C ASP A 18 -19.59 29.63 20.57
N ILE A 19 -18.49 30.11 21.13
CA ILE A 19 -17.30 29.29 21.31
C ILE A 19 -17.53 28.14 22.29
N GLU A 20 -18.41 28.35 23.27
CA GLU A 20 -18.73 27.29 24.23
C GLU A 20 -19.53 26.18 23.57
N GLN A 21 -20.44 26.56 22.68
CA GLN A 21 -21.23 25.58 21.94
C GLN A 21 -20.34 24.74 21.05
N GLU A 22 -19.41 25.39 20.36
CA GLU A 22 -18.52 24.71 19.44
C GLU A 22 -17.56 23.79 20.19
N MET A 23 -16.93 24.31 21.23
CA MET A 23 -15.96 23.57 22.02
C MET A 23 -16.55 22.31 22.65
N GLN A 24 -17.74 22.44 23.22
CA GLN A 24 -18.38 21.32 23.90
C GLN A 24 -18.79 20.22 22.91
N ARG A 25 -19.46 20.61 21.83
CA ARG A 25 -19.95 19.65 20.85
C ARG A 25 -18.80 18.94 20.18
N SER A 26 -17.79 19.72 19.80
CA SER A 26 -16.66 19.22 19.04
C SER A 26 -15.81 18.25 19.86
N TYR A 27 -15.50 18.61 21.09
CA TYR A 27 -14.62 17.80 21.91
C TYR A 27 -15.31 16.53 22.41
N ILE A 28 -16.61 16.61 22.67
CA ILE A 28 -17.36 15.43 23.11
C ILE A 28 -17.48 14.43 21.96
N ASP A 29 -17.71 14.93 20.75
CA ASP A 29 -17.79 14.06 19.59
C ASP A 29 -16.48 13.31 19.38
N TYR A 30 -15.37 13.99 19.64
CA TYR A 30 -14.06 13.36 19.52
C TYR A 30 -13.84 12.36 20.63
N ALA A 31 -14.14 12.76 21.87
CA ALA A 31 -13.97 11.91 23.02
C ALA A 31 -14.76 10.61 22.87
N MET A 32 -16.01 10.74 22.45
CA MET A 32 -16.90 9.58 22.35
C MET A 32 -16.43 8.62 21.27
N SER A 33 -16.02 9.15 20.14
CA SER A 33 -15.58 8.31 19.02
C SER A 33 -14.27 7.61 19.37
N VAL A 34 -13.37 8.31 20.04
CA VAL A 34 -12.12 7.71 20.51
C VAL A 34 -12.40 6.61 21.54
N ILE A 35 -13.27 6.90 22.49
CA ILE A 35 -13.61 5.96 23.53
C ILE A 35 -14.23 4.69 22.96
N VAL A 36 -15.21 4.85 22.08
CA VAL A 36 -15.98 3.73 21.57
C VAL A 36 -15.40 3.16 20.27
N GLY A 37 -14.80 4.04 19.47
CA GLY A 37 -14.42 3.73 18.10
C GLY A 37 -12.94 3.79 17.74
N ARG A 38 -12.04 3.75 18.74
CA ARG A 38 -10.62 3.80 18.43
C ARG A 38 -9.71 3.11 19.45
N ALA A 39 -9.71 3.61 20.68
CA ALA A 39 -8.66 3.27 21.64
C ALA A 39 -8.98 2.06 22.52
N LEU A 40 -10.26 1.76 22.71
CA LEU A 40 -10.67 0.75 23.67
C LEU A 40 -11.27 -0.49 23.00
N PRO A 41 -11.02 -1.68 23.57
CA PRO A 41 -11.49 -2.94 22.99
C PRO A 41 -12.97 -3.25 23.27
N GLU A 42 -13.62 -3.87 22.29
CA GLU A 42 -14.94 -4.47 22.49
C GLU A 42 -14.80 -5.69 23.39
N VAL A 43 -15.68 -5.82 24.38
CA VAL A 43 -15.55 -6.89 25.38
C VAL A 43 -15.71 -8.28 24.79
N ARG A 44 -16.49 -8.38 23.71
CA ARG A 44 -16.84 -9.67 23.13
C ARG A 44 -15.71 -10.34 22.36
N ASP A 45 -14.91 -9.57 21.64
CA ASP A 45 -13.78 -10.11 20.88
C ASP A 45 -12.44 -9.46 21.26
N GLY A 46 -12.50 -8.46 22.14
CA GLY A 46 -11.28 -7.82 22.63
C GLY A 46 -10.53 -7.04 21.59
N LEU A 47 -11.21 -6.66 20.51
CA LEU A 47 -10.57 -5.97 19.40
C LEU A 47 -10.98 -4.50 19.31
N LYS A 48 -10.02 -3.67 18.93
CA LYS A 48 -10.32 -2.30 18.51
C LYS A 48 -10.68 -2.36 17.02
N PRO A 49 -11.36 -1.33 16.51
CA PRO A 49 -11.81 -1.30 15.11
C PRO A 49 -10.72 -1.62 14.08
N VAL A 50 -9.54 -1.05 14.27
CA VAL A 50 -8.45 -1.26 13.31
C VAL A 50 -8.04 -2.73 13.27
N HIS A 51 -8.01 -3.38 14.42
CA HIS A 51 -7.68 -4.80 14.48
C HIS A 51 -8.72 -5.59 13.71
N ARG A 52 -9.97 -5.36 14.05
CA ARG A 52 -11.08 -6.09 13.47
C ARG A 52 -11.12 -5.91 11.96
N ARG A 53 -10.76 -4.72 11.50
CA ARG A 53 -10.83 -4.39 10.08
C ARG A 53 -9.63 -4.96 9.31
N VAL A 54 -8.46 -4.93 9.92
CA VAL A 54 -7.28 -5.56 9.33
C VAL A 54 -7.54 -7.05 9.16
N LEU A 55 -7.99 -7.70 10.23
CA LEU A 55 -8.18 -9.13 10.23
C LEU A 55 -9.24 -9.56 9.21
N TYR A 56 -10.35 -8.83 9.14
CA TYR A 56 -11.41 -9.19 8.22
C TYR A 56 -10.96 -8.95 6.78
N ALA A 57 -10.19 -7.89 6.57
CA ALA A 57 -9.66 -7.57 5.24
C ALA A 57 -8.79 -8.72 4.74
N MET A 58 -7.90 -9.19 5.60
CA MET A 58 -7.04 -10.32 5.26
C MET A 58 -7.87 -11.57 5.01
N PHE A 59 -8.89 -11.76 5.84
CA PHE A 59 -9.77 -12.92 5.72
C PHE A 59 -10.52 -12.92 4.40
N ASP A 60 -11.17 -11.80 4.09
CA ASP A 60 -11.97 -11.67 2.88
C ASP A 60 -11.08 -11.78 1.64
N SER A 61 -9.83 -11.35 1.78
CA SER A 61 -8.88 -11.39 0.67
C SER A 61 -8.29 -12.79 0.48
N GLY A 62 -8.57 -13.67 1.44
CA GLY A 62 -8.08 -15.04 1.35
C GLY A 62 -6.67 -15.24 1.86
N PHE A 63 -6.14 -14.23 2.55
CA PHE A 63 -4.79 -14.34 3.13
C PHE A 63 -4.80 -15.24 4.36
N ARG A 64 -5.01 -16.53 4.12
CA ARG A 64 -5.22 -17.51 5.18
C ARG A 64 -4.06 -18.52 5.23
N PRO A 65 -3.97 -19.30 6.32
CA PRO A 65 -2.86 -20.25 6.49
C PRO A 65 -2.79 -21.34 5.43
N ASP A 66 -3.84 -21.49 4.63
CA ASP A 66 -3.84 -22.49 3.56
C ASP A 66 -3.34 -21.90 2.24
N ARG A 67 -2.74 -20.71 2.32
CA ARG A 67 -2.11 -20.07 1.17
C ARG A 67 -0.85 -19.33 1.62
N SER A 68 0.04 -19.06 0.66
CA SER A 68 1.31 -18.41 0.96
C SER A 68 1.09 -17.03 1.53
N HIS A 69 2.08 -16.53 2.27
CA HIS A 69 2.03 -15.17 2.80
C HIS A 69 1.89 -14.19 1.65
N ALA A 70 0.88 -13.32 1.72
CA ALA A 70 0.73 -12.24 0.76
C ALA A 70 1.57 -11.05 1.21
N LYS A 71 1.99 -10.23 0.25
CA LYS A 71 2.71 -9.00 0.59
C LYS A 71 1.85 -8.16 1.52
N SER A 72 2.45 -7.71 2.61
CA SER A 72 1.70 -7.03 3.67
C SER A 72 1.09 -5.73 3.15
N ALA A 73 1.65 -5.19 2.08
CA ALA A 73 1.09 -3.99 1.45
C ALA A 73 -0.33 -4.25 0.98
N ARG A 74 -0.58 -5.45 0.48
CA ARG A 74 -1.90 -5.81 -0.02
C ARG A 74 -2.94 -5.85 1.10
N SER A 75 -2.51 -6.25 2.30
CA SER A 75 -3.41 -6.27 3.45
C SER A 75 -3.73 -4.85 3.90
N VAL A 76 -2.70 -4.01 3.98
CA VAL A 76 -2.88 -2.62 4.35
C VAL A 76 -3.81 -1.92 3.38
N ALA A 77 -3.56 -2.11 2.09
CA ALA A 77 -4.34 -1.46 1.04
C ALA A 77 -5.81 -1.91 1.09
N GLU A 78 -6.03 -3.19 1.32
CA GLU A 78 -7.39 -3.73 1.39
C GLU A 78 -8.14 -3.20 2.60
N THR A 79 -7.44 -3.07 3.73
CA THR A 79 -8.03 -2.51 4.94
C THR A 79 -8.35 -1.04 4.72
N MET A 80 -7.37 -0.33 4.19
CA MET A 80 -7.46 1.10 3.94
C MET A 80 -8.57 1.44 2.95
N GLY A 81 -8.69 0.62 1.91
CA GLY A 81 -9.57 0.93 0.79
C GLY A 81 -11.03 0.56 0.96
N ASN A 82 -11.34 -0.25 1.97
CA ASN A 82 -12.69 -0.78 2.14
C ASN A 82 -13.29 -0.60 3.54
N TYR A 83 -12.46 -0.52 4.56
CA TYR A 83 -12.95 -0.59 5.94
C TYR A 83 -12.41 0.52 6.84
N HIS A 84 -11.11 0.79 6.75
CA HIS A 84 -10.45 1.71 7.67
C HIS A 84 -10.01 2.98 6.94
N PRO A 85 -10.80 4.07 7.05
CA PRO A 85 -10.49 5.29 6.29
C PRO A 85 -9.36 6.10 6.92
N HIS A 86 -8.16 5.54 6.94
CA HIS A 86 -7.01 6.21 7.54
C HIS A 86 -5.73 5.91 6.76
N GLY A 87 -4.58 6.23 7.35
CA GLY A 87 -3.31 6.19 6.65
C GLY A 87 -2.64 4.82 6.60
N ASP A 88 -1.92 4.56 5.51
CA ASP A 88 -1.22 3.30 5.31
C ASP A 88 -0.14 3.07 6.36
N SER A 89 0.51 4.14 6.80
CA SER A 89 1.62 4.03 7.71
C SER A 89 1.21 3.44 9.06
N SER A 90 0.23 4.06 9.70
CA SER A 90 -0.17 3.63 11.04
C SER A 90 -0.92 2.31 11.01
N ILE A 91 -1.62 2.03 9.92
CA ILE A 91 -2.32 0.76 9.77
C ILE A 91 -1.31 -0.38 9.71
N TYR A 92 -0.20 -0.14 9.01
CA TYR A 92 0.86 -1.14 8.94
C TYR A 92 1.45 -1.40 10.32
N ASP A 93 1.58 -0.34 11.12
CA ASP A 93 2.09 -0.47 12.48
C ASP A 93 1.20 -1.39 13.32
N SER A 94 -0.11 -1.28 13.10
CA SER A 94 -1.06 -2.11 13.84
C SER A 94 -1.01 -3.56 13.39
N LEU A 95 -0.83 -3.77 12.10
CA LEU A 95 -0.73 -5.12 11.55
C LEU A 95 0.55 -5.78 12.08
N VAL A 96 1.63 -5.02 12.10
CA VAL A 96 2.92 -5.54 12.54
C VAL A 96 2.85 -6.00 13.99
N ARG A 97 2.27 -5.16 14.85
CA ARG A 97 2.22 -5.46 16.28
C ARG A 97 1.54 -6.81 16.50
N MET A 98 0.47 -7.07 15.75
CA MET A 98 -0.31 -8.30 15.92
C MET A 98 0.46 -9.55 15.46
N ALA A 99 1.67 -9.35 14.95
CA ALA A 99 2.49 -10.47 14.47
C ALA A 99 3.72 -10.71 15.34
N GLN A 100 3.93 -9.85 16.34
CA GLN A 100 5.09 -9.96 17.21
C GLN A 100 4.82 -10.87 18.42
N PRO A 101 5.62 -11.95 18.57
CA PRO A 101 5.38 -12.88 19.69
C PRO A 101 5.65 -12.30 21.07
N TRP A 102 6.34 -11.16 21.14
CA TRP A 102 6.63 -10.52 22.43
C TRP A 102 5.58 -9.45 22.76
N SER A 103 4.72 -9.15 21.79
CA SER A 103 3.63 -8.18 22.00
C SER A 103 2.32 -8.89 22.29
N LEU A 104 1.90 -9.78 21.39
CA LEU A 104 0.68 -10.57 21.60
C LEU A 104 1.01 -11.94 22.17
N ARG A 105 0.31 -12.30 23.24
CA ARG A 105 0.46 -13.62 23.85
C ARG A 105 0.07 -14.73 22.88
N TYR A 106 -0.90 -14.44 22.01
CA TYR A 106 -1.33 -15.36 20.97
C TYR A 106 -1.49 -14.57 19.67
N PRO A 107 -0.39 -14.44 18.90
CA PRO A 107 -0.38 -13.65 17.67
C PRO A 107 -1.52 -13.98 16.71
N LEU A 108 -2.11 -12.95 16.11
CA LEU A 108 -3.22 -13.11 15.17
C LEU A 108 -2.73 -12.99 13.72
N VAL A 109 -1.52 -12.46 13.55
CA VAL A 109 -0.93 -12.33 12.23
C VAL A 109 0.35 -13.15 12.13
N ASP A 110 0.44 -13.96 11.08
CA ASP A 110 1.65 -14.70 10.77
C ASP A 110 2.53 -13.86 9.84
N GLY A 111 3.56 -13.24 10.41
CA GLY A 111 4.45 -12.39 9.65
C GLY A 111 5.62 -13.16 9.07
N GLN A 112 6.01 -12.79 7.85
CA GLN A 112 7.21 -13.35 7.22
C GLN A 112 8.17 -12.23 6.88
N GLY A 113 9.31 -12.22 7.54
CA GLY A 113 10.34 -11.22 7.33
C GLY A 113 10.76 -10.55 8.62
N ASN A 114 11.25 -9.32 8.50
CA ASN A 114 11.69 -8.56 9.65
C ASN A 114 10.56 -7.75 10.26
N PHE A 115 10.06 -8.21 11.41
CA PHE A 115 8.99 -7.52 12.13
C PHE A 115 9.51 -6.89 13.42
N GLY A 116 10.81 -6.63 13.45
CA GLY A 116 11.42 -5.92 14.57
C GLY A 116 11.92 -6.86 15.67
N SER A 117 12.20 -6.28 16.83
CA SER A 117 12.66 -7.05 17.98
C SER A 117 12.13 -6.44 19.28
N PRO A 118 12.29 -7.14 20.41
CA PRO A 118 11.86 -6.58 21.69
C PRO A 118 12.65 -5.34 22.09
N GLY A 119 13.73 -5.04 21.35
CA GLY A 119 14.54 -3.87 21.60
C GLY A 119 14.17 -2.71 20.71
N ASN A 120 15.17 -1.92 20.33
CA ASN A 120 14.96 -0.72 19.52
C ASN A 120 15.12 -0.98 18.01
N ASP A 121 15.31 -2.24 17.63
CA ASP A 121 15.38 -2.58 16.21
C ASP A 121 13.99 -2.46 15.58
N PRO A 122 13.80 -1.46 14.70
CA PRO A 122 12.46 -1.24 14.15
C PRO A 122 12.06 -2.31 13.13
N PRO A 123 10.75 -2.49 12.92
CA PRO A 123 10.32 -3.45 11.89
C PRO A 123 10.70 -2.98 10.49
N ALA A 124 10.84 -3.91 9.56
CA ALA A 124 11.08 -3.55 8.16
C ALA A 124 9.85 -2.85 7.62
N ALA A 125 10.03 -2.06 6.57
CA ALA A 125 8.90 -1.36 5.97
C ALA A 125 7.98 -2.34 5.26
N MET A 126 6.75 -1.90 5.04
CA MET A 126 5.70 -2.66 4.35
C MET A 126 6.28 -3.44 3.16
N ARG A 127 7.09 -2.73 2.39
CA ARG A 127 7.77 -3.28 1.22
CA ARG A 127 7.77 -3.29 1.21
C ARG A 127 8.38 -4.68 1.40
N PTR A 128 9.06 -4.91 2.52
CA PTR A 128 9.90 -6.09 2.67
C PTR A 128 9.19 -7.25 3.31
O PTR A 128 9.71 -8.38 3.29
CB PTR A 128 11.09 -5.82 3.60
CG PTR A 128 11.97 -4.73 3.05
CD1 PTR A 128 12.85 -4.99 2.00
CD2 PTR A 128 11.90 -3.46 3.61
CE1 PTR A 128 13.66 -3.96 1.51
CE2 PTR A 128 12.70 -2.45 3.13
CZ PTR A 128 13.58 -2.69 2.08
OH PTR A 128 14.37 -1.67 1.61
P PTR A 128 15.38 -0.95 2.63
O1P PTR A 128 16.31 -0.17 1.73
O2P PTR A 128 16.03 -2.10 3.36
O3P PTR A 128 14.48 -0.10 3.49
HA PTR A 128 10.25 -6.37 1.81
HB2 PTR A 128 10.76 -5.53 4.47
HB3 PTR A 128 11.61 -6.62 3.69
HD1 PTR A 128 12.91 -5.83 1.63
HD2 PTR A 128 11.31 -3.30 4.31
HE1 PTR A 128 14.25 -4.12 0.82
HE2 PTR A 128 12.65 -1.60 3.50
N THR A 129 8.02 -7.00 3.88
CA THR A 129 7.37 -8.01 4.69
C THR A 129 6.14 -8.62 4.02
N GLU A 130 5.84 -9.85 4.40
CA GLU A 130 4.64 -10.54 3.95
C GLU A 130 3.83 -10.94 5.19
N ALA A 131 2.55 -11.24 5.00
CA ALA A 131 1.69 -11.54 6.13
C ALA A 131 0.46 -12.35 5.74
N ARG A 132 -0.02 -13.13 6.70
CA ARG A 132 -1.26 -13.86 6.56
C ARG A 132 -1.82 -14.09 7.95
N LEU A 133 -3.05 -14.59 8.04
CA LEU A 133 -3.68 -14.85 9.31
C LEU A 133 -3.07 -16.10 9.95
N THR A 134 -3.08 -16.14 11.29
CA THR A 134 -2.66 -17.32 12.02
C THR A 134 -3.84 -18.26 12.20
N PRO A 135 -3.58 -19.54 12.52
CA PRO A 135 -4.67 -20.49 12.78
C PRO A 135 -5.64 -20.02 13.87
N LEU A 136 -5.14 -19.35 14.90
CA LEU A 136 -5.99 -18.84 15.97
C LEU A 136 -6.85 -17.67 15.51
N ALA A 137 -6.31 -16.86 14.59
CA ALA A 137 -7.06 -15.76 14.02
C ALA A 137 -8.19 -16.32 13.16
N MET A 138 -7.99 -17.53 12.66
CA MET A 138 -9.00 -18.21 11.86
C MET A 138 -10.16 -18.62 12.75
N GLU A 139 -9.87 -18.78 14.04
CA GLU A 139 -10.91 -19.10 15.02
C GLU A 139 -11.65 -17.82 15.43
N MET A 140 -10.97 -16.67 15.33
CA MET A 140 -11.62 -15.39 15.57
C MET A 140 -12.72 -15.15 14.55
N LEU A 141 -12.48 -15.61 13.32
CA LEU A 141 -13.35 -15.34 12.19
C LEU A 141 -14.20 -16.56 11.80
N ARG A 142 -14.15 -17.60 12.63
CA ARG A 142 -14.84 -18.86 12.33
C ARG A 142 -16.34 -18.67 12.07
N GLU A 143 -16.77 -19.06 10.87
CA GLU A 143 -18.18 -19.08 10.52
C GLU A 143 -18.81 -17.69 10.57
N ILE A 144 -18.00 -16.67 10.29
CA ILE A 144 -18.49 -15.30 10.25
C ILE A 144 -19.43 -15.09 9.06
N ASP A 145 -19.36 -16.01 8.09
CA ASP A 145 -20.17 -15.92 6.89
C ASP A 145 -21.52 -16.64 7.05
N GLU A 146 -21.82 -17.08 8.26
CA GLU A 146 -23.07 -17.77 8.55
C GLU A 146 -23.97 -16.92 9.44
N GLU A 147 -23.91 -15.60 9.24
CA GLU A 147 -24.76 -14.65 9.94
C GLU A 147 -24.63 -14.78 11.46
N THR A 148 -23.41 -15.04 11.91
CA THR A 148 -23.14 -15.20 13.33
C THR A 148 -22.96 -13.86 14.04
N VAL A 149 -22.74 -12.80 13.25
CA VAL A 149 -22.57 -11.46 13.81
C VAL A 149 -23.23 -10.40 12.92
N ASP A 150 -23.57 -9.27 13.52
CA ASP A 150 -24.17 -8.17 12.77
C ASP A 150 -23.15 -7.49 11.88
N PHE A 151 -23.57 -7.19 10.65
CA PHE A 151 -22.77 -6.44 9.70
C PHE A 151 -23.39 -5.08 9.45
N ILE A 152 -22.54 -4.08 9.23
CA ILE A 152 -23.00 -2.74 8.90
C ILE A 152 -22.27 -2.22 7.67
N PRO A 153 -22.86 -1.22 6.99
CA PRO A 153 -22.16 -0.64 5.83
C PRO A 153 -20.83 0.00 6.23
N ASN A 154 -19.85 -0.05 5.33
CA ASN A 154 -18.55 0.53 5.61
C ASN A 154 -18.62 2.06 5.57
N TYR A 155 -17.46 2.71 5.49
CA TYR A 155 -17.39 4.16 5.65
C TYR A 155 -17.97 4.92 4.46
N ASP A 156 -18.22 4.23 3.36
CA ASP A 156 -18.82 4.86 2.18
C ASP A 156 -19.96 4.03 1.58
N GLY A 157 -20.47 3.08 2.36
CA GLY A 157 -21.66 2.33 1.97
C GLY A 157 -21.48 1.44 0.75
N ARG A 158 -20.23 1.23 0.35
CA ARG A 158 -19.93 0.37 -0.80
C ARG A 158 -20.02 -1.11 -0.42
N VAL A 159 -19.58 -1.44 0.79
CA VAL A 159 -19.55 -2.82 1.25
C VAL A 159 -19.92 -2.94 2.72
N GLN A 160 -20.12 -4.18 3.17
CA GLN A 160 -20.47 -4.45 4.56
C GLN A 160 -19.21 -4.84 5.36
N GLU A 161 -19.19 -4.49 6.64
CA GLU A 161 -18.14 -4.93 7.55
C GLU A 161 -18.75 -5.44 8.85
N PRO A 162 -18.07 -6.38 9.52
CA PRO A 162 -18.60 -6.93 10.76
C PRO A 162 -18.46 -5.97 11.95
N THR A 163 -19.49 -5.89 12.79
CA THR A 163 -19.45 -5.07 13.99
C THR A 163 -18.58 -5.74 15.05
N VAL A 164 -18.57 -7.07 15.04
CA VAL A 164 -17.78 -7.85 15.98
C VAL A 164 -17.47 -9.21 15.35
N LEU A 165 -16.37 -9.83 15.77
CA LEU A 165 -16.01 -11.15 15.24
C LEU A 165 -16.58 -12.26 16.13
N PRO A 166 -16.80 -13.45 15.54
CA PRO A 166 -17.26 -14.61 16.32
C PRO A 166 -16.38 -14.90 17.53
N SER A 167 -15.07 -14.75 17.36
CA SER A 167 -14.12 -14.86 18.48
C SER A 167 -14.32 -16.16 19.25
N ARG A 168 -13.96 -17.28 18.64
CA ARG A 168 -14.21 -18.59 19.24
C ARG A 168 -13.17 -18.98 20.29
N PHE A 169 -12.43 -17.98 20.77
CA PHE A 169 -11.63 -18.13 21.98
C PHE A 169 -11.56 -16.77 22.65
N PRO A 170 -11.58 -16.73 24.00
CA PRO A 170 -11.67 -15.47 24.73
C PRO A 170 -10.46 -14.57 24.50
N ASN A 171 -10.50 -13.82 23.40
CA ASN A 171 -9.35 -13.05 22.94
C ASN A 171 -9.00 -11.85 23.80
N LEU A 172 -9.99 -11.19 24.37
CA LEU A 172 -9.75 -10.01 25.19
C LEU A 172 -8.85 -10.34 26.37
N LEU A 173 -9.22 -11.40 27.10
CA LEU A 173 -8.46 -11.84 28.26
C LEU A 173 -7.16 -12.51 27.83
N ALA A 174 -7.20 -13.22 26.71
CA ALA A 174 -6.05 -13.98 26.24
C ALA A 174 -4.91 -13.06 25.82
N ASN A 175 -5.19 -12.14 24.90
CA ASN A 175 -4.16 -11.26 24.35
C ASN A 175 -4.09 -9.92 25.08
N GLY A 176 -5.10 -9.64 25.91
CA GLY A 176 -5.11 -8.40 26.66
C GLY A 176 -5.31 -7.20 25.76
N SER A 177 -5.18 -6.00 26.34
CA SER A 177 -5.36 -4.78 25.59
C SER A 177 -4.87 -3.58 26.39
N GLY A 178 -4.25 -2.63 25.69
CA GLY A 178 -3.84 -1.37 26.28
C GLY A 178 -4.21 -0.25 25.33
N GLY A 179 -4.84 0.79 25.86
CA GLY A 179 -5.30 1.88 25.02
C GLY A 179 -5.56 3.16 25.79
N ILE A 180 -5.11 4.26 25.22
CA ILE A 180 -5.32 5.59 25.78
C ILE A 180 -6.44 6.30 25.02
N ALA A 181 -7.54 6.58 25.71
CA ALA A 181 -8.68 7.26 25.12
C ALA A 181 -8.76 8.69 25.66
N VAL A 182 -9.97 9.21 25.81
CA VAL A 182 -10.17 10.52 26.40
C VAL A 182 -10.95 10.37 27.71
N GLY A 183 -10.42 10.94 28.78
CA GLY A 183 -11.04 10.82 30.09
C GLY A 183 -10.85 9.47 30.73
N MET A 184 -10.27 8.51 30.00
CA MET A 184 -10.06 7.17 30.51
C MET A 184 -9.08 6.38 29.64
N ALA A 185 -8.60 5.27 30.17
CA ALA A 185 -7.69 4.39 29.45
C ALA A 185 -7.84 2.96 29.94
N THR A 186 -7.44 2.01 29.12
CA THR A 186 -7.54 0.59 29.47
C THR A 186 -6.16 -0.04 29.55
N ASN A 187 -6.04 -1.10 30.34
CA ASN A 187 -4.81 -1.86 30.44
C ASN A 187 -5.08 -3.26 30.96
N ILE A 188 -5.54 -4.14 30.07
CA ILE A 188 -5.83 -5.52 30.42
C ILE A 188 -4.65 -6.42 30.06
N PRO A 189 -4.13 -7.19 31.04
CA PRO A 189 -3.00 -8.07 30.72
C PRO A 189 -3.42 -9.33 29.99
N PRO A 190 -2.49 -9.99 29.28
CA PRO A 190 -2.80 -11.25 28.61
C PRO A 190 -2.87 -12.41 29.60
N HIS A 191 -3.54 -13.50 29.21
CA HIS A 191 -3.71 -14.66 30.07
C HIS A 191 -3.46 -15.96 29.33
N ASN A 192 -3.25 -17.03 30.09
CA ASN A 192 -3.03 -18.35 29.54
C ASN A 192 -4.35 -18.96 29.04
N LEU A 193 -4.38 -19.35 27.78
CA LEU A 193 -5.61 -19.82 27.13
C LEU A 193 -6.23 -21.02 27.84
N ARG A 194 -5.40 -21.96 28.28
CA ARG A 194 -5.90 -23.17 28.95
C ARG A 194 -6.62 -22.83 30.25
N GLU A 195 -6.09 -21.85 30.98
CA GLU A 195 -6.70 -21.41 32.23
C GLU A 195 -8.02 -20.70 31.97
N LEU A 196 -8.05 -19.88 30.93
CA LEU A 196 -9.26 -19.16 30.56
C LEU A 196 -10.36 -20.15 30.15
N ALA A 197 -9.97 -21.21 29.47
CA ALA A 197 -10.93 -22.21 29.00
C ALA A 197 -11.61 -22.89 30.19
N ASP A 198 -10.82 -23.21 31.21
CA ASP A 198 -11.35 -23.82 32.43
C ASP A 198 -12.40 -22.91 33.07
N ALA A 199 -12.11 -21.61 33.08
CA ALA A 199 -13.05 -20.63 33.62
C ALA A 199 -14.34 -20.62 32.80
N VAL A 200 -14.19 -20.66 31.48
CA VAL A 200 -15.34 -20.69 30.58
C VAL A 200 -16.12 -21.98 30.76
N PHE A 201 -15.41 -23.09 30.91
CA PHE A 201 -16.04 -24.39 31.10
C PHE A 201 -16.88 -24.40 32.37
N TRP A 202 -16.38 -23.73 33.41
CA TRP A 202 -17.12 -23.65 34.67
C TRP A 202 -18.35 -22.76 34.52
N ALA A 203 -18.19 -21.65 33.82
CA ALA A 203 -19.29 -20.70 33.62
C ALA A 203 -20.42 -21.32 32.82
N LEU A 204 -20.08 -22.22 31.90
CA LEU A 204 -21.07 -22.93 31.10
C LEU A 204 -21.80 -23.98 31.92
N GLU A 205 -21.05 -24.69 32.76
CA GLU A 205 -21.64 -25.70 33.63
C GLU A 205 -22.50 -25.03 34.71
N ASN A 206 -21.93 -24.04 35.37
CA ASN A 206 -22.64 -23.28 36.40
C ASN A 206 -23.23 -22.00 35.83
N HIS A 207 -24.17 -22.15 34.89
CA HIS A 207 -24.74 -21.02 34.17
C HIS A 207 -25.74 -20.22 35.02
N ASP A 208 -26.17 -20.79 36.14
CA ASP A 208 -27.14 -20.12 37.02
C ASP A 208 -26.45 -19.51 38.24
N ALA A 209 -25.18 -19.82 38.44
CA ALA A 209 -24.44 -19.31 39.57
C ALA A 209 -24.44 -17.79 39.60
N ASP A 210 -24.51 -17.21 40.79
CA ASP A 210 -24.51 -15.78 40.95
C ASP A 210 -23.10 -15.22 40.83
N GLU A 211 -22.98 -13.90 40.82
CA GLU A 211 -21.71 -13.23 40.65
C GLU A 211 -20.72 -13.58 41.77
N GLU A 212 -21.26 -13.79 42.97
CA GLU A 212 -20.45 -14.06 44.15
C GLU A 212 -19.69 -15.37 43.97
N GLU A 213 -20.42 -16.39 43.54
CA GLU A 213 -19.87 -17.72 43.33
C GLU A 213 -18.98 -17.77 42.10
N THR A 214 -19.44 -17.15 41.03
CA THR A 214 -18.73 -17.16 39.74
C THR A 214 -17.34 -16.55 39.87
N LEU A 215 -17.27 -15.41 40.57
CA LEU A 215 -16.01 -14.72 40.75
C LEU A 215 -15.01 -15.59 41.52
N ALA A 216 -15.51 -16.32 42.50
CA ALA A 216 -14.66 -17.22 43.30
C ALA A 216 -14.13 -18.37 42.44
N ALA A 217 -15.00 -18.89 41.58
CA ALA A 217 -14.65 -20.04 40.74
C ALA A 217 -13.68 -19.65 39.64
N VAL A 218 -13.96 -18.53 38.98
CA VAL A 218 -13.13 -18.08 37.86
C VAL A 218 -11.74 -17.66 38.34
N MET A 219 -11.67 -17.09 39.53
CA MET A 219 -10.40 -16.64 40.09
C MET A 219 -9.52 -17.81 40.49
N GLY A 220 -10.15 -18.92 40.85
CA GLY A 220 -9.42 -20.14 41.20
C GLY A 220 -8.80 -20.81 39.99
N ARG A 221 -9.40 -20.59 38.82
CA ARG A 221 -8.94 -21.24 37.59
C ARG A 221 -8.01 -20.35 36.78
N VAL A 222 -8.30 -19.05 36.75
CA VAL A 222 -7.39 -18.08 36.15
C VAL A 222 -6.41 -17.63 37.22
N LYS A 223 -5.24 -18.26 37.25
CA LYS A 223 -4.28 -18.04 38.32
C LYS A 223 -3.64 -16.66 38.26
N GLY A 224 -3.70 -16.03 37.10
CA GLY A 224 -3.13 -14.71 36.92
C GLY A 224 -2.73 -14.46 35.49
N PRO A 225 -2.20 -13.26 35.20
CA PRO A 225 -1.75 -12.96 33.84
C PRO A 225 -0.66 -13.91 33.36
N ASP A 226 -0.62 -14.15 32.06
CA ASP A 226 0.42 -14.96 31.45
C ASP A 226 1.03 -14.17 30.30
N PHE A 227 2.16 -13.54 30.56
CA PHE A 227 2.80 -12.65 29.59
C PHE A 227 3.59 -13.42 28.55
N PRO A 228 3.59 -12.94 27.29
CA PRO A 228 4.38 -13.59 26.25
C PRO A 228 5.87 -13.55 26.52
N THR A 229 6.29 -12.61 27.37
CA THR A 229 7.70 -12.42 27.68
C THR A 229 8.13 -13.22 28.92
N ALA A 230 7.29 -14.17 29.32
CA ALA A 230 7.56 -15.02 30.48
C ALA A 230 7.73 -14.18 31.75
N GLY A 231 8.90 -14.28 32.40
CA GLY A 231 9.16 -13.52 33.61
C GLY A 231 8.48 -14.09 34.83
N LEU A 232 8.38 -13.27 35.88
CA LEU A 232 7.78 -13.68 37.15
C LEU A 232 6.68 -12.74 37.60
N ILE A 233 5.73 -13.27 38.36
CA ILE A 233 4.75 -12.46 39.08
C ILE A 233 4.96 -12.66 40.58
N VAL A 234 5.27 -11.56 41.27
CA VAL A 234 5.51 -11.60 42.71
C VAL A 234 4.29 -11.09 43.46
N GLY A 235 3.79 -11.89 44.39
CA GLY A 235 2.63 -11.54 45.19
C GLY A 235 1.33 -11.97 44.53
N SER A 236 0.24 -11.85 45.27
CA SER A 236 -1.08 -12.28 44.81
C SER A 236 -2.15 -11.20 45.01
N GLN A 237 -1.80 -10.17 45.77
CA GLN A 237 -2.75 -9.11 46.10
C GLN A 237 -3.19 -8.32 44.87
N GLY A 238 -2.22 -7.88 44.08
CA GLY A 238 -2.50 -7.09 42.89
C GLY A 238 -3.39 -7.83 41.90
N THR A 239 -3.11 -9.10 41.69
CA THR A 239 -3.90 -9.95 40.81
C THR A 239 -5.34 -10.04 41.31
N ALA A 240 -5.49 -10.32 42.60
CA ALA A 240 -6.79 -10.43 43.22
C ALA A 240 -7.59 -9.13 43.11
N ASP A 241 -6.91 -8.01 43.33
CA ASP A 241 -7.55 -6.70 43.23
C ASP A 241 -8.11 -6.47 41.82
N ALA A 242 -7.30 -6.80 40.81
CA ALA A 242 -7.69 -6.59 39.43
C ALA A 242 -8.95 -7.37 39.05
N TYR A 243 -9.09 -8.58 39.60
CA TYR A 243 -10.21 -9.46 39.27
C TYR A 243 -11.48 -9.11 40.06
N LYS A 244 -11.32 -8.54 41.24
CA LYS A 244 -12.45 -8.20 42.11
C LYS A 244 -12.88 -6.74 41.96
N THR A 245 -11.92 -5.88 41.60
CA THR A 245 -12.17 -4.43 41.52
C THR A 245 -12.20 -3.96 40.08
N GLY A 246 -11.36 -4.56 39.25
CA GLY A 246 -11.15 -4.08 37.90
C GLY A 246 -9.93 -3.18 37.84
N ARG A 247 -9.28 -3.00 39.00
CA ARG A 247 -8.07 -2.19 39.07
C ARG A 247 -7.08 -2.91 39.99
N GLY A 248 -5.81 -2.96 39.61
CA GLY A 248 -4.81 -3.61 40.44
C GLY A 248 -3.39 -3.44 39.94
N SER A 249 -2.44 -3.44 40.87
CA SER A 249 -1.03 -3.29 40.54
C SER A 249 -0.28 -4.61 40.69
N ILE A 250 0.02 -5.24 39.55
CA ILE A 250 0.67 -6.55 39.54
C ILE A 250 2.19 -6.39 39.38
N ARG A 251 2.94 -6.88 40.36
CA ARG A 251 4.39 -6.78 40.37
C ARG A 251 5.03 -7.86 39.51
N MET A 252 5.80 -7.43 38.50
CA MET A 252 6.50 -8.35 37.61
C MET A 252 8.00 -8.35 37.89
N ARG A 253 8.65 -9.44 37.52
CA ARG A 253 10.12 -9.55 37.61
C ARG A 253 10.67 -10.37 36.46
N GLY A 254 11.90 -10.05 36.07
CA GLY A 254 12.62 -10.86 35.11
C GLY A 254 13.23 -12.05 35.83
N VAL A 255 14.03 -12.84 35.11
CA VAL A 255 14.72 -13.99 35.69
C VAL A 255 16.22 -13.71 35.75
N VAL A 256 16.79 -13.90 36.93
CA VAL A 256 18.22 -13.67 37.15
C VAL A 256 18.88 -14.95 37.67
N GLU A 257 20.01 -15.31 37.05
CA GLU A 257 20.75 -16.50 37.44
C GLU A 257 22.21 -16.12 37.73
N VAL A 258 22.63 -16.37 38.96
CA VAL A 258 23.99 -16.04 39.38
C VAL A 258 24.97 -17.14 38.95
N GLU A 259 25.97 -16.74 38.17
CA GLU A 259 27.01 -17.67 37.72
C GLU A 259 28.35 -17.32 38.34
N GLU A 260 29.17 -18.34 38.61
CA GLU A 260 30.51 -18.13 39.14
C GLU A 260 31.55 -18.55 38.10
N ASP A 261 32.65 -17.80 38.04
CA ASP A 261 33.72 -18.09 37.09
C ASP A 261 34.93 -18.69 37.80
N SER A 262 35.92 -19.11 37.02
CA SER A 262 37.13 -19.70 37.57
C SER A 262 37.97 -18.65 38.28
N ARG A 263 37.72 -17.38 37.96
CA ARG A 263 38.53 -16.29 38.51
C ARG A 263 38.05 -15.85 39.89
N GLY A 264 36.79 -16.15 40.20
CA GLY A 264 36.20 -15.76 41.47
C GLY A 264 35.14 -14.70 41.28
N ARG A 265 35.10 -14.12 40.08
CA ARG A 265 34.11 -13.12 39.76
C ARG A 265 32.78 -13.78 39.55
N THR A 266 31.77 -13.21 40.17
CA THR A 266 30.43 -13.65 39.95
C THR A 266 29.76 -12.69 39.01
N SER A 267 28.82 -13.20 38.27
CA SER A 267 28.06 -12.37 37.34
C SER A 267 26.59 -12.76 37.33
N LEU A 268 25.74 -11.76 37.14
CA LEU A 268 24.31 -11.96 37.07
C LEU A 268 23.91 -12.09 35.60
N VAL A 269 23.12 -13.11 35.31
CA VAL A 269 22.67 -13.37 33.94
C VAL A 269 21.15 -13.21 33.85
N ILE A 270 20.71 -12.16 33.17
CA ILE A 270 19.29 -11.89 32.98
C ILE A 270 18.83 -12.52 31.67
N THR A 271 17.92 -13.49 31.77
CA THR A 271 17.44 -14.23 30.61
C THR A 271 15.98 -13.90 30.27
N GLU A 272 15.32 -13.17 31.16
CA GLU A 272 13.93 -12.77 30.95
C GLU A 272 13.70 -11.39 31.54
N LEU A 273 12.77 -10.64 30.95
CA LEU A 273 12.37 -9.34 31.48
C LEU A 273 10.85 -9.26 31.57
N PRO A 274 10.34 -8.38 32.45
CA PRO A 274 8.89 -8.25 32.55
C PRO A 274 8.26 -7.69 31.27
N TYR A 275 6.93 -7.79 31.20
CA TYR A 275 6.17 -7.43 30.01
C TYR A 275 6.41 -5.97 29.58
N GLN A 276 6.60 -5.78 28.29
CA GLN A 276 6.72 -4.45 27.70
C GLN A 276 7.92 -3.67 28.22
N VAL A 277 9.02 -4.37 28.49
CA VAL A 277 10.28 -3.72 28.83
C VAL A 277 11.26 -3.85 27.67
N ASN A 278 11.63 -2.71 27.10
CA ASN A 278 12.54 -2.67 25.96
C ASN A 278 13.94 -3.14 26.38
N HIS A 279 14.44 -4.16 25.68
CA HIS A 279 15.72 -4.77 26.00
C HIS A 279 16.86 -3.76 25.95
N ASP A 280 16.84 -2.90 24.94
CA ASP A 280 17.91 -1.92 24.75
C ASP A 280 17.82 -0.80 25.78
N ASN A 281 16.61 -0.32 26.06
CA ASN A 281 16.41 0.72 27.06
C ASN A 281 16.82 0.21 28.44
N PHE A 282 16.62 -1.08 28.66
CA PHE A 282 16.97 -1.71 29.92
C PHE A 282 18.49 -1.72 30.13
N ILE A 283 19.23 -2.12 29.10
CA ILE A 283 20.68 -2.15 29.18
C ILE A 283 21.23 -0.73 29.32
N THR A 284 20.64 0.20 28.59
CA THR A 284 21.10 1.58 28.62
C THR A 284 20.85 2.19 29.99
N SER A 285 19.74 1.82 30.62
CA SER A 285 19.41 2.36 31.93
C SER A 285 20.41 1.92 32.98
N ILE A 286 20.81 0.65 32.93
CA ILE A 286 21.79 0.12 33.87
C ILE A 286 23.14 0.76 33.61
N ALA A 287 23.48 0.94 32.34
CA ALA A 287 24.77 1.49 31.95
C ALA A 287 24.90 2.95 32.38
N GLU A 288 23.81 3.69 32.25
CA GLU A 288 23.80 5.11 32.59
C GLU A 288 23.74 5.34 34.10
N GLN A 289 23.19 4.36 34.82
CA GLN A 289 23.11 4.44 36.28
C GLN A 289 24.49 4.22 36.88
N VAL A 290 25.34 3.51 36.16
CA VAL A 290 26.71 3.26 36.60
C VAL A 290 27.60 4.45 36.29
N ARG A 291 27.46 4.98 35.08
CA ARG A 291 28.23 6.14 34.66
C ARG A 291 28.20 7.20 35.75
N ASP A 292 27.00 7.62 36.13
CA ASP A 292 26.83 8.59 37.19
C ASP A 292 27.18 7.95 38.54
N GLY A 293 27.03 6.64 38.61
CA GLY A 293 27.36 5.89 39.81
C GLY A 293 26.19 5.81 40.79
N LYS A 294 25.22 4.96 40.48
CA LYS A 294 24.08 4.77 41.36
C LYS A 294 23.82 3.28 41.57
N LEU A 295 24.61 2.45 40.89
CA LEU A 295 24.55 1.00 41.05
C LEU A 295 25.95 0.43 41.24
N ALA A 296 26.61 0.85 42.31
CA ALA A 296 27.94 0.33 42.61
C ALA A 296 27.86 -1.18 42.84
N GLY A 297 29.01 -1.84 42.80
CA GLY A 297 29.06 -3.28 42.90
C GLY A 297 29.11 -3.93 41.54
N ILE A 298 28.58 -3.22 40.53
CA ILE A 298 28.66 -3.69 39.16
C ILE A 298 30.03 -3.36 38.57
N SER A 299 30.62 -4.33 37.89
CA SER A 299 31.94 -4.17 37.29
C SER A 299 31.87 -4.02 35.78
N ASN A 300 30.96 -4.76 35.16
CA ASN A 300 30.85 -4.78 33.71
C ASN A 300 29.50 -5.26 33.22
N ILE A 301 29.01 -4.65 32.15
CA ILE A 301 27.74 -5.02 31.53
C ILE A 301 27.99 -5.49 30.11
N GLU A 302 27.58 -6.71 29.80
CA GLU A 302 27.78 -7.29 28.48
C GLU A 302 26.52 -7.95 27.96
N ASP A 303 26.11 -7.57 26.75
CA ASP A 303 24.95 -8.15 26.11
C ASP A 303 25.37 -9.32 25.23
N GLN A 304 25.20 -10.52 25.76
CA GLN A 304 25.56 -11.74 25.04
C GLN A 304 24.34 -12.35 24.37
N SER A 305 23.34 -11.51 24.08
CA SER A 305 22.12 -11.99 23.46
C SER A 305 22.36 -12.35 22.00
N SER A 306 21.58 -13.30 21.51
CA SER A 306 21.61 -13.67 20.10
C SER A 306 20.30 -14.33 19.71
N ASP A 307 20.08 -14.51 18.42
CA ASP A 307 18.88 -15.15 17.91
C ASP A 307 18.77 -16.60 18.36
N ARG A 308 19.87 -17.17 18.82
CA ARG A 308 19.95 -18.60 19.13
C ARG A 308 19.86 -18.92 20.63
N VAL A 309 20.22 -17.98 21.48
CA VAL A 309 20.15 -18.18 22.93
C VAL A 309 19.10 -17.28 23.57
N GLY A 310 18.54 -16.37 22.79
CA GLY A 310 17.56 -15.42 23.29
C GLY A 310 18.21 -14.34 24.13
N LEU A 311 17.43 -13.74 25.01
CA LEU A 311 17.94 -12.70 25.89
C LEU A 311 19.00 -13.24 26.85
N ARG A 312 20.11 -12.53 26.95
CA ARG A 312 21.21 -12.93 27.84
C ARG A 312 22.09 -11.73 28.17
N ILE A 313 21.71 -11.00 29.21
CA ILE A 313 22.46 -9.85 29.67
C ILE A 313 23.33 -10.22 30.88
N VAL A 314 24.64 -10.29 30.67
CA VAL A 314 25.57 -10.67 31.71
C VAL A 314 26.10 -9.45 32.46
N ILE A 315 25.83 -9.41 33.77
CA ILE A 315 26.29 -8.31 34.63
C ILE A 315 27.31 -8.82 35.64
N GLU A 316 28.59 -8.62 35.31
CA GLU A 316 29.67 -8.98 36.21
C GLU A 316 29.74 -7.97 37.36
N ILE A 317 29.85 -8.48 38.59
CA ILE A 317 29.88 -7.62 39.77
C ILE A 317 31.26 -7.69 40.43
N LYS A 318 31.58 -6.66 41.22
CA LYS A 318 32.88 -6.61 41.90
C LYS A 318 32.95 -7.68 42.96
N ARG A 319 34.17 -8.06 43.37
CA ARG A 319 34.34 -9.13 44.36
C ARG A 319 33.94 -8.72 45.77
N ASP A 320 34.01 -7.43 46.07
CA ASP A 320 33.56 -6.94 47.38
C ASP A 320 32.09 -6.53 47.30
N ALA A 321 31.33 -7.28 46.53
CA ALA A 321 29.89 -7.02 46.34
C ALA A 321 29.10 -8.31 46.49
N VAL A 322 27.96 -8.22 47.17
CA VAL A 322 27.07 -9.36 47.33
C VAL A 322 26.06 -9.38 46.19
N ALA A 323 25.89 -10.55 45.58
CA ALA A 323 25.02 -10.70 44.41
C ALA A 323 23.59 -10.27 44.74
N LYS A 324 23.06 -10.75 45.86
CA LYS A 324 21.69 -10.48 46.25
C LYS A 324 21.45 -8.99 46.50
N VAL A 325 22.48 -8.31 46.99
CA VAL A 325 22.41 -6.87 47.20
C VAL A 325 22.30 -6.14 45.85
N VAL A 326 23.10 -6.59 44.89
CA VAL A 326 23.10 -5.99 43.56
C VAL A 326 21.78 -6.26 42.85
N ILE A 327 21.22 -7.45 43.04
CA ILE A 327 19.96 -7.81 42.41
C ILE A 327 18.82 -6.96 42.99
N ASN A 328 18.82 -6.76 44.30
CA ASN A 328 17.82 -5.90 44.94
C ASN A 328 17.96 -4.48 44.46
N ASN A 329 19.19 -4.04 44.24
CA ASN A 329 19.44 -2.70 43.71
C ASN A 329 18.92 -2.58 42.28
N LEU A 330 19.02 -3.67 41.52
CA LEU A 330 18.49 -3.69 40.16
C LEU A 330 16.96 -3.67 40.16
N TYR A 331 16.36 -4.37 41.11
CA TYR A 331 14.90 -4.37 41.25
C TYR A 331 14.38 -2.97 41.52
N LYS A 332 15.10 -2.24 42.36
CA LYS A 332 14.67 -0.91 42.79
C LYS A 332 14.86 0.16 41.71
N HIS A 333 16.03 0.16 41.08
CA HIS A 333 16.43 1.27 40.22
C HIS A 333 16.33 0.97 38.71
N THR A 334 15.80 -0.20 38.36
CA THR A 334 15.59 -0.55 36.96
C THR A 334 14.29 -1.31 36.77
N GLN A 335 13.92 -1.53 35.51
CA GLN A 335 12.69 -2.23 35.17
C GLN A 335 12.85 -3.74 35.21
N LEU A 336 13.94 -4.21 35.83
CA LEU A 336 14.09 -5.63 36.10
C LEU A 336 12.95 -6.07 37.02
N GLN A 337 12.50 -5.12 37.84
CA GLN A 337 11.25 -5.24 38.58
C GLN A 337 10.39 -4.02 38.27
N THR A 338 9.23 -4.26 37.68
CA THR A 338 8.30 -3.19 37.34
C THR A 338 6.86 -3.70 37.48
N SER A 339 5.94 -2.78 37.74
CA SER A 339 4.55 -3.14 37.99
C SER A 339 3.66 -2.94 36.77
N PHE A 340 2.70 -3.85 36.60
CA PHE A 340 1.69 -3.72 35.56
C PHE A 340 0.44 -3.09 36.14
N GLY A 341 0.14 -1.86 35.74
CA GLY A 341 -1.02 -1.15 36.22
C GLY A 341 -2.29 -1.60 35.54
N ALA A 342 -2.93 -2.63 36.10
CA ALA A 342 -4.13 -3.20 35.49
C ALA A 342 -5.34 -2.29 35.65
N ASN A 343 -6.07 -2.11 34.54
CA ASN A 343 -7.31 -1.35 34.53
C ASN A 343 -8.26 -2.01 33.53
N MET A 344 -9.10 -2.91 34.04
CA MET A 344 -9.90 -3.79 33.21
C MET A 344 -11.07 -3.04 32.57
N LEU A 345 -10.75 -2.12 31.65
CA LEU A 345 -11.75 -1.30 30.97
C LEU A 345 -12.04 -1.81 29.57
N ALA A 346 -13.31 -2.02 29.24
CA ALA A 346 -13.71 -2.47 27.93
C ALA A 346 -15.07 -1.89 27.53
N ILE A 347 -15.34 -1.89 26.22
CA ILE A 347 -16.62 -1.40 25.71
C ILE A 347 -17.66 -2.50 25.78
N VAL A 348 -18.72 -2.25 26.54
CA VAL A 348 -19.83 -3.19 26.68
C VAL A 348 -21.10 -2.56 26.15
N ASP A 349 -21.57 -3.09 25.02
CA ASP A 349 -22.79 -2.60 24.39
C ASP A 349 -22.68 -1.10 24.07
N GLY A 350 -21.50 -0.69 23.59
CA GLY A 350 -21.28 0.69 23.20
C GLY A 350 -21.02 1.61 24.37
N VAL A 351 -20.77 1.03 25.55
CA VAL A 351 -20.53 1.80 26.76
C VAL A 351 -19.23 1.34 27.43
N PRO A 352 -18.35 2.29 27.78
CA PRO A 352 -17.11 1.89 28.48
C PRO A 352 -17.40 1.43 29.89
N ARG A 353 -16.84 0.30 30.28
CA ARG A 353 -17.10 -0.26 31.61
C ARG A 353 -15.91 -0.99 32.19
N THR A 354 -15.64 -0.72 33.45
CA THR A 354 -14.65 -1.45 34.22
C THR A 354 -15.29 -2.72 34.76
N LEU A 355 -14.70 -3.87 34.47
CA LEU A 355 -15.34 -5.15 34.71
C LEU A 355 -14.54 -6.05 35.65
N ARG A 356 -15.26 -6.80 36.47
CA ARG A 356 -14.64 -7.85 37.28
C ARG A 356 -14.33 -9.02 36.36
N LEU A 357 -13.50 -9.94 36.83
CA LEU A 357 -13.10 -11.07 36.00
C LEU A 357 -14.31 -11.96 35.67
N ASP A 358 -15.27 -12.03 36.59
CA ASP A 358 -16.46 -12.84 36.35
C ASP A 358 -17.35 -12.22 35.29
N GLN A 359 -17.34 -10.90 35.21
CA GLN A 359 -18.13 -10.19 34.21
C GLN A 359 -17.51 -10.37 32.82
N LEU A 360 -16.18 -10.34 32.76
CA LEU A 360 -15.46 -10.51 31.51
C LEU A 360 -15.70 -11.90 30.92
N ILE A 361 -15.66 -12.93 31.76
CA ILE A 361 -15.93 -14.28 31.30
C ILE A 361 -17.39 -14.42 30.86
N ARG A 362 -18.31 -14.02 31.75
CA ARG A 362 -19.74 -14.12 31.47
C ARG A 362 -20.12 -13.45 30.15
N TYR A 363 -19.63 -12.23 29.94
CA TYR A 363 -19.95 -11.49 28.72
C TYR A 363 -19.43 -12.22 27.49
N TYR A 364 -18.27 -12.86 27.62
CA TYR A 364 -17.71 -13.62 26.51
C TYR A 364 -18.55 -14.87 26.24
N VAL A 365 -18.95 -15.55 27.32
CA VAL A 365 -19.77 -16.75 27.17
C VAL A 365 -21.09 -16.39 26.51
N ASP A 366 -21.68 -15.27 26.92
CA ASP A 366 -22.91 -14.78 26.33
C ASP A 366 -22.75 -14.59 24.83
N HIS A 367 -21.60 -14.06 24.43
CA HIS A 367 -21.30 -13.83 23.02
C HIS A 367 -21.22 -15.13 22.25
N GLN A 368 -20.58 -16.14 22.85
CA GLN A 368 -20.41 -17.44 22.20
C GLN A 368 -21.75 -18.14 22.01
N LEU A 369 -22.63 -18.02 22.99
CA LEU A 369 -23.96 -18.62 22.92
C LEU A 369 -24.78 -17.95 21.82
N ASP A 370 -24.68 -16.63 21.72
CA ASP A 370 -25.37 -15.90 20.67
C ASP A 370 -24.88 -16.36 19.30
N VAL A 371 -23.56 -16.49 19.16
CA VAL A 371 -22.95 -16.91 17.90
C VAL A 371 -23.47 -18.25 17.44
N ILE A 372 -23.58 -19.20 18.36
CA ILE A 372 -23.97 -20.56 18.01
C ILE A 372 -25.47 -20.69 17.76
N VAL A 373 -26.27 -19.90 18.46
CA VAL A 373 -27.71 -19.86 18.19
C VAL A 373 -27.94 -19.25 16.82
N ARG A 374 -27.22 -18.18 16.52
CA ARG A 374 -27.35 -17.51 15.23
C ARG A 374 -26.84 -18.40 14.11
N ARG A 375 -25.76 -19.13 14.37
CA ARG A 375 -25.23 -20.07 13.38
C ARG A 375 -26.23 -21.17 13.11
N THR A 376 -26.82 -21.69 14.19
CA THR A 376 -27.80 -22.76 14.08
C THR A 376 -29.03 -22.30 13.29
N THR A 377 -29.45 -21.06 13.54
CA THR A 377 -30.60 -20.50 12.85
C THR A 377 -30.32 -20.39 11.36
N TYR A 378 -29.12 -19.91 11.02
CA TYR A 378 -28.73 -19.76 9.63
C TYR A 378 -28.68 -21.12 8.93
N ARG A 379 -28.09 -22.10 9.60
CA ARG A 379 -27.95 -23.44 9.02
C ARG A 379 -29.31 -24.11 8.87
N LEU A 380 -30.23 -23.81 9.79
CA LEU A 380 -31.57 -24.37 9.72
C LEU A 380 -32.33 -23.77 8.55
N ARG A 381 -32.16 -22.48 8.32
CA ARG A 381 -32.84 -21.82 7.21
C ARG A 381 -32.32 -22.35 5.88
N LYS A 382 -31.00 -22.47 5.76
CA LYS A 382 -30.39 -22.99 4.53
C LYS A 382 -30.73 -24.47 4.34
N ALA A 383 -30.84 -25.20 5.43
CA ALA A 383 -31.18 -26.62 5.36
C ALA A 383 -32.61 -26.79 4.85
N ASN A 384 -33.49 -25.91 5.28
CA ASN A 384 -34.88 -25.94 4.84
C ASN A 384 -34.99 -25.60 3.36
N GLU A 385 -34.17 -24.65 2.91
CA GLU A 385 -34.15 -24.27 1.51
C GLU A 385 -33.62 -25.40 0.64
N ARG A 386 -32.55 -26.07 1.09
CA ARG A 386 -31.97 -27.16 0.32
C ARG A 386 -32.94 -28.35 0.30
N ALA A 387 -33.59 -28.61 1.44
CA ALA A 387 -34.56 -29.68 1.52
C ALA A 387 -35.77 -29.39 0.65
N HIS A 388 -36.19 -28.12 0.64
CA HIS A 388 -37.35 -27.70 -0.14
C HIS A 388 -37.14 -28.01 -1.62
N ILE A 389 -35.94 -27.73 -2.11
CA ILE A 389 -35.62 -27.97 -3.52
C ILE A 389 -35.50 -29.47 -3.79
N LEU A 390 -34.89 -30.21 -2.86
CA LEU A 390 -34.73 -31.65 -3.02
C LEU A 390 -36.07 -32.36 -3.11
N ARG A 391 -37.04 -31.89 -2.31
CA ARG A 391 -38.39 -32.46 -2.34
C ARG A 391 -38.96 -32.38 -3.75
N GLY A 392 -38.71 -31.27 -4.43
CA GLY A 392 -39.15 -31.09 -5.80
C GLY A 392 -38.45 -32.05 -6.75
N LEU A 393 -37.16 -32.27 -6.50
CA LEU A 393 -36.36 -33.17 -7.32
C LEU A 393 -36.84 -34.62 -7.22
N VAL A 394 -37.14 -35.06 -6.00
CA VAL A 394 -37.61 -36.42 -5.79
C VAL A 394 -38.94 -36.66 -6.50
N LYS A 395 -39.79 -35.63 -6.51
CA LYS A 395 -41.06 -35.70 -7.23
C LYS A 395 -40.83 -35.88 -8.72
N ALA A 396 -39.78 -35.24 -9.23
CA ALA A 396 -39.45 -35.32 -10.64
C ALA A 396 -38.96 -36.71 -11.00
N LEU A 397 -38.22 -37.33 -10.09
CA LEU A 397 -37.66 -38.65 -10.33
C LEU A 397 -38.74 -39.73 -10.33
N ASP A 398 -39.72 -39.59 -9.43
CA ASP A 398 -40.80 -40.56 -9.32
C ASP A 398 -41.69 -40.56 -10.58
N ALA A 399 -41.77 -39.41 -11.23
CA ALA A 399 -42.56 -39.25 -12.45
C ALA A 399 -41.67 -38.79 -13.61
N LEU A 400 -40.46 -39.34 -13.67
CA LEU A 400 -39.43 -38.88 -14.60
C LEU A 400 -39.84 -38.99 -16.07
N ASP A 401 -40.53 -40.07 -16.45
CA ASP A 401 -40.97 -40.25 -17.83
C ASP A 401 -41.80 -39.06 -18.32
N GLU A 402 -42.62 -38.52 -17.42
CA GLU A 402 -43.49 -37.40 -17.73
C GLU A 402 -42.74 -36.08 -17.79
N VAL A 403 -41.85 -35.86 -16.84
CA VAL A 403 -41.07 -34.62 -16.75
C VAL A 403 -40.42 -34.25 -18.08
N ILE A 404 -39.83 -35.23 -18.75
CA ILE A 404 -39.18 -34.99 -20.04
C ILE A 404 -40.17 -34.57 -21.12
N ALA A 405 -41.27 -35.30 -21.22
CA ALA A 405 -42.27 -35.05 -22.28
C ALA A 405 -42.82 -33.63 -22.25
N LEU A 406 -43.08 -33.12 -21.06
CA LEU A 406 -43.67 -31.80 -20.90
C LEU A 406 -42.74 -30.68 -21.36
N ILE A 407 -41.46 -30.81 -21.04
CA ILE A 407 -40.47 -29.79 -21.36
C ILE A 407 -40.28 -29.72 -22.87
N ARG A 408 -40.34 -30.88 -23.52
CA ARG A 408 -40.13 -30.97 -24.97
C ARG A 408 -41.14 -30.15 -25.77
N ALA A 409 -42.41 -30.28 -25.41
CA ALA A 409 -43.51 -29.67 -26.16
C ALA A 409 -43.66 -28.17 -25.92
N SER A 410 -42.82 -27.62 -25.05
CA SER A 410 -42.94 -26.21 -24.68
C SER A 410 -42.22 -25.27 -25.65
N GLU A 411 -42.91 -24.21 -26.05
CA GLU A 411 -42.33 -23.19 -26.93
C GLU A 411 -41.25 -22.42 -26.20
N THR A 412 -41.46 -22.21 -24.90
CA THR A 412 -40.48 -21.55 -24.05
C THR A 412 -40.13 -22.48 -22.89
N VAL A 413 -39.33 -21.97 -21.95
CA VAL A 413 -39.05 -22.71 -20.73
C VAL A 413 -40.13 -22.39 -19.69
N ASP A 414 -40.81 -21.28 -19.89
CA ASP A 414 -41.89 -20.86 -19.01
C ASP A 414 -43.10 -21.76 -19.19
N ILE A 415 -43.34 -22.16 -20.44
CA ILE A 415 -44.39 -23.11 -20.76
C ILE A 415 -44.05 -24.46 -20.13
N ALA A 416 -42.76 -24.80 -20.14
CA ALA A 416 -42.28 -26.03 -19.53
C ALA A 416 -42.37 -25.95 -18.01
N ARG A 417 -42.03 -24.78 -17.47
CA ARG A 417 -42.05 -24.57 -16.03
C ARG A 417 -43.47 -24.64 -15.47
N ALA A 418 -44.35 -23.83 -16.04
CA ALA A 418 -45.74 -23.74 -15.60
C ALA A 418 -46.42 -25.11 -15.55
N GLY A 419 -46.03 -25.98 -16.49
CA GLY A 419 -46.58 -27.32 -16.53
C GLY A 419 -46.06 -28.19 -15.40
N LEU A 420 -44.77 -28.08 -15.11
CA LEU A 420 -44.15 -28.86 -14.04
C LEU A 420 -44.86 -28.60 -12.71
N ILE A 421 -45.31 -27.37 -12.53
CA ILE A 421 -46.11 -27.00 -11.37
C ILE A 421 -47.41 -27.79 -11.36
N GLU A 422 -48.08 -27.84 -12.52
CA GLU A 422 -49.36 -28.53 -12.62
C GLU A 422 -49.20 -30.04 -12.44
N LEU A 423 -48.11 -30.59 -12.96
CA LEU A 423 -47.92 -32.04 -12.94
C LEU A 423 -47.58 -32.59 -11.56
N LEU A 424 -46.71 -31.88 -10.85
CA LEU A 424 -46.16 -32.36 -9.59
C LEU A 424 -46.59 -31.51 -8.39
N ASP A 425 -47.38 -30.47 -8.63
CA ASP A 425 -47.78 -29.54 -7.57
C ASP A 425 -46.54 -28.96 -6.91
N ILE A 426 -45.89 -28.02 -7.59
CA ILE A 426 -44.57 -27.54 -7.20
C ILE A 426 -44.51 -26.01 -7.17
N ASP A 427 -43.61 -25.50 -6.32
CA ASP A 427 -43.30 -24.07 -6.25
C ASP A 427 -42.65 -23.60 -7.55
N GLU A 428 -42.37 -22.30 -7.65
CA GLU A 428 -41.65 -21.79 -8.81
C GLU A 428 -40.14 -22.03 -8.65
N ILE A 429 -39.68 -22.04 -7.40
CA ILE A 429 -38.28 -22.28 -7.10
C ILE A 429 -37.87 -23.70 -7.43
N GLN A 430 -38.67 -24.66 -6.98
CA GLN A 430 -38.42 -26.07 -7.21
C GLN A 430 -38.46 -26.43 -8.69
N ALA A 431 -39.47 -25.94 -9.39
CA ALA A 431 -39.62 -26.20 -10.82
C ALA A 431 -38.41 -25.64 -11.56
N GLN A 432 -37.92 -24.50 -11.11
CA GLN A 432 -36.74 -23.88 -11.70
C GLN A 432 -35.51 -24.75 -11.45
N ALA A 433 -35.45 -25.35 -10.26
CA ALA A 433 -34.33 -26.21 -9.89
C ALA A 433 -34.34 -27.47 -10.75
N ILE A 434 -35.53 -27.97 -11.03
CA ILE A 434 -35.70 -29.12 -11.92
C ILE A 434 -35.22 -28.74 -13.32
N LEU A 435 -35.53 -27.52 -13.75
CA LEU A 435 -35.13 -27.02 -15.06
C LEU A 435 -33.61 -26.92 -15.18
N ASP A 436 -32.97 -26.45 -14.11
CA ASP A 436 -31.52 -26.25 -14.10
C ASP A 436 -30.78 -27.58 -13.94
N MET A 437 -31.52 -28.66 -13.76
CA MET A 437 -30.91 -29.97 -13.54
C MET A 437 -30.19 -30.45 -14.78
N GLN A 438 -29.01 -31.02 -14.58
CA GLN A 438 -28.21 -31.57 -15.67
C GLN A 438 -28.59 -33.04 -15.93
N LEU A 439 -28.32 -33.50 -17.15
CA LEU A 439 -28.54 -34.90 -17.50
C LEU A 439 -27.56 -35.79 -16.73
N ARG A 440 -26.52 -35.15 -16.18
CA ARG A 440 -25.53 -35.80 -15.34
C ARG A 440 -26.24 -36.62 -14.27
N ARG A 441 -27.20 -35.98 -13.60
CA ARG A 441 -27.86 -36.54 -12.42
C ARG A 441 -29.00 -37.53 -12.72
N LEU A 442 -29.21 -37.86 -13.98
CA LEU A 442 -30.23 -38.85 -14.34
C LEU A 442 -29.67 -40.27 -14.33
N ALA A 443 -28.37 -40.41 -14.04
CA ALA A 443 -27.74 -41.72 -13.89
C ALA A 443 -28.25 -42.38 -12.61
N ALA A 444 -28.15 -43.70 -12.55
CA ALA A 444 -28.71 -44.48 -11.44
C ALA A 444 -28.22 -44.02 -10.07
N LEU A 445 -26.91 -44.05 -9.85
CA LEU A 445 -26.35 -43.68 -8.56
C LEU A 445 -26.63 -42.21 -8.24
N GLU A 446 -26.77 -41.39 -9.27
CA GLU A 446 -27.02 -39.97 -9.08
C GLU A 446 -28.46 -39.73 -8.66
N ARG A 447 -29.38 -40.51 -9.21
CA ARG A 447 -30.77 -40.46 -8.80
C ARG A 447 -30.90 -40.89 -7.34
N GLN A 448 -30.10 -41.89 -6.97
CA GLN A 448 -30.10 -42.39 -5.60
C GLN A 448 -29.48 -41.36 -4.66
N ARG A 449 -28.51 -40.64 -5.18
CA ARG A 449 -27.83 -39.60 -4.41
C ARG A 449 -28.79 -38.50 -4.00
N ILE A 450 -29.67 -38.12 -4.92
CA ILE A 450 -30.68 -37.10 -4.66
C ILE A 450 -31.62 -37.57 -3.54
N ILE A 451 -32.01 -38.84 -3.59
CA ILE A 451 -32.86 -39.41 -2.55
C ILE A 451 -32.18 -39.37 -1.19
N ASP A 452 -30.98 -39.93 -1.12
CA ASP A 452 -30.24 -40.01 0.13
C ASP A 452 -29.93 -38.62 0.69
N ASP A 453 -29.64 -37.68 -0.20
CA ASP A 453 -29.34 -36.31 0.21
C ASP A 453 -30.52 -35.67 0.91
N LEU A 454 -31.74 -35.99 0.47
CA LEU A 454 -32.93 -35.48 1.13
C LEU A 454 -33.01 -36.05 2.54
N ALA A 455 -32.78 -37.36 2.65
CA ALA A 455 -32.80 -38.04 3.93
C ALA A 455 -31.74 -37.47 4.89
N LYS A 456 -30.58 -37.11 4.34
CA LYS A 456 -29.51 -36.54 5.17
C LYS A 456 -29.91 -35.20 5.77
N ILE A 457 -30.54 -34.34 4.99
CA ILE A 457 -30.89 -33.01 5.47
C ILE A 457 -31.99 -33.07 6.51
N GLU A 458 -33.02 -33.87 6.23
CA GLU A 458 -34.12 -34.01 7.16
C GLU A 458 -33.59 -34.52 8.51
N ALA A 459 -32.46 -35.23 8.45
CA ALA A 459 -31.78 -35.66 9.66
C ALA A 459 -31.00 -34.49 10.27
N GLU A 460 -30.43 -33.63 9.41
CA GLU A 460 -29.71 -32.46 9.88
C GLU A 460 -30.68 -31.39 10.40
N ILE A 461 -31.82 -31.24 9.73
CA ILE A 461 -32.85 -30.32 10.18
C ILE A 461 -33.35 -30.73 11.55
N ALA A 462 -33.57 -32.03 11.72
CA ALA A 462 -34.04 -32.56 13.00
C ALA A 462 -33.01 -32.26 14.10
N ASP A 463 -31.74 -32.43 13.76
CA ASP A 463 -30.66 -32.13 14.70
C ASP A 463 -30.65 -30.63 15.03
N LEU A 464 -30.70 -29.80 14.00
CA LEU A 464 -30.64 -28.34 14.17
C LEU A 464 -31.80 -27.82 15.01
N GLU A 465 -33.00 -28.31 14.75
CA GLU A 465 -34.17 -27.92 15.53
C GLU A 465 -33.99 -28.29 16.99
N ASP A 466 -33.31 -29.41 17.23
CA ASP A 466 -33.07 -29.89 18.58
C ASP A 466 -32.12 -28.96 19.32
N ILE A 467 -31.17 -28.37 18.59
CA ILE A 467 -30.23 -27.43 19.19
C ILE A 467 -30.94 -26.19 19.71
N LEU A 468 -31.80 -25.62 18.88
CA LEU A 468 -32.49 -24.37 19.20
C LEU A 468 -33.44 -24.51 20.38
N ALA A 469 -33.94 -25.72 20.61
CA ALA A 469 -34.94 -25.96 21.65
C ALA A 469 -34.32 -26.28 23.00
N LYS A 470 -33.04 -26.65 23.00
CA LYS A 470 -32.34 -27.07 24.20
C LYS A 470 -31.11 -26.21 24.48
N PRO A 471 -31.21 -25.29 25.45
CA PRO A 471 -30.04 -24.48 25.85
C PRO A 471 -28.88 -25.35 26.33
N GLU A 472 -29.18 -26.58 26.76
CA GLU A 472 -28.17 -27.50 27.25
C GLU A 472 -27.19 -27.86 26.14
N ARG A 473 -27.72 -28.19 24.96
CA ARG A 473 -26.88 -28.54 23.82
C ARG A 473 -26.06 -27.34 23.38
N GLN A 474 -26.71 -26.16 23.37
CA GLN A 474 -26.06 -24.92 22.95
C GLN A 474 -24.79 -24.66 23.76
N ARG A 475 -24.91 -24.79 25.08
CA ARG A 475 -23.75 -24.65 25.96
C ARG A 475 -22.76 -25.77 25.67
N GLY A 476 -23.28 -26.94 25.31
CA GLY A 476 -22.45 -28.08 24.97
C GLY A 476 -21.61 -27.84 23.72
N ILE A 477 -22.15 -27.08 22.77
CA ILE A 477 -21.44 -26.79 21.54
C ILE A 477 -20.26 -25.86 21.81
N VAL A 478 -20.48 -24.85 22.63
CA VAL A 478 -19.42 -23.92 23.02
C VAL A 478 -18.27 -24.66 23.66
N ARG A 479 -18.60 -25.50 24.64
CA ARG A 479 -17.60 -26.26 25.38
C ARG A 479 -16.76 -27.16 24.48
N ASP A 480 -17.44 -28.00 23.69
CA ASP A 480 -16.76 -28.99 22.87
C ASP A 480 -15.92 -28.35 21.77
N GLU A 481 -16.46 -27.32 21.13
CA GLU A 481 -15.75 -26.65 20.05
C GLU A 481 -14.55 -25.87 20.59
N LEU A 482 -14.74 -25.22 21.73
CA LEU A 482 -13.65 -24.48 22.37
C LEU A 482 -12.59 -25.46 22.85
N ALA A 483 -13.02 -26.62 23.33
CA ALA A 483 -12.10 -27.64 23.80
C ALA A 483 -11.15 -28.08 22.70
N GLU A 484 -11.67 -28.23 21.48
CA GLU A 484 -10.84 -28.59 20.34
C GLU A 484 -9.80 -27.50 20.06
N ILE A 485 -10.24 -26.25 20.16
CA ILE A 485 -9.35 -25.12 19.90
C ILE A 485 -8.20 -25.08 20.90
N VAL A 486 -8.51 -25.32 22.17
CA VAL A 486 -7.50 -25.27 23.22
C VAL A 486 -6.51 -26.42 23.09
N ASP A 487 -7.01 -27.59 22.73
CA ASP A 487 -6.16 -28.77 22.57
C ASP A 487 -5.18 -28.58 21.44
N ARG A 488 -5.59 -27.83 20.42
CA ARG A 488 -4.76 -27.62 19.24
C ARG A 488 -3.79 -26.45 19.39
N HIS A 489 -4.27 -25.35 19.97
CA HIS A 489 -3.51 -24.10 19.98
C HIS A 489 -3.09 -23.66 21.37
N GLY A 490 -3.58 -24.34 22.41
CA GLY A 490 -3.22 -24.01 23.77
C GLY A 490 -1.78 -24.38 24.04
N ASP A 491 -1.10 -23.58 24.86
CA ASP A 491 0.30 -23.82 25.20
C ASP A 491 0.54 -23.71 26.71
N ASP A 492 1.75 -24.05 27.12
CA ASP A 492 2.13 -23.98 28.54
C ASP A 492 2.14 -22.55 29.05
N ARG A 493 2.04 -22.40 30.37
CA ARG A 493 2.20 -21.11 31.00
C ARG A 493 3.65 -20.65 30.86
N ARG A 494 3.86 -19.35 30.71
CA ARG A 494 5.19 -18.79 30.58
C ARG A 494 5.58 -18.02 31.83
N THR A 495 4.68 -17.16 32.30
CA THR A 495 4.94 -16.37 33.50
C THR A 495 4.74 -17.24 34.74
N ARG A 496 5.81 -17.36 35.53
CA ARG A 496 5.77 -18.14 36.75
C ARG A 496 5.25 -17.29 37.91
N ILE A 497 4.28 -17.83 38.65
CA ILE A 497 3.69 -17.13 39.79
C ILE A 497 4.31 -17.62 41.09
N ILE A 498 4.92 -16.70 41.83
CA ILE A 498 5.51 -17.01 43.13
C ILE A 498 4.90 -16.12 44.21
N ALA A 499 5.20 -16.43 45.46
CA ALA A 499 4.68 -15.68 46.60
C ALA A 499 5.67 -14.60 47.02
N ILE A 500 5.33 -13.88 48.09
CA ILE A 500 6.19 -12.83 48.61
C ILE A 500 7.50 -13.41 49.15
N ALA B 3 -1.46 48.88 6.07
CA ALA B 3 -0.97 47.96 5.06
C ALA B 3 0.30 47.26 5.53
N LEU B 4 0.42 45.98 5.20
CA LEU B 4 1.56 45.16 5.61
C LEU B 4 2.14 44.36 4.45
N VAL B 5 3.44 44.17 4.46
CA VAL B 5 4.13 43.50 3.36
C VAL B 5 3.85 42.00 3.36
N ARG B 6 3.63 41.46 2.17
CA ARG B 6 3.48 40.02 1.98
C ARG B 6 4.77 39.44 1.42
N ARG B 7 5.09 38.21 1.79
CA ARG B 7 6.33 37.58 1.34
C ARG B 7 6.24 37.22 -0.14
N LYS B 8 7.30 37.50 -0.88
CA LYS B 8 7.37 37.19 -2.30
C LYS B 8 8.80 36.93 -2.73
N GLY B 15 10.65 36.91 6.43
CA GLY B 15 10.55 36.84 7.87
C GLY B 15 9.27 36.18 8.33
N LEU B 16 8.69 35.36 7.46
CA LEU B 16 7.44 34.65 7.75
C LEU B 16 7.66 33.14 7.57
N PRO B 17 6.73 32.33 8.11
CA PRO B 17 6.87 30.86 8.02
C PRO B 17 7.08 30.37 6.59
N GLY B 18 7.94 29.37 6.42
CA GLY B 18 8.28 28.85 5.11
C GLY B 18 7.10 28.20 4.41
N LYS B 19 6.20 27.61 5.18
CA LYS B 19 5.05 26.91 4.62
C LYS B 19 3.87 27.85 4.36
N LEU B 20 3.97 29.09 4.82
CA LEU B 20 2.93 30.09 4.56
C LEU B 20 2.89 30.43 3.08
N ALA B 21 1.72 30.22 2.46
CA ALA B 21 1.48 30.69 1.10
C ALA B 21 0.72 32.01 1.17
N ASP B 22 1.46 33.09 1.31
CA ASP B 22 0.88 34.40 1.59
C ASP B 22 0.06 34.92 0.41
N CYS B 23 -0.79 35.90 0.68
CA CYS B 23 -1.61 36.52 -0.36
C CYS B 23 -0.85 37.68 -1.00
N ARG B 24 -1.50 38.31 -1.99
CA ARG B 24 -0.90 39.40 -2.74
C ARG B 24 -1.37 40.76 -2.22
N SER B 25 -2.62 40.82 -1.75
CA SER B 25 -3.18 42.05 -1.22
C SER B 25 -2.43 42.48 0.04
N THR B 26 -2.02 43.75 0.08
CA THR B 26 -1.27 44.28 1.21
C THR B 26 -2.17 44.86 2.29
N ASP B 27 -3.48 44.73 2.11
CA ASP B 27 -4.46 45.24 3.07
C ASP B 27 -5.01 44.13 3.95
N PRO B 28 -4.69 44.13 5.25
CA PRO B 28 -5.22 43.10 6.15
C PRO B 28 -6.75 43.07 6.18
N ARG B 29 -7.39 44.22 6.05
CA ARG B 29 -8.84 44.29 6.08
C ARG B 29 -9.47 43.47 4.95
N LYS B 30 -8.73 43.33 3.86
CA LYS B 30 -9.22 42.59 2.70
C LYS B 30 -8.66 41.17 2.65
N SER B 31 -7.70 40.89 3.53
CA SER B 31 -6.98 39.62 3.49
C SER B 31 -7.64 38.54 4.34
N GLU B 32 -7.36 37.29 4.00
CA GLU B 32 -7.90 36.14 4.72
C GLU B 32 -6.82 35.06 4.86
N LEU B 33 -6.70 34.50 6.06
CA LEU B 33 -5.78 33.40 6.31
C LEU B 33 -6.55 32.11 6.54
N TYR B 34 -6.40 31.15 5.62
CA TYR B 34 -6.98 29.83 5.77
C TYR B 34 -6.00 28.91 6.49
N VAL B 35 -6.29 28.60 7.74
CA VAL B 35 -5.51 27.65 8.51
C VAL B 35 -6.03 26.25 8.22
N VAL B 36 -5.24 25.47 7.49
CA VAL B 36 -5.71 24.20 6.93
C VAL B 36 -5.09 22.98 7.60
N GLU B 37 -5.90 21.95 7.76
CA GLU B 37 -5.43 20.68 8.31
C GLU B 37 -4.82 19.83 7.20
N GLY B 38 -3.52 19.59 7.29
CA GLY B 38 -2.85 18.65 6.40
C GLY B 38 -2.18 19.29 5.22
N ASP B 39 -1.06 18.70 4.79
CA ASP B 39 -0.30 19.20 3.66
C ASP B 39 -1.06 18.99 2.36
N SER B 40 -1.80 17.89 2.27
CA SER B 40 -2.56 17.57 1.07
C SER B 40 -3.65 18.61 0.82
N ALA B 41 -4.46 18.87 1.84
CA ALA B 41 -5.53 19.84 1.71
C ALA B 41 -4.97 21.24 1.53
N GLY B 42 -3.89 21.54 2.25
CA GLY B 42 -3.23 22.83 2.14
C GLY B 42 -2.64 23.04 0.76
N GLY B 43 -2.12 21.97 0.18
CA GLY B 43 -1.53 22.03 -1.15
C GLY B 43 -2.55 22.35 -2.22
N SER B 44 -3.66 21.62 -2.21
CA SER B 44 -4.72 21.84 -3.18
C SER B 44 -5.43 23.17 -2.93
N ALA B 45 -5.47 23.57 -1.66
CA ALA B 45 -6.07 24.85 -1.29
C ALA B 45 -5.22 26.00 -1.82
N LYS B 46 -3.90 25.84 -1.77
CA LYS B 46 -2.98 26.84 -2.29
C LYS B 46 -3.22 27.08 -3.79
N SER B 47 -3.74 26.05 -4.46
CA SER B 47 -3.98 26.11 -5.90
C SER B 47 -5.36 26.70 -6.22
N GLY B 48 -6.36 26.32 -5.42
CA GLY B 48 -7.73 26.72 -5.66
C GLY B 48 -8.09 28.08 -5.08
N ARG B 49 -7.20 28.61 -4.24
CA ARG B 49 -7.46 29.89 -3.58
C ARG B 49 -7.55 31.05 -4.56
N ASP B 50 -7.99 32.20 -4.05
CA ASP B 50 -7.83 33.47 -4.74
C ASP B 50 -6.56 34.11 -4.19
N SER B 51 -5.48 34.00 -4.95
CA SER B 51 -4.16 34.41 -4.47
C SER B 51 -4.10 35.90 -4.12
N MET B 52 -5.11 36.66 -4.54
CA MET B 52 -5.15 38.09 -4.26
C MET B 52 -5.44 38.36 -2.79
N PHE B 53 -6.43 37.68 -2.22
CA PHE B 53 -6.91 38.00 -0.88
C PHE B 53 -6.76 36.85 0.13
N GLN B 54 -6.52 35.64 -0.37
CA GLN B 54 -6.50 34.46 0.49
C GLN B 54 -5.11 33.85 0.61
N ALA B 55 -4.68 33.65 1.86
CA ALA B 55 -3.40 33.01 2.16
C ALA B 55 -3.65 31.67 2.83
N ILE B 56 -2.70 30.75 2.67
CA ILE B 56 -2.83 29.40 3.23
C ILE B 56 -1.69 29.05 4.17
N LEU B 57 -2.04 28.59 5.36
CA LEU B 57 -1.07 28.06 6.32
C LEU B 57 -1.41 26.63 6.69
N PRO B 58 -0.77 25.65 6.02
CA PRO B 58 -1.06 24.25 6.34
C PRO B 58 -0.47 23.83 7.68
N LEU B 59 -1.27 23.21 8.53
CA LEU B 59 -0.80 22.68 9.80
C LEU B 59 -0.57 21.18 9.73
N ARG B 60 0.53 20.74 10.33
CA ARG B 60 0.96 19.35 10.30
C ARG B 60 0.89 18.68 11.67
N GLY B 61 0.05 17.65 11.76
CA GLY B 61 -0.11 16.90 13.00
C GLY B 61 -0.97 17.63 14.02
N LYS B 62 -1.30 16.92 15.10
CA LYS B 62 -2.10 17.49 16.17
C LYS B 62 -1.38 18.68 16.79
N ILE B 63 -2.08 19.79 16.94
CA ILE B 63 -1.52 20.98 17.57
C ILE B 63 -1.29 20.72 19.06
N ILE B 64 -0.25 21.33 19.62
CA ILE B 64 0.05 21.17 21.04
C ILE B 64 -1.01 21.85 21.90
N ASN B 65 -1.41 21.15 22.96
CA ASN B 65 -2.40 21.69 23.89
C ASN B 65 -1.76 22.73 24.82
N VAL B 66 -2.05 24.00 24.58
CA VAL B 66 -1.46 25.08 25.36
C VAL B 66 -2.01 25.12 26.78
N GLU B 67 -3.15 24.46 27.00
CA GLU B 67 -3.75 24.40 28.33
C GLU B 67 -2.95 23.47 29.24
N LYS B 68 -2.40 22.41 28.66
CA LYS B 68 -1.64 21.41 29.42
C LYS B 68 -0.15 21.72 29.45
N ALA B 69 0.41 22.03 28.29
CA ALA B 69 1.85 22.26 28.16
C ALA B 69 2.27 23.58 28.78
N ARG B 70 3.48 23.61 29.33
CA ARG B 70 4.05 24.83 29.88
C ARG B 70 4.37 25.82 28.76
N ILE B 71 4.48 27.09 29.12
CA ILE B 71 4.57 28.16 28.13
C ILE B 71 5.80 28.05 27.23
N ASP B 72 6.94 27.75 27.84
CA ASP B 72 8.20 27.69 27.10
C ASP B 72 8.19 26.58 26.04
N ARG B 73 7.52 25.47 26.35
CA ARG B 73 7.48 24.35 25.43
C ARG B 73 6.58 24.65 24.25
N VAL B 74 5.52 25.43 24.49
CA VAL B 74 4.61 25.84 23.44
C VAL B 74 5.34 26.72 22.44
N LEU B 75 6.21 27.58 22.95
CA LEU B 75 6.94 28.51 22.08
C LEU B 75 8.02 27.80 21.27
N LYS B 76 8.36 26.57 21.64
CA LYS B 76 9.31 25.79 20.86
C LYS B 76 8.61 25.02 19.75
N ASN B 77 7.30 24.86 19.87
CA ASN B 77 6.53 24.14 18.87
C ASN B 77 6.49 24.90 17.55
N THR B 78 6.91 24.22 16.48
CA THR B 78 7.02 24.85 15.17
C THR B 78 5.67 25.27 14.61
N GLU B 79 4.64 24.48 14.91
CA GLU B 79 3.30 24.74 14.38
C GLU B 79 2.67 25.95 15.04
N VAL B 80 2.99 26.17 16.31
CA VAL B 80 2.49 27.32 17.04
C VAL B 80 3.21 28.59 16.58
N GLN B 81 4.53 28.51 16.45
CA GLN B 81 5.31 29.64 15.98
C GLN B 81 4.85 30.10 14.61
N ALA B 82 4.47 29.15 13.77
CA ALA B 82 3.99 29.45 12.42
C ALA B 82 2.72 30.30 12.49
N ILE B 83 1.82 29.93 13.38
CA ILE B 83 0.56 30.66 13.55
C ILE B 83 0.81 32.06 14.10
N ILE B 84 1.56 32.14 15.19
CA ILE B 84 1.84 33.43 15.82
C ILE B 84 2.57 34.38 14.87
N THR B 85 3.54 33.86 14.14
CA THR B 85 4.33 34.67 13.22
C THR B 85 3.48 35.14 12.04
N ALA B 86 2.61 34.26 11.55
CA ALA B 86 1.78 34.56 10.40
C ALA B 86 0.70 35.59 10.72
N LEU B 87 0.16 35.53 11.93
CA LEU B 87 -0.91 36.43 12.34
C LEU B 87 -0.40 37.84 12.61
N GLY B 88 0.88 37.96 12.98
CA GLY B 88 1.51 39.25 13.15
C GLY B 88 1.31 39.86 14.53
N THR B 89 0.19 39.54 15.17
CA THR B 89 -0.06 40.01 16.52
C THR B 89 0.88 39.32 17.49
N GLY B 90 1.06 39.89 18.67
CA GLY B 90 1.84 39.26 19.70
C GLY B 90 1.04 38.17 20.38
N ILE B 91 1.38 37.89 21.65
CA ILE B 91 0.61 36.96 22.46
C ILE B 91 0.50 37.48 23.90
N HIS B 92 -0.60 37.14 24.56
CA HIS B 92 -0.84 37.54 25.94
C HIS B 92 -0.79 39.06 26.09
N ASP B 93 0.09 39.56 26.95
CA ASP B 93 0.15 40.99 27.24
C ASP B 93 0.78 41.78 26.09
N GLU B 94 1.63 41.10 25.31
CA GLU B 94 2.31 41.75 24.19
C GLU B 94 1.47 41.69 22.92
N PHE B 95 0.21 41.33 23.06
CA PHE B 95 -0.72 41.24 21.93
C PHE B 95 -1.10 42.63 21.42
N ASP B 96 -1.15 42.76 20.10
CA ASP B 96 -1.51 44.03 19.45
C ASP B 96 -2.38 43.80 18.22
N ILE B 97 -3.64 44.22 18.29
CA ILE B 97 -4.59 44.00 17.20
C ILE B 97 -4.16 44.77 15.94
N GLY B 98 -3.42 45.84 16.13
CA GLY B 98 -2.99 46.67 15.02
C GLY B 98 -2.10 45.97 14.02
N LYS B 99 -1.38 44.94 14.47
CA LYS B 99 -0.46 44.21 13.62
C LYS B 99 -1.09 42.97 13.00
N LEU B 100 -2.41 42.82 13.17
CA LEU B 100 -3.09 41.66 12.60
C LEU B 100 -3.01 41.73 11.09
N ARG B 101 -2.39 40.72 10.48
CA ARG B 101 -2.12 40.74 9.05
C ARG B 101 -3.27 40.16 8.23
N TYR B 102 -4.23 39.54 8.92
CA TYR B 102 -5.42 39.01 8.26
C TYR B 102 -6.63 39.23 9.17
N HIS B 103 -7.61 39.97 8.68
CA HIS B 103 -8.81 40.27 9.45
C HIS B 103 -9.82 39.14 9.37
N LYS B 104 -9.49 38.11 8.59
CA LYS B 104 -10.29 36.89 8.55
C LYS B 104 -9.40 35.67 8.72
N ILE B 105 -9.60 34.95 9.83
CA ILE B 105 -8.84 33.74 10.13
C ILE B 105 -9.77 32.54 10.07
N VAL B 106 -9.75 31.84 8.94
CA VAL B 106 -10.63 30.69 8.73
C VAL B 106 -9.93 29.39 9.08
N LEU B 107 -10.47 28.68 10.07
CA LEU B 107 -10.00 27.36 10.42
C LEU B 107 -10.72 26.32 9.56
N MET B 108 -9.96 25.60 8.74
CA MET B 108 -10.54 24.60 7.84
C MET B 108 -9.97 23.22 8.15
N ALA B 109 -10.80 22.38 8.76
CA ALA B 109 -10.40 21.02 9.14
C ALA B 109 -11.36 20.00 8.54
N ASP B 110 -10.95 18.74 8.56
CA ASP B 110 -11.79 17.64 8.07
C ASP B 110 -13.10 17.59 8.85
N ALA B 111 -14.14 17.05 8.22
CA ALA B 111 -15.43 16.88 8.86
C ALA B 111 -15.40 15.77 9.92
N ASP B 112 -14.33 14.98 9.93
CA ASP B 112 -14.23 13.86 10.87
C ASP B 112 -13.92 14.35 12.28
N VAL B 113 -13.80 13.42 13.23
CA VAL B 113 -13.63 13.75 14.64
C VAL B 113 -12.26 14.37 14.94
N ASP B 114 -11.24 13.96 14.19
CA ASP B 114 -9.91 14.52 14.43
C ASP B 114 -9.83 15.96 13.94
N GLY B 115 -10.63 16.29 12.94
CA GLY B 115 -10.75 17.67 12.50
C GLY B 115 -11.42 18.48 13.59
N GLN B 116 -12.44 17.89 14.20
CA GLN B 116 -13.12 18.51 15.33
C GLN B 116 -12.14 18.74 16.47
N HIS B 117 -11.28 17.75 16.71
CA HIS B 117 -10.28 17.86 17.77
C HIS B 117 -9.27 18.96 17.49
N ILE B 118 -8.74 19.02 16.28
CA ILE B 118 -7.77 20.05 15.92
C ILE B 118 -8.37 21.44 16.07
N SER B 119 -9.65 21.56 15.79
CA SER B 119 -10.33 22.85 15.94
C SER B 119 -10.34 23.30 17.40
N THR B 120 -10.61 22.37 18.31
CA THR B 120 -10.65 22.69 19.73
C THR B 120 -9.26 23.07 20.25
N LEU B 121 -8.24 22.45 19.66
CA LEU B 121 -6.85 22.74 20.03
C LEU B 121 -6.45 24.12 19.53
N LEU B 122 -6.94 24.49 18.34
CA LEU B 122 -6.67 25.81 17.78
C LEU B 122 -7.46 26.90 18.51
N LEU B 123 -8.73 26.62 18.79
CA LEU B 123 -9.57 27.56 19.52
C LEU B 123 -9.03 27.80 20.93
N THR B 124 -8.36 26.80 21.47
CA THR B 124 -7.74 26.92 22.79
C THR B 124 -6.50 27.81 22.72
N LEU B 125 -5.72 27.65 21.66
CA LEU B 125 -4.56 28.49 21.43
C LEU B 125 -4.99 29.94 21.27
N LEU B 126 -6.01 30.16 20.45
CA LEU B 126 -6.50 31.50 20.18
C LEU B 126 -7.08 32.14 21.44
N PHE B 127 -7.91 31.40 22.17
CA PHE B 127 -8.60 31.94 23.33
C PHE B 127 -7.63 32.31 24.46
N ARG B 128 -6.52 31.58 24.56
CA ARG B 128 -5.57 31.76 25.65
C ARG B 128 -4.45 32.76 25.33
N PHE B 129 -4.01 32.78 24.07
CA PHE B 129 -2.87 33.59 23.67
C PHE B 129 -3.29 34.87 22.96
N MET B 130 -4.37 34.79 22.18
CA MET B 130 -4.79 35.89 21.32
C MET B 130 -6.31 36.05 21.37
N ARG B 131 -6.84 36.22 22.57
CA ARG B 131 -8.27 36.23 22.79
C ARG B 131 -9.01 37.31 21.99
N PRO B 132 -8.44 38.53 21.90
CA PRO B 132 -9.14 39.60 21.18
C PRO B 132 -9.51 39.26 19.73
N LEU B 133 -8.81 38.30 19.13
CA LEU B 133 -9.11 37.86 17.78
C LEU B 133 -10.51 37.22 17.72
N ILE B 134 -10.88 36.55 18.81
CA ILE B 134 -12.19 35.93 18.90
C ILE B 134 -13.24 36.98 19.24
N GLU B 135 -12.89 37.85 20.19
CA GLU B 135 -13.80 38.87 20.68
C GLU B 135 -14.23 39.83 19.59
N ASN B 136 -13.33 40.07 18.63
CA ASN B 136 -13.59 41.03 17.56
C ASN B 136 -14.06 40.37 16.26
N GLY B 137 -14.36 39.08 16.34
CA GLY B 137 -14.96 38.37 15.22
C GLY B 137 -14.04 38.15 14.04
N HIS B 138 -12.77 37.87 14.31
CA HIS B 138 -11.79 37.61 13.25
C HIS B 138 -11.59 36.11 13.01
N VAL B 139 -12.15 35.29 13.89
CA VAL B 139 -12.00 33.84 13.80
C VAL B 139 -13.25 33.21 13.19
N PHE B 140 -13.06 32.41 12.14
CA PHE B 140 -14.16 31.74 11.47
C PHE B 140 -13.87 30.24 11.33
N LEU B 141 -14.93 29.47 11.04
CA LEU B 141 -14.81 28.05 10.81
C LEU B 141 -15.43 27.67 9.47
N ALA B 142 -14.62 27.15 8.55
CA ALA B 142 -15.12 26.70 7.27
C ALA B 142 -15.78 25.34 7.43
N GLN B 143 -16.95 25.17 6.82
CA GLN B 143 -17.67 23.92 6.86
C GLN B 143 -17.42 23.15 5.55
N PRO B 144 -16.63 22.07 5.60
CA PRO B 144 -16.36 21.35 4.35
C PRO B 144 -17.57 20.56 3.88
N PRO B 145 -17.61 20.23 2.57
CA PRO B 145 -18.68 19.37 2.07
C PRO B 145 -18.53 17.93 2.55
N LEU B 146 -19.61 17.17 2.52
CA LEU B 146 -19.60 15.76 2.89
C LEU B 146 -19.89 14.89 1.68
N TYR B 147 -20.64 15.43 0.73
CA TYR B 147 -21.03 14.69 -0.45
C TYR B 147 -20.93 15.53 -1.72
N LYS B 148 -20.70 14.85 -2.84
CA LYS B 148 -20.74 15.46 -4.16
C LYS B 148 -21.65 14.64 -5.07
N LEU B 149 -22.80 15.19 -5.42
CA LEU B 149 -23.74 14.51 -6.30
C LEU B 149 -23.35 14.73 -7.76
N LYS B 150 -22.98 13.65 -8.43
CA LYS B 150 -22.49 13.71 -9.80
C LYS B 150 -23.58 13.31 -10.80
N TRP B 151 -24.41 14.26 -11.21
CA TRP B 151 -25.49 13.99 -12.16
C TRP B 151 -24.92 13.65 -13.52
N GLN B 152 -25.64 12.82 -14.27
CA GLN B 152 -25.17 12.33 -15.56
C GLN B 152 -25.03 13.44 -16.60
N ARG B 153 -25.96 14.37 -16.59
CA ARG B 153 -26.02 15.44 -17.59
C ARG B 153 -25.91 16.82 -16.99
N SER B 154 -26.31 16.95 -15.73
CA SER B 154 -26.33 18.25 -15.05
C SER B 154 -25.03 18.52 -14.32
N ASP B 155 -24.87 19.76 -13.88
CA ASP B 155 -23.70 20.16 -13.09
C ASP B 155 -23.75 19.47 -11.72
N PRO B 156 -22.57 19.15 -11.16
CA PRO B 156 -22.53 18.46 -9.87
C PRO B 156 -22.93 19.36 -8.70
N GLU B 157 -23.57 18.78 -7.69
CA GLU B 157 -23.99 19.52 -6.50
C GLU B 157 -23.22 19.04 -5.28
N PHE B 158 -22.93 19.96 -4.36
CA PHE B 158 -22.26 19.62 -3.11
C PHE B 158 -23.24 19.68 -1.93
N ALA B 159 -23.08 18.75 -1.00
CA ALA B 159 -23.93 18.69 0.19
C ALA B 159 -23.08 18.73 1.46
N TYR B 160 -23.59 19.42 2.47
CA TYR B 160 -22.84 19.62 3.71
C TYR B 160 -23.42 18.82 4.89
N SER B 161 -24.42 17.99 4.59
CA SER B 161 -25.01 17.12 5.61
C SER B 161 -25.75 15.96 4.96
N ASP B 162 -26.05 14.93 5.76
CA ASP B 162 -26.80 13.78 5.26
C ASP B 162 -28.19 14.18 4.81
N ARG B 163 -28.78 15.14 5.51
CA ARG B 163 -30.12 15.62 5.19
C ARG B 163 -30.13 16.34 3.86
N GLU B 164 -29.18 17.25 3.67
CA GLU B 164 -29.08 18.01 2.43
C GLU B 164 -28.84 17.07 1.25
N ARG B 165 -28.01 16.06 1.45
CA ARG B 165 -27.76 15.03 0.44
C ARG B 165 -29.07 14.39 -0.01
N ASP B 166 -29.88 13.97 0.95
CA ASP B 166 -31.16 13.33 0.67
C ASP B 166 -32.10 14.29 -0.02
N GLY B 167 -32.00 15.57 0.34
CA GLY B 167 -32.88 16.59 -0.22
C GLY B 167 -32.53 16.93 -1.66
N LEU B 168 -31.26 17.12 -1.94
CA LEU B 168 -30.80 17.46 -3.28
C LEU B 168 -31.01 16.28 -4.22
N LEU B 169 -30.85 15.07 -3.69
CA LEU B 169 -31.07 13.85 -4.46
C LEU B 169 -32.54 13.75 -4.85
N GLU B 170 -33.41 13.94 -3.87
CA GLU B 170 -34.85 13.84 -4.07
C GLU B 170 -35.35 14.88 -5.07
N ALA B 171 -34.88 16.12 -4.91
CA ALA B 171 -35.27 17.20 -5.80
C ALA B 171 -34.82 16.92 -7.23
N GLY B 172 -33.58 16.49 -7.38
CA GLY B 172 -33.02 16.21 -8.70
C GLY B 172 -33.75 15.10 -9.42
N LEU B 173 -34.01 14.00 -8.72
CA LEU B 173 -34.73 12.88 -9.30
C LEU B 173 -36.14 13.30 -9.69
N LYS B 174 -36.75 14.13 -8.85
CA LYS B 174 -38.10 14.62 -9.09
C LYS B 174 -38.12 15.55 -10.32
N ALA B 175 -36.99 16.21 -10.58
CA ALA B 175 -36.87 17.13 -11.70
C ALA B 175 -36.46 16.40 -12.98
N GLY B 176 -36.22 15.09 -12.89
CA GLY B 176 -35.93 14.27 -14.06
C GLY B 176 -34.46 13.99 -14.30
N LYS B 177 -33.60 14.46 -13.39
CA LYS B 177 -32.16 14.21 -13.51
C LYS B 177 -31.84 12.78 -13.08
N LYS B 178 -30.64 12.31 -13.42
CA LYS B 178 -30.24 10.93 -13.11
C LYS B 178 -28.78 10.82 -12.70
N ILE B 179 -28.48 9.81 -11.88
CA ILE B 179 -27.12 9.54 -11.42
C ILE B 179 -26.72 8.09 -11.65
N ASN B 180 -25.43 7.86 -11.89
CA ASN B 180 -24.88 6.51 -11.91
C ASN B 180 -24.93 5.88 -10.53
N LYS B 181 -25.14 4.57 -10.47
CA LYS B 181 -25.15 3.86 -9.20
C LYS B 181 -23.75 3.32 -8.85
N GLU B 182 -22.80 3.56 -9.75
CA GLU B 182 -21.40 3.21 -9.50
C GLU B 182 -20.65 4.44 -8.99
N ASP B 183 -20.38 5.38 -9.90
CA ASP B 183 -19.76 6.66 -9.53
C ASP B 183 -20.62 7.33 -8.47
N GLY B 184 -21.83 7.69 -8.87
CA GLY B 184 -22.85 8.18 -7.94
C GLY B 184 -22.43 9.34 -7.07
N ILE B 185 -22.73 9.22 -5.79
CA ILE B 185 -22.46 10.28 -4.82
C ILE B 185 -21.10 10.06 -4.17
N GLN B 186 -20.13 10.87 -4.54
CA GLN B 186 -18.81 10.82 -3.91
C GLN B 186 -18.92 11.35 -2.49
N ARG B 187 -18.40 10.58 -1.54
CA ARG B 187 -18.40 11.00 -0.14
C ARG B 187 -17.00 11.42 0.30
N TYR B 188 -16.90 12.65 0.78
CA TYR B 188 -15.62 13.17 1.26
C TYR B 188 -15.37 12.74 2.69
N LYS B 189 -14.17 12.21 2.93
CA LYS B 189 -13.76 11.80 4.26
C LYS B 189 -12.66 12.73 4.79
N GLY B 190 -12.42 13.82 4.07
CA GLY B 190 -11.44 14.80 4.48
C GLY B 190 -11.09 15.75 3.36
N LEU B 191 -10.55 16.90 3.73
CA LEU B 191 -10.15 17.93 2.77
C LEU B 191 -9.07 17.40 1.81
N GLY B 192 -8.24 16.49 2.30
CA GLY B 192 -7.13 15.95 1.53
C GLY B 192 -7.60 15.18 0.30
N GLU B 193 -8.84 14.74 0.32
CA GLU B 193 -9.39 13.97 -0.80
C GLU B 193 -9.92 14.88 -1.91
N MET B 194 -9.98 16.18 -1.63
CA MET B 194 -10.51 17.15 -2.58
C MET B 194 -9.39 17.73 -3.45
N ASP B 195 -9.74 18.13 -4.67
CA ASP B 195 -8.81 18.83 -5.54
C ASP B 195 -8.99 20.34 -5.37
N ALA B 196 -8.21 21.11 -6.13
CA ALA B 196 -8.24 22.56 -6.02
C ALA B 196 -9.61 23.14 -6.36
N LYS B 197 -10.20 22.64 -7.45
CA LYS B 197 -11.48 23.15 -7.93
C LYS B 197 -12.59 22.94 -6.91
N GLU B 198 -12.64 21.73 -6.35
CA GLU B 198 -13.68 21.37 -5.39
C GLU B 198 -13.60 22.23 -4.13
N LEU B 199 -12.38 22.50 -3.66
CA LEU B 199 -12.20 23.32 -2.46
C LEU B 199 -12.64 24.76 -2.70
N TRP B 200 -12.38 25.27 -3.90
CA TRP B 200 -12.77 26.62 -4.23
C TRP B 200 -14.29 26.74 -4.19
N GLU B 201 -14.97 25.81 -4.84
CA GLU B 201 -16.42 25.89 -5.03
C GLU B 201 -17.21 25.40 -3.82
N THR B 202 -16.55 25.24 -2.68
CA THR B 202 -17.23 24.76 -1.47
C THR B 202 -16.79 25.43 -0.17
N THR B 203 -15.54 25.89 -0.11
CA THR B 203 -15.00 26.41 1.14
C THR B 203 -14.20 27.71 1.01
N MET B 204 -13.85 28.10 -0.22
CA MET B 204 -12.98 29.25 -0.44
C MET B 204 -13.61 30.34 -1.33
N ASP B 205 -14.50 29.95 -2.24
CA ASP B 205 -15.22 30.94 -3.04
C ASP B 205 -16.12 31.74 -2.09
N PRO B 206 -15.88 33.06 -1.96
CA PRO B 206 -16.64 33.85 -0.98
C PRO B 206 -18.15 33.94 -1.25
N SER B 207 -18.59 33.58 -2.45
CA SER B 207 -19.99 33.71 -2.82
C SER B 207 -20.81 32.44 -2.55
N VAL B 208 -20.15 31.39 -2.07
CA VAL B 208 -20.83 30.11 -1.83
C VAL B 208 -20.34 29.42 -0.53
N ARG B 209 -19.17 29.81 -0.06
CA ARG B 209 -18.57 29.15 1.12
C ARG B 209 -19.45 29.32 2.35
N VAL B 210 -19.46 28.29 3.20
CA VAL B 210 -20.21 28.31 4.45
C VAL B 210 -19.27 28.54 5.62
N LEU B 211 -19.20 29.77 6.10
CA LEU B 211 -18.36 30.13 7.23
C LEU B 211 -19.19 30.33 8.48
N ARG B 212 -18.62 29.98 9.63
CA ARG B 212 -19.24 30.25 10.91
C ARG B 212 -18.34 31.15 11.75
N GLN B 213 -18.85 32.31 12.13
CA GLN B 213 -18.08 33.26 12.92
C GLN B 213 -18.13 32.92 14.41
N VAL B 214 -16.96 32.65 14.99
CA VAL B 214 -16.87 32.32 16.40
C VAL B 214 -17.12 33.55 17.25
N THR B 215 -18.16 33.49 18.09
CA THR B 215 -18.50 34.58 19.00
C THR B 215 -18.20 34.17 20.43
N LEU B 216 -17.84 35.14 21.26
CA LEU B 216 -17.55 34.91 22.67
C LEU B 216 -18.52 35.69 23.55
N ASP B 217 -19.44 34.97 24.17
CA ASP B 217 -20.46 35.58 25.01
C ASP B 217 -19.94 35.77 26.45
N ASP B 218 -20.03 34.73 27.26
CA ASP B 218 -19.57 34.79 28.65
C ASP B 218 -18.12 34.34 28.73
N ALA B 219 -17.21 35.28 29.00
CA ALA B 219 -15.79 34.98 29.05
C ALA B 219 -15.45 34.07 30.22
N ALA B 220 -16.09 34.30 31.36
CA ALA B 220 -15.83 33.51 32.56
C ALA B 220 -16.32 32.07 32.38
N ALA B 221 -17.49 31.91 31.78
CA ALA B 221 -18.05 30.59 31.53
C ALA B 221 -17.18 29.83 30.53
N ALA B 222 -16.64 30.55 29.56
CA ALA B 222 -15.75 29.95 28.57
C ALA B 222 -14.44 29.54 29.21
N ASP B 223 -13.92 30.39 30.09
CA ASP B 223 -12.66 30.13 30.77
C ASP B 223 -12.67 28.81 31.53
N GLU B 224 -13.78 28.48 32.19
CA GLU B 224 -13.86 27.25 32.96
C GLU B 224 -14.07 26.05 32.04
N LEU B 225 -14.84 26.23 30.97
CA LEU B 225 -15.09 25.15 30.03
C LEU B 225 -13.80 24.73 29.35
N PHE B 226 -12.98 25.71 28.98
CA PHE B 226 -11.69 25.42 28.36
C PHE B 226 -10.80 24.66 29.34
N SER B 227 -10.85 25.05 30.61
CA SER B 227 -10.00 24.43 31.62
C SER B 227 -10.45 23.01 31.96
N ILE B 228 -11.75 22.77 31.90
CA ILE B 228 -12.28 21.45 32.17
C ILE B 228 -11.92 20.49 31.03
N LEU B 229 -12.22 20.89 29.80
CA LEU B 229 -12.04 20.04 28.64
C LEU B 229 -10.58 19.86 28.26
N MET B 230 -9.80 20.94 28.36
CA MET B 230 -8.43 20.93 27.84
C MET B 230 -7.36 20.85 28.94
N GLY B 231 -7.78 20.98 30.20
CA GLY B 231 -6.82 21.01 31.30
C GLY B 231 -6.25 19.65 31.67
N GLU B 232 -5.38 19.64 32.67
CA GLU B 232 -4.70 18.41 33.09
C GLU B 232 -5.58 17.55 33.99
N ASP B 233 -6.61 18.15 34.58
CA ASP B 233 -7.50 17.41 35.47
C ASP B 233 -8.37 16.45 34.65
N VAL B 234 -8.02 15.17 34.72
CA VAL B 234 -8.75 14.14 33.98
C VAL B 234 -10.12 13.90 34.59
N ASP B 235 -10.15 13.77 35.92
CA ASP B 235 -11.39 13.49 36.64
C ASP B 235 -12.47 14.50 36.26
N ALA B 236 -12.12 15.78 36.28
CA ALA B 236 -13.06 16.84 35.92
C ALA B 236 -13.56 16.67 34.49
N ARG B 237 -12.65 16.30 33.58
CA ARG B 237 -13.00 16.09 32.19
C ARG B 237 -13.85 14.82 32.03
N ARG B 238 -13.44 13.75 32.71
CA ARG B 238 -14.14 12.47 32.60
C ARG B 238 -15.61 12.60 33.00
N SER B 239 -15.85 13.26 34.14
CA SER B 239 -17.21 13.42 34.65
C SER B 239 -18.03 14.36 33.77
N PHE B 240 -17.37 15.34 33.16
CA PHE B 240 -18.05 16.28 32.29
C PHE B 240 -18.58 15.59 31.03
N ILE B 241 -17.78 14.68 30.48
CA ILE B 241 -18.18 13.95 29.28
C ILE B 241 -19.34 13.01 29.60
N THR B 242 -19.19 12.22 30.65
CA THR B 242 -20.23 11.27 31.05
C THR B 242 -21.52 12.00 31.45
N ARG B 243 -21.39 13.28 31.82
CA ARG B 243 -22.53 14.08 32.23
C ARG B 243 -23.24 14.74 31.05
N ASN B 244 -22.47 15.18 30.05
CA ASN B 244 -23.00 16.02 28.98
C ASN B 244 -23.00 15.37 27.59
N ALA B 245 -22.24 14.30 27.42
CA ALA B 245 -22.21 13.59 26.13
C ALA B 245 -23.58 13.02 25.81
N LYS B 246 -24.35 12.77 26.87
CA LYS B 246 -25.69 12.22 26.75
C LYS B 246 -26.64 13.17 26.04
N ASP B 247 -26.28 14.45 25.99
CA ASP B 247 -27.18 15.49 25.49
C ASP B 247 -26.57 16.43 24.45
N VAL B 248 -25.53 15.98 23.75
CA VAL B 248 -24.89 16.83 22.73
C VAL B 248 -25.81 17.07 21.54
N ARG B 249 -26.64 16.09 21.22
CA ARG B 249 -27.56 16.20 20.08
C ARG B 249 -28.59 17.31 20.28
N PHE B 250 -28.85 17.64 21.54
CA PHE B 250 -29.96 18.54 21.88
C PHE B 250 -29.49 19.92 22.29
N LEU B 251 -28.28 20.29 21.89
CA LEU B 251 -27.73 21.59 22.24
C LEU B 251 -28.39 22.73 21.46
N ASP B 252 -28.86 22.43 20.25
CA ASP B 252 -29.43 23.45 19.37
C ASP B 252 -30.93 23.24 19.13
N VAL B 253 -31.53 22.28 19.82
CA VAL B 253 -32.96 22.01 19.68
C VAL B 253 -33.76 23.14 20.33
N ILE C 14 36.75 -20.86 1.07
CA ILE C 14 36.50 -19.53 0.53
C ILE C 14 37.01 -19.47 -0.91
N GLU C 15 36.11 -19.18 -1.85
CA GLU C 15 36.49 -19.11 -3.26
C GLU C 15 37.12 -17.75 -3.58
N PRO C 16 38.16 -17.74 -4.42
CA PRO C 16 38.75 -16.47 -4.84
C PRO C 16 38.13 -15.95 -6.14
N VAL C 17 37.94 -14.64 -6.24
CA VAL C 17 37.41 -14.02 -7.45
C VAL C 17 38.21 -12.76 -7.77
N ASP C 18 38.56 -12.58 -9.03
CA ASP C 18 39.34 -11.42 -9.45
C ASP C 18 38.42 -10.21 -9.57
N ILE C 19 38.94 -9.05 -9.18
CA ILE C 19 38.13 -7.84 -9.13
C ILE C 19 37.68 -7.40 -10.51
N GLU C 20 38.47 -7.71 -11.54
CA GLU C 20 38.13 -7.34 -12.90
C GLU C 20 36.95 -8.16 -13.42
N GLN C 21 36.94 -9.45 -13.09
CA GLN C 21 35.84 -10.33 -13.47
C GLN C 21 34.56 -9.89 -12.78
N GLU C 22 34.66 -9.56 -11.49
CA GLU C 22 33.50 -9.18 -10.71
C GLU C 22 32.92 -7.85 -11.20
N MET C 23 33.79 -6.86 -11.37
CA MET C 23 33.37 -5.54 -11.80
C MET C 23 32.69 -5.58 -13.16
N GLN C 24 33.27 -6.33 -14.08
CA GLN C 24 32.73 -6.42 -15.44
C GLN C 24 31.39 -7.14 -15.47
N ARG C 25 31.32 -8.29 -14.81
CA ARG C 25 30.11 -9.10 -14.82
C ARG C 25 28.99 -8.35 -14.12
N SER C 26 29.32 -7.73 -12.99
CA SER C 26 28.34 -7.06 -12.14
C SER C 26 27.78 -5.79 -12.79
N TYR C 27 28.65 -4.96 -13.36
CA TYR C 27 28.20 -3.69 -13.94
C TYR C 27 27.45 -3.88 -15.24
N ILE C 28 27.86 -4.86 -16.04
CA ILE C 28 27.18 -5.14 -17.30
C ILE C 28 25.78 -5.70 -17.03
N ASP C 29 25.66 -6.54 -16.01
CA ASP C 29 24.35 -7.07 -15.63
C ASP C 29 23.42 -5.93 -15.22
N TYR C 30 23.96 -4.92 -14.54
CA TYR C 30 23.16 -3.77 -14.15
C TYR C 30 22.81 -2.90 -15.35
N ALA C 31 23.81 -2.61 -16.17
CA ALA C 31 23.61 -1.78 -17.34
C ALA C 31 22.56 -2.35 -18.28
N MET C 32 22.64 -3.65 -18.55
CA MET C 32 21.74 -4.28 -19.51
C MET C 32 20.31 -4.33 -19.01
N SER C 33 20.12 -4.66 -17.74
CA SER C 33 18.78 -4.77 -17.17
C SER C 33 18.11 -3.40 -17.10
N VAL C 34 18.89 -2.38 -16.76
CA VAL C 34 18.40 -1.01 -16.77
C VAL C 34 17.99 -0.57 -18.17
N ILE C 35 18.84 -0.87 -19.15
CA ILE C 35 18.60 -0.50 -20.53
C ILE C 35 17.31 -1.15 -21.05
N VAL C 36 17.19 -2.45 -20.84
CA VAL C 36 16.09 -3.23 -21.41
C VAL C 36 14.90 -3.31 -20.46
N GLY C 37 15.19 -3.30 -19.17
CA GLY C 37 14.21 -3.62 -18.14
C GLY C 37 13.87 -2.54 -17.12
N ARG C 38 14.17 -1.26 -17.40
CA ARG C 38 13.84 -0.21 -16.45
C ARG C 38 13.59 1.17 -17.07
N ALA C 39 14.61 1.74 -17.70
CA ALA C 39 14.61 3.16 -18.05
C ALA C 39 14.05 3.47 -19.43
N LEU C 40 14.10 2.52 -20.34
CA LEU C 40 13.77 2.78 -21.75
C LEU C 40 12.48 2.09 -22.20
N PRO C 41 11.71 2.76 -23.08
CA PRO C 41 10.42 2.23 -23.54
C PRO C 41 10.53 1.15 -24.62
N GLU C 42 9.63 0.18 -24.57
CA GLU C 42 9.41 -0.75 -25.66
C GLU C 42 8.79 0.00 -26.83
N VAL C 43 9.29 -0.22 -28.04
CA VAL C 43 8.86 0.54 -29.21
C VAL C 43 7.40 0.29 -29.56
N ARG C 44 6.90 -0.90 -29.24
CA ARG C 44 5.57 -1.32 -29.65
C ARG C 44 4.43 -0.67 -28.86
N ASP C 45 4.62 -0.45 -27.56
CA ASP C 45 3.60 0.20 -26.73
C ASP C 45 4.14 1.45 -26.02
N GLY C 46 5.43 1.72 -26.18
CA GLY C 46 6.02 2.93 -25.63
C GLY C 46 6.07 2.95 -24.12
N LEU C 47 5.98 1.78 -23.49
CA LEU C 47 5.92 1.68 -22.04
C LEU C 47 7.20 1.11 -21.44
N LYS C 48 7.57 1.64 -20.27
CA LYS C 48 8.59 1.03 -19.44
C LYS C 48 7.89 -0.03 -18.56
N PRO C 49 8.66 -0.97 -18.01
CA PRO C 49 8.10 -2.06 -17.20
C PRO C 49 7.16 -1.59 -16.09
N VAL C 50 7.53 -0.53 -15.37
CA VAL C 50 6.71 -0.06 -14.27
C VAL C 50 5.35 0.42 -14.78
N HIS C 51 5.35 1.10 -15.92
CA HIS C 51 4.12 1.57 -16.53
C HIS C 51 3.23 0.39 -16.89
N ARG C 52 3.81 -0.55 -17.63
CA ARG C 52 3.08 -1.71 -18.12
C ARG C 52 2.49 -2.53 -16.97
N ARG C 53 3.23 -2.61 -15.86
CA ARG C 53 2.82 -3.43 -14.74
C ARG C 53 1.75 -2.74 -13.88
N VAL C 54 1.86 -1.43 -13.72
CA VAL C 54 0.82 -0.66 -13.05
C VAL C 54 -0.50 -0.77 -13.81
N LEU C 55 -0.45 -0.52 -15.11
CA LEU C 55 -1.66 -0.50 -15.93
C LEU C 55 -2.34 -1.86 -15.96
N TYR C 56 -1.57 -2.92 -16.09
CA TYR C 56 -2.14 -4.26 -16.14
C TYR C 56 -2.73 -4.64 -14.78
N ALA C 57 -2.05 -4.22 -13.71
CA ALA C 57 -2.52 -4.48 -12.36
C ALA C 57 -3.89 -3.83 -12.14
N MET C 58 -4.00 -2.56 -12.53
CA MET C 58 -5.25 -1.83 -12.42
C MET C 58 -6.32 -2.49 -13.27
N PHE C 59 -5.92 -2.93 -14.47
CA PHE C 59 -6.81 -3.58 -15.41
C PHE C 59 -7.36 -4.88 -14.83
N ASP C 60 -6.45 -5.74 -14.38
CA ASP C 60 -6.83 -7.03 -13.82
C ASP C 60 -7.68 -6.87 -12.56
N SER C 61 -7.44 -5.78 -11.83
CA SER C 61 -8.17 -5.51 -10.60
C SER C 61 -9.56 -4.95 -10.87
N GLY C 62 -9.83 -4.60 -12.12
CA GLY C 62 -11.12 -4.07 -12.51
C GLY C 62 -11.26 -2.58 -12.25
N PHE C 63 -10.14 -1.92 -11.96
CA PHE C 63 -10.14 -0.48 -11.74
C PHE C 63 -10.27 0.25 -13.08
N ARG C 64 -11.48 0.16 -13.66
CA ARG C 64 -11.73 0.63 -15.01
C ARG C 64 -12.72 1.81 -14.99
N PRO C 65 -12.81 2.58 -16.09
CA PRO C 65 -13.67 3.76 -16.09
C PRO C 65 -15.17 3.46 -15.94
N ASP C 66 -15.57 2.19 -16.03
CA ASP C 66 -16.98 1.83 -15.85
C ASP C 66 -17.28 1.52 -14.39
N ARG C 67 -16.34 1.85 -13.52
CA ARG C 67 -16.53 1.71 -12.08
C ARG C 67 -15.82 2.86 -11.37
N SER C 68 -16.21 3.12 -10.13
CA SER C 68 -15.68 4.24 -9.37
C SER C 68 -14.18 4.11 -9.18
N HIS C 69 -13.52 5.24 -8.97
CA HIS C 69 -12.09 5.25 -8.67
C HIS C 69 -11.81 4.42 -7.43
N ALA C 70 -10.88 3.49 -7.53
CA ALA C 70 -10.42 2.73 -6.38
C ALA C 70 -9.33 3.52 -5.67
N LYS C 71 -9.16 3.30 -4.38
CA LYS C 71 -8.08 3.93 -3.64
C LYS C 71 -6.76 3.58 -4.30
N SER C 72 -5.94 4.59 -4.57
CA SER C 72 -4.72 4.40 -5.34
C SER C 72 -3.75 3.46 -4.63
N ALA C 73 -3.88 3.34 -3.32
CA ALA C 73 -3.06 2.42 -2.54
C ALA C 73 -3.28 0.99 -3.03
N ARG C 74 -4.51 0.68 -3.41
CA ARG C 74 -4.83 -0.66 -3.87
C ARG C 74 -4.15 -0.98 -5.19
N SER C 75 -3.98 0.03 -6.03
CA SER C 75 -3.30 -0.14 -7.31
C SER C 75 -1.81 -0.38 -7.10
N VAL C 76 -1.21 0.42 -6.22
CA VAL C 76 0.21 0.29 -5.89
C VAL C 76 0.48 -1.09 -5.30
N ALA C 77 -0.32 -1.49 -4.32
CA ALA C 77 -0.14 -2.76 -3.63
C ALA C 77 -0.30 -3.96 -4.57
N GLU C 78 -1.29 -3.87 -5.45
CA GLU C 78 -1.54 -4.95 -6.40
C GLU C 78 -0.38 -5.07 -7.39
N THR C 79 0.19 -3.93 -7.77
CA THR C 79 1.35 -3.91 -8.64
C THR C 79 2.55 -4.53 -7.92
N MET C 80 2.75 -4.12 -6.67
CA MET C 80 3.87 -4.61 -5.85
C MET C 80 3.84 -6.11 -5.62
N GLY C 81 2.65 -6.63 -5.33
CA GLY C 81 2.51 -7.99 -4.86
C GLY C 81 2.50 -9.06 -5.93
N ASN C 82 2.35 -8.65 -7.20
CA ASN C 82 2.19 -9.61 -8.28
C ASN C 82 3.12 -9.41 -9.47
N TYR C 83 3.58 -8.18 -9.69
CA TYR C 83 4.29 -7.85 -10.93
C TYR C 83 5.60 -7.07 -10.76
N HIS C 84 5.57 -6.04 -9.91
CA HIS C 84 6.72 -5.14 -9.78
C HIS C 84 7.37 -5.27 -8.40
N PRO C 85 8.47 -6.04 -8.31
CA PRO C 85 9.08 -6.29 -7.01
C PRO C 85 9.91 -5.11 -6.51
N HIS C 86 9.25 -3.98 -6.26
CA HIS C 86 9.95 -2.77 -5.83
C HIS C 86 9.09 -2.02 -4.81
N GLY C 87 9.46 -0.77 -4.54
CA GLY C 87 8.85 -0.04 -3.45
C GLY C 87 7.55 0.68 -3.77
N ASP C 88 6.67 0.75 -2.77
CA ASP C 88 5.38 1.40 -2.91
C ASP C 88 5.53 2.89 -3.21
N SER C 89 6.56 3.50 -2.64
CA SER C 89 6.78 4.93 -2.78
C SER C 89 7.01 5.34 -4.23
N SER C 90 8.01 4.74 -4.86
CA SER C 90 8.39 5.13 -6.22
C SER C 90 7.34 4.63 -7.23
N ILE C 91 6.69 3.53 -6.91
CA ILE C 91 5.63 3.02 -7.77
C ILE C 91 4.47 4.00 -7.80
N TYR C 92 4.16 4.58 -6.64
CA TYR C 92 3.10 5.58 -6.58
C TYR C 92 3.48 6.80 -7.42
N ASP C 93 4.76 7.18 -7.38
CA ASP C 93 5.23 8.33 -8.17
C ASP C 93 5.02 8.10 -9.66
N SER C 94 5.23 6.86 -10.10
CA SER C 94 5.06 6.53 -11.51
C SER C 94 3.58 6.55 -11.90
N LEU C 95 2.73 6.09 -10.98
CA LEU C 95 1.29 6.12 -11.20
C LEU C 95 0.78 7.56 -11.26
N VAL C 96 1.28 8.40 -10.36
CA VAL C 96 0.87 9.79 -10.28
C VAL C 96 1.19 10.50 -11.60
N ARG C 97 2.40 10.29 -12.11
CA ARG C 97 2.81 10.91 -13.36
C ARG C 97 1.85 10.60 -14.49
N MET C 98 1.41 9.34 -14.58
CA MET C 98 0.55 8.91 -15.67
C MET C 98 -0.85 9.51 -15.56
N ALA C 99 -1.10 10.29 -14.51
CA ALA C 99 -2.40 10.91 -14.28
C ALA C 99 -2.39 12.43 -14.42
N GLN C 100 -1.19 13.00 -14.62
CA GLN C 100 -1.04 14.46 -14.73
C GLN C 100 -1.20 14.93 -16.17
N PRO C 101 -2.18 15.83 -16.43
CA PRO C 101 -2.39 16.29 -17.81
C PRO C 101 -1.25 17.13 -18.38
N TRP C 102 -0.35 17.61 -17.52
CA TRP C 102 0.78 18.43 -17.97
C TRP C 102 2.02 17.57 -18.21
N SER C 103 1.95 16.31 -17.83
CA SER C 103 3.03 15.37 -18.05
C SER C 103 2.78 14.52 -19.29
N LEU C 104 1.65 13.80 -19.29
CA LEU C 104 1.26 12.98 -20.43
C LEU C 104 0.30 13.72 -21.36
N ARG C 105 0.63 13.72 -22.66
CA ARG C 105 -0.24 14.32 -23.67
C ARG C 105 -1.60 13.62 -23.69
N TYR C 106 -1.57 12.33 -23.39
CA TYR C 106 -2.78 11.51 -23.30
C TYR C 106 -2.72 10.65 -22.05
N PRO C 107 -3.17 11.19 -20.92
CA PRO C 107 -3.11 10.49 -19.62
C PRO C 107 -3.65 9.07 -19.67
N LEU C 108 -2.97 8.14 -19.01
CA LEU C 108 -3.38 6.75 -18.97
C LEU C 108 -4.08 6.42 -17.66
N VAL C 109 -3.91 7.28 -16.66
CA VAL C 109 -4.55 7.10 -15.37
C VAL C 109 -5.49 8.26 -15.08
N ASP C 110 -6.71 7.92 -14.69
CA ASP C 110 -7.69 8.91 -14.27
C ASP C 110 -7.57 9.12 -12.76
N GLY C 111 -6.92 10.20 -12.37
CA GLY C 111 -6.71 10.50 -10.96
C GLY C 111 -7.84 11.30 -10.36
N GLN C 112 -8.19 10.98 -9.11
CA GLN C 112 -9.17 11.76 -8.36
C GLN C 112 -8.54 12.25 -7.06
N GLY C 113 -8.39 13.57 -6.95
CA GLY C 113 -7.82 14.19 -5.78
C GLY C 113 -6.67 15.11 -6.14
N ASN C 114 -5.74 15.28 -5.19
CA ASN C 114 -4.58 16.14 -5.39
C ASN C 114 -3.41 15.37 -6.00
N PHE C 115 -3.17 15.60 -7.29
CA PHE C 115 -2.06 14.97 -8.00
C PHE C 115 -0.97 15.98 -8.35
N GLY C 116 -0.92 17.08 -7.60
CA GLY C 116 0.13 18.07 -7.75
C GLY C 116 -0.21 19.14 -8.77
N SER C 117 0.81 19.88 -9.18
CA SER C 117 0.65 20.96 -10.14
C SER C 117 1.89 21.07 -11.04
N PRO C 118 1.81 21.87 -12.11
CA PRO C 118 2.98 22.08 -12.96
C PRO C 118 4.14 22.79 -12.25
N GLY C 119 3.88 23.27 -11.03
CA GLY C 119 4.90 23.93 -10.23
C GLY C 119 5.54 23.01 -9.20
N ASN C 120 5.89 23.57 -8.05
CA ASN C 120 6.57 22.82 -6.99
C ASN C 120 5.61 22.23 -5.96
N ASP C 121 4.31 22.37 -6.21
CA ASP C 121 3.31 21.77 -5.32
C ASP C 121 3.31 20.26 -5.49
N PRO C 122 3.78 19.52 -4.47
CA PRO C 122 3.87 18.06 -4.67
C PRO C 122 2.49 17.40 -4.63
N PRO C 123 2.37 16.21 -5.23
CA PRO C 123 1.10 15.49 -5.16
C PRO C 123 0.79 15.03 -3.74
N ALA C 124 -0.49 14.83 -3.44
CA ALA C 124 -0.89 14.30 -2.14
C ALA C 124 -0.41 12.87 -1.99
N ALA C 125 -0.31 12.42 -0.74
CA ALA C 125 0.15 11.07 -0.47
C ALA C 125 -0.87 10.04 -0.94
N MET C 126 -0.39 8.81 -1.12
CA MET C 126 -1.18 7.67 -1.57
C MET C 126 -2.59 7.61 -0.96
N ARG C 127 -2.67 7.79 0.35
CA ARG C 127 -3.92 7.63 1.09
CA ARG C 127 -3.92 7.62 1.08
C ARG C 127 -5.00 8.62 0.67
N PTR C 128 -4.61 9.75 0.10
CA PTR C 128 -5.54 10.84 -0.13
C PTR C 128 -6.16 10.76 -1.49
O PTR C 128 -7.16 11.46 -1.76
CB PTR C 128 -4.82 12.19 -0.05
CG PTR C 128 -4.32 12.52 1.33
CD1 PTR C 128 -5.20 12.71 2.39
CD2 PTR C 128 -2.95 12.69 1.54
CE1 PTR C 128 -4.71 13.03 3.66
CE2 PTR C 128 -2.47 13.02 2.79
CZ PTR C 128 -3.34 13.18 3.86
OH PTR C 128 -2.86 13.51 5.10
P PTR C 128 -1.83 14.73 5.27
O1P PTR C 128 -2.41 15.83 4.42
O2P PTR C 128 -0.51 14.18 4.77
O3P PTR C 128 -1.84 15.01 6.76
HA PTR C 128 -6.25 10.84 0.55
HB2 PTR C 128 -4.05 12.16 -0.65
HB3 PTR C 128 -5.43 12.88 -0.33
HD1 PTR C 128 -6.12 12.60 2.26
HD2 PTR C 128 -2.36 12.58 0.83
HE1 PTR C 128 -5.29 13.14 4.37
HE2 PTR C 128 -1.54 13.11 2.92
N THR C 129 -5.58 9.94 -2.37
CA THR C 129 -5.97 9.93 -3.77
C THR C 129 -6.62 8.62 -4.20
N GLU C 130 -7.44 8.71 -5.23
CA GLU C 130 -8.07 7.55 -5.85
C GLU C 130 -7.65 7.55 -7.31
N ALA C 131 -7.76 6.40 -7.98
CA ALA C 131 -7.30 6.29 -9.35
C ALA C 131 -7.96 5.13 -10.09
N ARG C 132 -8.08 5.29 -11.40
CA ARG C 132 -8.55 4.24 -12.27
C ARG C 132 -7.97 4.48 -13.66
N LEU C 133 -8.15 3.53 -14.55
CA LEU C 133 -7.66 3.65 -15.92
C LEU C 133 -8.53 4.63 -16.71
N THR C 134 -7.92 5.31 -17.67
CA THR C 134 -8.64 6.18 -18.58
C THR C 134 -9.16 5.36 -19.77
N PRO C 135 -10.13 5.91 -20.50
CA PRO C 135 -10.65 5.23 -21.70
C PRO C 135 -9.56 4.88 -22.71
N LEU C 136 -8.56 5.74 -22.87
CA LEU C 136 -7.47 5.47 -23.79
C LEU C 136 -6.56 4.35 -23.28
N ALA C 137 -6.40 4.27 -21.96
CA ALA C 137 -5.61 3.20 -21.37
C ALA C 137 -6.33 1.87 -21.56
N MET C 138 -7.65 1.94 -21.71
CA MET C 138 -8.46 0.75 -21.95
C MET C 138 -8.20 0.23 -23.37
N GLU C 139 -7.76 1.14 -24.24
CA GLU C 139 -7.39 0.76 -25.61
C GLU C 139 -5.99 0.18 -25.65
N MET C 140 -5.15 0.56 -24.68
CA MET C 140 -3.82 -0.03 -24.55
C MET C 140 -3.96 -1.52 -24.26
N LEU C 141 -4.98 -1.87 -23.48
CA LEU C 141 -5.16 -3.21 -22.97
C LEU C 141 -6.26 -3.99 -23.70
N ARG C 142 -6.79 -3.39 -24.76
CA ARG C 142 -7.90 -3.98 -25.51
C ARG C 142 -7.62 -5.40 -25.99
N GLU C 143 -8.44 -6.33 -25.54
CA GLU C 143 -8.40 -7.73 -26.00
C GLU C 143 -7.06 -8.39 -25.66
N ILE C 144 -6.47 -7.97 -24.55
CA ILE C 144 -5.23 -8.56 -24.06
C ILE C 144 -5.48 -10.00 -23.61
N ASP C 145 -6.75 -10.31 -23.37
CA ASP C 145 -7.14 -11.64 -22.90
C ASP C 145 -7.41 -12.62 -24.03
N GLU C 146 -7.13 -12.21 -25.27
CA GLU C 146 -7.34 -13.06 -26.43
C GLU C 146 -6.02 -13.47 -27.07
N GLU C 147 -5.01 -13.66 -26.23
CA GLU C 147 -3.70 -14.14 -26.67
C GLU C 147 -3.11 -13.24 -27.75
N THR C 148 -3.35 -11.94 -27.61
CA THR C 148 -2.84 -10.96 -28.58
C THR C 148 -1.39 -10.60 -28.31
N VAL C 149 -0.90 -10.95 -27.12
CA VAL C 149 0.47 -10.67 -26.74
C VAL C 149 1.06 -11.82 -25.94
N ASP C 150 2.38 -11.93 -25.93
CA ASP C 150 3.06 -12.97 -25.16
C ASP C 150 3.01 -12.64 -23.67
N PHE C 151 2.71 -13.65 -22.88
CA PHE C 151 2.74 -13.54 -21.42
C PHE C 151 3.88 -14.38 -20.87
N ILE C 152 4.50 -13.90 -19.81
CA ILE C 152 5.54 -14.64 -19.10
C ILE C 152 5.24 -14.68 -17.61
N PRO C 153 5.82 -15.66 -16.89
CA PRO C 153 5.61 -15.71 -15.44
C PRO C 153 6.17 -14.47 -14.75
N ASN C 154 5.54 -14.07 -13.64
CA ASN C 154 5.99 -12.90 -12.90
C ASN C 154 7.28 -13.19 -12.14
N TYR C 155 7.61 -12.33 -11.18
CA TYR C 155 8.91 -12.39 -10.54
C TYR C 155 9.07 -13.60 -9.60
N ASP C 156 7.98 -14.29 -9.29
CA ASP C 156 8.04 -15.49 -8.46
C ASP C 156 7.20 -16.64 -9.05
N GLY C 157 6.83 -16.50 -10.31
CA GLY C 157 6.17 -17.58 -11.05
C GLY C 157 4.80 -17.99 -10.55
N ARG C 158 4.19 -17.19 -9.68
CA ARG C 158 2.85 -17.49 -9.18
C ARG C 158 1.80 -17.13 -10.22
N VAL C 159 2.03 -16.05 -10.97
CA VAL C 159 1.07 -15.58 -11.97
C VAL C 159 1.76 -15.11 -13.25
N GLN C 160 0.96 -14.85 -14.28
CA GLN C 160 1.45 -14.39 -15.57
C GLN C 160 1.36 -12.88 -15.70
N GLU C 161 2.29 -12.29 -16.45
CA GLU C 161 2.24 -10.88 -16.79
C GLU C 161 2.52 -10.70 -18.28
N PRO C 162 1.97 -9.63 -18.89
CA PRO C 162 2.18 -9.38 -20.31
C PRO C 162 3.56 -8.82 -20.62
N THR C 163 4.18 -9.28 -21.70
CA THR C 163 5.47 -8.76 -22.12
C THR C 163 5.32 -7.39 -22.78
N VAL C 164 4.18 -7.18 -23.44
CA VAL C 164 3.88 -5.92 -24.08
C VAL C 164 2.36 -5.81 -24.18
N LEU C 165 1.83 -4.59 -24.24
CA LEU C 165 0.39 -4.40 -24.34
C LEU C 165 -0.04 -4.32 -25.81
N PRO C 166 -1.31 -4.68 -26.09
CA PRO C 166 -1.86 -4.55 -27.44
C PRO C 166 -1.65 -3.16 -28.03
N SER C 167 -1.84 -2.13 -27.20
CA SER C 167 -1.55 -0.75 -27.58
C SER C 167 -2.24 -0.38 -28.90
N ARG C 168 -3.56 -0.24 -28.85
CA ARG C 168 -4.33 0.01 -30.06
C ARG C 168 -4.30 1.48 -30.49
N PHE C 169 -3.34 2.22 -29.95
CA PHE C 169 -3.00 3.54 -30.47
C PHE C 169 -1.51 3.79 -30.23
N PRO C 170 -0.83 4.47 -31.17
CA PRO C 170 0.63 4.62 -31.09
C PRO C 170 1.06 5.42 -29.86
N ASN C 171 1.17 4.75 -28.72
CA ASN C 171 1.37 5.41 -27.45
C ASN C 171 2.78 6.01 -27.30
N LEU C 172 3.78 5.35 -27.87
CA LEU C 172 5.15 5.84 -27.76
C LEU C 172 5.28 7.23 -28.36
N LEU C 173 4.77 7.39 -29.58
CA LEU C 173 4.83 8.67 -30.26
C LEU C 173 3.84 9.66 -29.65
N ALA C 174 2.71 9.15 -29.19
CA ALA C 174 1.64 10.01 -28.66
C ALA C 174 2.07 10.67 -27.35
N ASN C 175 2.45 9.86 -26.38
CA ASN C 175 2.81 10.34 -25.05
C ASN C 175 4.29 10.58 -24.88
N GLY C 176 5.09 10.10 -25.83
CA GLY C 176 6.53 10.29 -25.75
C GLY C 176 7.14 9.47 -24.63
N SER C 177 8.41 9.71 -24.36
CA SER C 177 9.12 9.00 -23.30
C SER C 177 10.46 9.67 -23.01
N GLY C 178 10.83 9.71 -21.74
CA GLY C 178 12.13 10.20 -21.32
C GLY C 178 12.71 9.27 -20.28
N GLY C 179 13.97 8.88 -20.45
CA GLY C 179 14.59 7.93 -19.54
C GLY C 179 16.11 7.93 -19.58
N ILE C 180 16.71 7.90 -18.40
CA ILE C 180 18.16 7.83 -18.25
C ILE C 180 18.57 6.41 -17.91
N ALA C 181 19.31 5.78 -18.80
CA ALA C 181 19.76 4.40 -18.61
C ALA C 181 21.26 4.41 -18.30
N VAL C 182 21.96 3.36 -18.75
CA VAL C 182 23.41 3.30 -18.61
C VAL C 182 24.04 3.30 -20.00
N GLY C 183 24.97 4.23 -20.21
CA GLY C 183 25.62 4.38 -21.50
C GLY C 183 24.74 5.06 -22.53
N MET C 184 23.47 5.29 -22.20
CA MET C 184 22.54 5.92 -23.14
C MET C 184 21.28 6.41 -22.43
N ALA C 185 20.51 7.24 -23.13
CA ALA C 185 19.27 7.78 -22.62
C ALA C 185 18.32 8.10 -23.76
N THR C 186 17.02 8.15 -23.48
CA THR C 186 16.01 8.45 -24.48
C THR C 186 15.29 9.75 -24.14
N ASN C 187 14.76 10.41 -25.17
CA ASN C 187 13.96 11.61 -24.97
C ASN C 187 13.05 11.84 -26.18
N ILE C 188 11.94 11.11 -26.20
CA ILE C 188 10.96 11.20 -27.28
C ILE C 188 9.82 12.13 -26.89
N PRO C 189 9.54 13.15 -27.72
CA PRO C 189 8.45 14.09 -27.39
C PRO C 189 7.08 13.51 -27.70
N PRO C 190 6.03 14.04 -27.07
CA PRO C 190 4.66 13.60 -27.39
C PRO C 190 4.16 14.20 -28.70
N HIS C 191 3.16 13.56 -29.30
CA HIS C 191 2.63 13.99 -30.60
C HIS C 191 1.11 13.98 -30.61
N ASN C 192 0.53 14.67 -31.58
CA ASN C 192 -0.90 14.73 -31.76
C ASN C 192 -1.44 13.42 -32.34
N LEU C 193 -2.42 12.83 -31.66
CA LEU C 193 -2.94 11.52 -32.04
C LEU C 193 -3.49 11.49 -33.47
N ARG C 194 -4.19 12.55 -33.87
CA ARG C 194 -4.80 12.60 -35.20
C ARG C 194 -3.74 12.59 -36.31
N GLU C 195 -2.63 13.28 -36.07
CA GLU C 195 -1.55 13.33 -37.05
C GLU C 195 -0.86 11.97 -37.15
N LEU C 196 -0.67 11.33 -36.00
CA LEU C 196 -0.06 10.00 -35.98
C LEU C 196 -0.94 9.00 -36.70
N ALA C 197 -2.26 9.16 -36.55
CA ALA C 197 -3.21 8.26 -37.18
C ALA C 197 -3.12 8.35 -38.70
N ASP C 198 -3.01 9.59 -39.20
CA ASP C 198 -2.85 9.81 -40.63
C ASP C 198 -1.58 9.10 -41.13
N ALA C 199 -0.51 9.18 -40.35
CA ALA C 199 0.74 8.52 -40.69
C ALA C 199 0.54 7.01 -40.75
N VAL C 200 -0.18 6.47 -39.77
CA VAL C 200 -0.46 5.04 -39.73
C VAL C 200 -1.35 4.62 -40.89
N PHE C 201 -2.34 5.45 -41.21
CA PHE C 201 -3.27 5.14 -42.30
C PHE C 201 -2.52 5.07 -43.63
N TRP C 202 -1.52 5.93 -43.79
CA TRP C 202 -0.72 5.94 -45.00
C TRP C 202 0.15 4.69 -45.07
N ALA C 203 0.74 4.34 -43.93
CA ALA C 203 1.62 3.18 -43.85
C ALA C 203 0.88 1.89 -44.15
N LEU C 204 -0.41 1.84 -43.79
CA LEU C 204 -1.24 0.67 -44.05
C LEU C 204 -1.61 0.57 -45.53
N GLU C 205 -1.92 1.70 -46.15
CA GLU C 205 -2.27 1.73 -47.56
C GLU C 205 -1.04 1.43 -48.40
N ASN C 206 0.06 2.13 -48.11
CA ASN C 206 1.32 1.93 -48.81
C ASN C 206 2.23 0.97 -48.06
N HIS C 207 1.81 -0.28 -47.95
CA HIS C 207 2.53 -1.28 -47.17
C HIS C 207 3.80 -1.78 -47.88
N ASP C 208 3.93 -1.47 -49.16
CA ASP C 208 5.10 -1.88 -49.94
C ASP C 208 6.11 -0.76 -50.12
N ALA C 209 5.72 0.46 -49.75
CA ALA C 209 6.60 1.61 -49.90
C ALA C 209 7.91 1.42 -49.14
N ASP C 210 9.00 1.89 -49.72
CA ASP C 210 10.32 1.77 -49.10
C ASP C 210 10.50 2.84 -48.02
N GLU C 211 11.60 2.74 -47.30
CA GLU C 211 11.88 3.64 -46.18
C GLU C 211 11.98 5.10 -46.63
N GLU C 212 12.52 5.30 -47.83
CA GLU C 212 12.70 6.65 -48.38
C GLU C 212 11.36 7.33 -48.68
N GLU C 213 10.43 6.60 -49.27
CA GLU C 213 9.11 7.14 -49.57
C GLU C 213 8.29 7.29 -48.30
N THR C 214 8.39 6.29 -47.43
CA THR C 214 7.62 6.25 -46.19
C THR C 214 7.97 7.43 -45.30
N LEU C 215 9.26 7.72 -45.19
CA LEU C 215 9.73 8.83 -44.36
C LEU C 215 9.19 10.15 -44.86
N ALA C 216 9.12 10.31 -46.18
CA ALA C 216 8.61 11.53 -46.79
C ALA C 216 7.13 11.70 -46.49
N ALA C 217 6.39 10.59 -46.55
CA ALA C 217 4.94 10.62 -46.33
C ALA C 217 4.61 10.87 -44.87
N VAL C 218 5.27 10.16 -43.97
CA VAL C 218 4.99 10.26 -42.54
C VAL C 218 5.38 11.64 -42.00
N MET C 219 6.44 12.21 -42.54
CA MET C 219 6.89 13.52 -42.09
C MET C 219 5.93 14.63 -42.53
N GLY C 220 5.26 14.40 -43.65
CA GLY C 220 4.28 15.35 -44.16
C GLY C 220 3.01 15.37 -43.31
N ARG C 221 2.73 14.25 -42.65
CA ARG C 221 1.51 14.12 -41.86
C ARG C 221 1.75 14.42 -40.38
N VAL C 222 2.91 14.01 -39.88
CA VAL C 222 3.33 14.37 -38.53
C VAL C 222 4.10 15.68 -38.60
N LYS C 223 3.40 16.79 -38.38
CA LYS C 223 4.00 18.11 -38.55
C LYS C 223 5.02 18.42 -37.45
N GLY C 224 4.95 17.70 -36.35
CA GLY C 224 5.88 17.89 -35.26
C GLY C 224 5.28 17.48 -33.93
N PRO C 225 6.09 17.57 -32.86
CA PRO C 225 5.61 17.21 -31.52
C PRO C 225 4.42 18.07 -31.11
N ASP C 226 3.55 17.51 -30.28
CA ASP C 226 2.42 18.24 -29.74
C ASP C 226 2.43 18.10 -28.22
N PHE C 227 2.94 19.13 -27.55
CA PHE C 227 3.14 19.08 -26.10
C PHE C 227 1.84 19.36 -25.35
N PRO C 228 1.64 18.69 -24.20
CA PRO C 228 0.43 18.93 -23.38
C PRO C 228 0.35 20.35 -22.84
N THR C 229 1.49 21.02 -22.74
CA THR C 229 1.55 22.38 -22.20
C THR C 229 1.42 23.44 -23.29
N ALA C 230 0.95 23.02 -24.47
CA ALA C 230 0.77 23.91 -25.61
C ALA C 230 2.09 24.60 -25.99
N GLY C 231 2.11 25.94 -25.95
CA GLY C 231 3.31 26.68 -26.28
C GLY C 231 3.55 26.75 -27.79
N LEU C 232 4.77 27.08 -28.17
CA LEU C 232 5.14 27.26 -29.57
C LEU C 232 6.33 26.40 -29.95
N ILE C 233 6.40 26.02 -31.21
CA ILE C 233 7.59 25.40 -31.79
C ILE C 233 8.14 26.34 -32.87
N VAL C 234 9.37 26.79 -32.66
CA VAL C 234 10.02 27.72 -33.58
C VAL C 234 11.03 26.98 -34.46
N GLY C 235 10.89 27.15 -35.77
CA GLY C 235 11.78 26.51 -36.72
C GLY C 235 11.27 25.14 -37.14
N SER C 236 11.92 24.55 -38.14
CA SER C 236 11.52 23.25 -38.67
C SER C 236 12.69 22.28 -38.80
N GLN C 237 13.91 22.81 -38.66
CA GLN C 237 15.12 21.99 -38.84
C GLN C 237 15.25 20.93 -37.75
N GLY C 238 15.11 21.34 -36.50
CA GLY C 238 15.26 20.42 -35.38
C GLY C 238 14.28 19.26 -35.46
N THR C 239 13.03 19.57 -35.82
CA THR C 239 12.00 18.56 -35.99
C THR C 239 12.40 17.58 -37.09
N ALA C 240 12.82 18.14 -38.23
CA ALA C 240 13.23 17.34 -39.38
C ALA C 240 14.42 16.45 -39.02
N ASP C 241 15.38 17.00 -38.29
CA ASP C 241 16.55 16.23 -37.86
C ASP C 241 16.14 15.02 -37.04
N ALA C 242 15.25 15.23 -36.08
CA ALA C 242 14.81 14.17 -35.18
C ALA C 242 14.15 13.02 -35.95
N TYR C 243 13.41 13.37 -37.00
CA TYR C 243 12.68 12.37 -37.78
C TYR C 243 13.56 11.65 -38.80
N LYS C 244 14.65 12.29 -39.22
CA LYS C 244 15.55 11.72 -40.22
C LYS C 244 16.78 11.05 -39.57
N THR C 245 17.18 11.57 -38.40
CA THR C 245 18.38 11.11 -37.71
C THR C 245 18.06 10.31 -36.46
N GLY C 246 16.99 10.72 -35.78
CA GLY C 246 16.66 10.20 -34.47
C GLY C 246 17.16 11.14 -33.39
N ARG C 247 17.81 12.21 -33.82
CA ARG C 247 18.28 13.27 -32.93
C ARG C 247 18.11 14.65 -33.56
N GLY C 248 17.63 15.59 -32.74
CA GLY C 248 17.39 16.95 -33.18
C GLY C 248 17.03 17.85 -32.03
N SER C 249 17.35 19.14 -32.17
CA SER C 249 17.08 20.13 -31.12
C SER C 249 15.90 21.02 -31.51
N ILE C 250 14.75 20.77 -30.88
CA ILE C 250 13.53 21.49 -31.20
C ILE C 250 13.33 22.68 -30.27
N ARG C 251 13.27 23.87 -30.85
CA ARG C 251 13.13 25.11 -30.08
C ARG C 251 11.69 25.33 -29.68
N MET C 252 11.45 25.43 -28.38
CA MET C 252 10.11 25.69 -27.85
C MET C 252 9.99 27.11 -27.32
N ARG C 253 8.77 27.63 -27.28
CA ARG C 253 8.50 28.93 -26.68
C ARG C 253 7.14 28.94 -26.01
N GLY C 254 7.02 29.75 -24.96
CA GLY C 254 5.73 29.99 -24.33
C GLY C 254 4.96 31.03 -25.12
N VAL C 255 3.81 31.44 -24.60
CA VAL C 255 3.00 32.47 -25.24
C VAL C 255 3.00 33.74 -24.41
N VAL C 256 3.31 34.86 -25.06
CA VAL C 256 3.34 36.16 -24.41
C VAL C 256 2.41 37.13 -25.11
N GLU C 257 1.58 37.80 -24.31
CA GLU C 257 0.63 38.78 -24.82
C GLU C 257 0.82 40.10 -24.09
N VAL C 258 1.14 41.15 -24.84
CA VAL C 258 1.41 42.47 -24.27
C VAL C 258 0.11 43.21 -23.95
N GLU C 259 -0.03 43.61 -22.69
CA GLU C 259 -1.19 44.38 -22.24
C GLU C 259 -0.79 45.80 -21.87
N GLU C 260 -1.72 46.72 -22.09
CA GLU C 260 -1.53 48.14 -21.76
C GLU C 260 -2.44 48.53 -20.59
N ASP C 261 -2.00 49.51 -19.81
CA ASP C 261 -2.68 49.91 -18.59
C ASP C 261 -3.40 51.24 -18.79
N SER C 262 -4.26 51.61 -17.84
CA SER C 262 -5.00 52.86 -17.91
C SER C 262 -4.05 54.06 -17.86
N ARG C 263 -3.04 53.97 -17.01
CA ARG C 263 -2.04 55.02 -16.90
C ARG C 263 -1.31 55.08 -18.24
N GLY C 264 -1.05 53.90 -18.77
CA GLY C 264 -0.41 53.70 -20.06
C GLY C 264 0.84 52.86 -19.87
N ARG C 265 0.90 52.21 -18.72
CA ARG C 265 1.96 51.25 -18.43
C ARG C 265 1.72 49.98 -19.24
N THR C 266 2.79 49.36 -19.72
CA THR C 266 2.68 48.08 -20.41
C THR C 266 3.10 46.93 -19.50
N SER C 267 2.49 45.77 -19.69
CA SER C 267 2.85 44.57 -18.95
C SER C 267 2.77 43.35 -19.86
N LEU C 268 3.67 42.40 -19.65
CA LEU C 268 3.68 41.16 -20.41
C LEU C 268 2.94 40.06 -19.65
N VAL C 269 2.05 39.35 -20.34
CA VAL C 269 1.29 38.27 -19.71
C VAL C 269 1.63 36.92 -20.33
N ILE C 270 2.28 36.07 -19.54
CA ILE C 270 2.64 34.72 -19.98
C ILE C 270 1.57 33.73 -19.58
N THR C 271 0.93 33.11 -20.58
CA THR C 271 -0.17 32.19 -20.34
C THR C 271 0.19 30.75 -20.67
N GLU C 272 1.35 30.56 -21.30
CA GLU C 272 1.83 29.22 -21.65
C GLU C 272 3.34 29.16 -21.52
N LEU C 273 3.86 27.99 -21.17
CA LEU C 273 5.30 27.77 -21.11
C LEU C 273 5.65 26.49 -21.86
N PRO C 274 6.91 26.38 -22.31
CA PRO C 274 7.31 25.17 -23.04
C PRO C 274 7.27 23.92 -22.17
N TYR C 275 7.35 22.77 -22.83
CA TYR C 275 7.21 21.47 -22.18
C TYR C 275 8.21 21.27 -21.03
N GLN C 276 7.71 20.75 -19.92
CA GLN C 276 8.54 20.38 -18.77
C GLN C 276 9.29 21.56 -18.15
N VAL C 277 8.65 22.72 -18.13
CA VAL C 277 9.18 23.88 -17.42
C VAL C 277 8.36 24.15 -16.16
N ASN C 278 9.01 24.04 -15.01
CA ASN C 278 8.35 24.25 -13.73
C ASN C 278 7.92 25.71 -13.58
N HIS C 279 6.63 25.92 -13.34
CA HIS C 279 6.06 27.26 -13.25
C HIS C 279 6.70 28.08 -12.14
N ASP C 280 6.93 27.45 -10.99
CA ASP C 280 7.48 28.15 -9.84
C ASP C 280 8.97 28.44 -10.02
N ASN C 281 9.71 27.48 -10.56
CA ASN C 281 11.13 27.68 -10.84
C ASN C 281 11.34 28.78 -11.86
N PHE C 282 10.39 28.89 -12.79
CA PHE C 282 10.43 29.91 -13.83
C PHE C 282 10.26 31.30 -13.24
N ILE C 283 9.28 31.47 -12.36
CA ILE C 283 9.03 32.76 -11.73
C ILE C 283 10.20 33.13 -10.84
N THR C 284 10.74 32.15 -10.12
CA THR C 284 11.86 32.40 -9.22
C THR C 284 13.11 32.80 -9.99
N SER C 285 13.30 32.21 -11.17
CA SER C 285 14.48 32.49 -11.99
C SER C 285 14.45 33.94 -12.46
N ILE C 286 13.28 34.40 -12.89
CA ILE C 286 13.10 35.77 -13.32
C ILE C 286 13.30 36.72 -12.15
N ALA C 287 12.83 36.32 -10.98
CA ALA C 287 12.92 37.15 -9.79
C ALA C 287 14.38 37.31 -9.37
N GLU C 288 15.15 36.24 -9.48
CA GLU C 288 16.56 36.26 -9.10
C GLU C 288 17.40 36.96 -10.16
N GLN C 289 16.90 37.00 -11.40
CA GLN C 289 17.62 37.63 -12.50
C GLN C 289 17.31 39.13 -12.59
N VAL C 290 16.52 39.63 -11.68
CA VAL C 290 16.24 41.04 -11.61
C VAL C 290 16.97 41.54 -10.40
N ARG C 291 16.86 40.77 -9.32
CA ARG C 291 17.59 41.03 -8.09
C ARG C 291 18.99 41.52 -8.40
N ASP C 292 19.81 40.61 -8.94
CA ASP C 292 21.14 40.98 -9.42
C ASP C 292 20.95 42.09 -10.44
N GLY C 293 19.99 41.89 -11.34
CA GLY C 293 19.58 42.94 -12.24
C GLY C 293 19.89 42.71 -13.72
N LYS C 294 20.01 41.46 -14.15
CA LYS C 294 20.24 41.22 -15.54
C LYS C 294 19.06 41.24 -16.48
N LEU C 295 17.89 41.65 -15.98
CA LEU C 295 16.70 41.73 -16.78
C LEU C 295 16.07 43.06 -16.47
N ALA C 296 16.83 44.10 -16.70
CA ALA C 296 16.33 45.44 -16.50
C ALA C 296 15.15 45.69 -17.45
N GLY C 297 14.39 46.73 -17.15
CA GLY C 297 13.19 47.03 -17.93
C GLY C 297 11.96 46.45 -17.27
N ILE C 298 12.15 45.39 -16.49
CA ILE C 298 11.06 44.81 -15.72
C ILE C 298 10.86 45.65 -14.46
N SER C 299 9.60 45.96 -14.17
CA SER C 299 9.24 46.80 -13.03
C SER C 299 8.66 45.96 -11.89
N ASN C 300 7.90 44.94 -12.25
CA ASN C 300 7.20 44.12 -11.26
C ASN C 300 6.84 42.75 -11.80
N ILE C 301 6.95 41.73 -10.95
CA ILE C 301 6.60 40.36 -11.30
C ILE C 301 5.48 39.89 -10.38
N GLU C 302 4.35 39.52 -10.97
CA GLU C 302 3.19 39.09 -10.21
C GLU C 302 2.53 37.87 -10.83
N ASP C 303 2.33 36.82 -10.04
CA ASP C 303 1.68 35.60 -10.50
C ASP C 303 0.19 35.67 -10.22
N GLN C 304 -0.58 35.99 -11.26
CA GLN C 304 -2.03 36.11 -11.15
C GLN C 304 -2.72 34.83 -11.57
N SER C 305 -2.01 33.71 -11.43
CA SER C 305 -2.55 32.40 -11.81
C SER C 305 -3.63 31.92 -10.85
N SER C 306 -4.56 31.13 -11.37
CA SER C 306 -5.57 30.48 -10.56
C SER C 306 -6.09 29.26 -11.29
N ASP C 307 -6.85 28.43 -10.59
CA ASP C 307 -7.43 27.23 -11.17
C ASP C 307 -8.42 27.57 -12.29
N ARG C 308 -8.86 28.82 -12.34
CA ARG C 308 -9.93 29.23 -13.25
C ARG C 308 -9.42 29.97 -14.49
N VAL C 309 -8.24 30.58 -14.40
CA VAL C 309 -7.66 31.32 -15.53
C VAL C 309 -6.43 30.62 -16.08
N GLY C 310 -5.96 29.60 -15.38
CA GLY C 310 -4.77 28.88 -15.79
C GLY C 310 -3.53 29.71 -15.51
N LEU C 311 -2.46 29.43 -16.24
CA LEU C 311 -1.21 30.16 -16.08
C LEU C 311 -1.39 31.62 -16.47
N ARG C 312 -0.89 32.52 -15.63
CA ARG C 312 -0.96 33.95 -15.91
C ARG C 312 0.10 34.72 -15.12
N ILE C 313 1.29 34.80 -15.69
CA ILE C 313 2.41 35.51 -15.07
C ILE C 313 2.52 36.91 -15.67
N VAL C 314 2.18 37.92 -14.87
CA VAL C 314 2.20 39.31 -15.32
C VAL C 314 3.56 39.97 -15.05
N ILE C 315 4.19 40.42 -16.13
CA ILE C 315 5.48 41.10 -16.04
C ILE C 315 5.32 42.56 -16.44
N GLU C 316 5.12 43.43 -15.45
CA GLU C 316 5.03 44.86 -15.71
C GLU C 316 6.41 45.41 -16.03
N ILE C 317 6.51 46.20 -17.10
CA ILE C 317 7.80 46.77 -17.50
C ILE C 317 7.83 48.29 -17.36
N LYS C 318 9.03 48.83 -17.28
CA LYS C 318 9.25 50.27 -17.07
C LYS C 318 8.79 51.08 -18.28
N ARG C 319 8.61 52.38 -18.07
CA ARG C 319 8.10 53.26 -19.12
C ARG C 319 9.14 53.44 -20.24
N ASP C 320 10.41 53.35 -19.87
CA ASP C 320 11.51 53.45 -20.81
C ASP C 320 11.97 52.06 -21.28
N ALA C 321 11.01 51.16 -21.49
CA ALA C 321 11.33 49.80 -21.91
C ALA C 321 10.47 49.37 -23.09
N VAL C 322 11.11 48.68 -24.04
CA VAL C 322 10.43 48.14 -25.21
C VAL C 322 9.96 46.72 -24.91
N ALA C 323 8.71 46.41 -25.24
CA ALA C 323 8.13 45.12 -24.91
C ALA C 323 8.92 43.95 -25.52
N LYS C 324 9.19 44.02 -26.81
CA LYS C 324 9.91 42.94 -27.49
C LYS C 324 11.35 42.79 -27.02
N VAL C 325 11.98 43.89 -26.61
CA VAL C 325 13.33 43.83 -26.09
C VAL C 325 13.35 43.01 -24.80
N VAL C 326 12.37 43.26 -23.93
CA VAL C 326 12.27 42.53 -22.68
C VAL C 326 11.90 41.07 -22.96
N ILE C 327 11.05 40.86 -23.96
CA ILE C 327 10.64 39.51 -24.33
C ILE C 327 11.82 38.73 -24.91
N ASN C 328 12.61 39.39 -25.75
CA ASN C 328 13.79 38.75 -26.33
C ASN C 328 14.80 38.39 -25.24
N ASN C 329 14.90 39.24 -24.22
CA ASN C 329 15.78 38.96 -23.09
C ASN C 329 15.28 37.76 -22.28
N LEU C 330 13.97 37.62 -22.18
CA LEU C 330 13.38 36.49 -21.48
C LEU C 330 13.65 35.20 -22.26
N TYR C 331 13.57 35.28 -23.58
CA TYR C 331 13.88 34.14 -24.43
C TYR C 331 15.32 33.69 -24.22
N LYS C 332 16.23 34.65 -24.08
CA LYS C 332 17.65 34.34 -23.92
C LYS C 332 17.99 33.85 -22.52
N HIS C 333 17.50 34.54 -21.50
CA HIS C 333 17.95 34.30 -20.12
C HIS C 333 16.97 33.50 -19.26
N THR C 334 15.90 32.99 -19.85
CA THR C 334 14.95 32.16 -19.10
C THR C 334 14.44 31.01 -19.97
N GLN C 335 13.71 30.09 -19.34
CA GLN C 335 13.15 28.95 -20.05
C GLN C 335 11.84 29.29 -20.74
N LEU C 336 11.55 30.58 -20.87
CA LEU C 336 10.43 31.01 -21.69
C LEU C 336 10.68 30.55 -23.11
N GLN C 337 11.96 30.48 -23.47
CA GLN C 337 12.41 29.81 -24.68
C GLN C 337 13.46 28.77 -24.29
N THR C 338 13.15 27.50 -24.54
CA THR C 338 14.07 26.42 -24.26
C THR C 338 13.91 25.34 -25.31
N SER C 339 14.98 24.57 -25.53
CA SER C 339 14.97 23.54 -26.57
C SER C 339 14.74 22.14 -26.01
N PHE C 340 14.01 21.32 -26.78
CA PHE C 340 13.81 19.93 -26.45
C PHE C 340 14.83 19.06 -27.17
N GLY C 341 15.75 18.47 -26.42
CA GLY C 341 16.78 17.63 -26.99
C GLY C 341 16.23 16.26 -27.36
N ALA C 342 15.72 16.14 -28.58
CA ALA C 342 15.11 14.91 -29.03
C ALA C 342 16.15 13.82 -29.28
N ASN C 343 15.86 12.63 -28.79
CA ASN C 343 16.71 11.46 -29.01
C ASN C 343 15.85 10.19 -29.11
N MET C 344 15.48 9.81 -30.33
CA MET C 344 14.48 8.77 -30.55
C MET C 344 15.00 7.37 -30.23
N LEU C 345 15.27 7.10 -28.96
CA LEU C 345 15.79 5.80 -28.52
C LEU C 345 14.68 4.95 -27.93
N ALA C 346 14.55 3.72 -28.43
CA ALA C 346 13.56 2.78 -27.91
C ALA C 346 14.06 1.34 -28.03
N ILE C 347 13.48 0.44 -27.24
CA ILE C 347 13.86 -0.97 -27.28
C ILE C 347 13.12 -1.70 -28.39
N VAL C 348 13.88 -2.28 -29.31
CA VAL C 348 13.33 -3.04 -30.42
C VAL C 348 13.78 -4.49 -30.36
N ASP C 349 12.83 -5.37 -30.05
CA ASP C 349 13.11 -6.80 -29.96
C ASP C 349 14.22 -7.07 -28.94
N GLY C 350 14.16 -6.37 -27.82
CA GLY C 350 15.13 -6.57 -26.75
C GLY C 350 16.45 -5.87 -26.98
N VAL C 351 16.50 -5.00 -27.98
CA VAL C 351 17.73 -4.27 -28.32
C VAL C 351 17.47 -2.77 -28.40
N PRO C 352 18.30 -1.96 -27.73
CA PRO C 352 18.12 -0.51 -27.84
C PRO C 352 18.50 0.00 -29.23
N ARG C 353 17.66 0.83 -29.83
CA ARG C 353 17.92 1.32 -31.17
C ARG C 353 17.39 2.74 -31.36
N THR C 354 18.21 3.59 -31.97
CA THR C 354 17.79 4.93 -32.35
C THR C 354 17.07 4.83 -33.70
N LEU C 355 15.86 5.36 -33.76
CA LEU C 355 14.98 5.11 -34.90
C LEU C 355 14.54 6.37 -35.64
N ARG C 356 14.40 6.23 -36.95
CA ARG C 356 13.77 7.25 -37.78
C ARG C 356 12.26 7.19 -37.59
N LEU C 357 11.57 8.26 -37.97
CA LEU C 357 10.13 8.36 -37.75
C LEU C 357 9.36 7.30 -38.52
N ASP C 358 9.86 6.94 -39.70
CA ASP C 358 9.21 5.93 -40.52
C ASP C 358 9.37 4.56 -39.86
N GLN C 359 10.48 4.37 -39.16
CA GLN C 359 10.73 3.12 -38.46
C GLN C 359 9.82 3.02 -37.24
N LEU C 360 9.62 4.13 -36.56
CA LEU C 360 8.76 4.16 -35.38
C LEU C 360 7.33 3.82 -35.77
N ILE C 361 6.84 4.40 -36.87
CA ILE C 361 5.51 4.09 -37.36
C ILE C 361 5.43 2.65 -37.84
N ARG C 362 6.35 2.26 -38.72
CA ARG C 362 6.36 0.91 -39.29
C ARG C 362 6.36 -0.17 -38.20
N TYR C 363 7.24 -0.02 -37.21
CA TYR C 363 7.33 -1.00 -36.13
C TYR C 363 6.03 -1.08 -35.33
N TYR C 364 5.35 0.06 -35.18
CA TYR C 364 4.08 0.07 -34.49
C TYR C 364 3.00 -0.60 -35.33
N VAL C 365 3.00 -0.33 -36.63
CA VAL C 365 2.03 -0.94 -37.53
C VAL C 365 2.22 -2.45 -37.54
N ASP C 366 3.48 -2.88 -37.58
CA ASP C 366 3.81 -4.30 -37.53
C ASP C 366 3.22 -4.94 -36.29
N HIS C 367 3.26 -4.22 -35.17
CA HIS C 367 2.71 -4.70 -33.92
C HIS C 367 1.20 -4.85 -34.00
N GLN C 368 0.53 -3.87 -34.62
CA GLN C 368 -0.92 -3.90 -34.74
C GLN C 368 -1.38 -5.07 -35.61
N LEU C 369 -0.64 -5.33 -36.68
CA LEU C 369 -0.96 -6.44 -37.56
C LEU C 369 -0.76 -7.76 -36.84
N ASP C 370 0.30 -7.85 -36.05
CA ASP C 370 0.56 -9.03 -35.25
C ASP C 370 -0.59 -9.27 -34.27
N VAL C 371 -1.01 -8.21 -33.59
CA VAL C 371 -2.09 -8.27 -32.61
C VAL C 371 -3.39 -8.81 -33.22
N ILE C 372 -3.72 -8.32 -34.41
CA ILE C 372 -5.00 -8.67 -35.02
C ILE C 372 -4.99 -10.08 -35.61
N VAL C 373 -3.84 -10.51 -36.11
CA VAL C 373 -3.71 -11.88 -36.59
C VAL C 373 -3.83 -12.86 -35.42
N ARG C 374 -3.17 -12.52 -34.31
CA ARG C 374 -3.21 -13.36 -33.12
C ARG C 374 -4.61 -13.40 -32.52
N ARG C 375 -5.30 -12.27 -32.53
CA ARG C 375 -6.67 -12.21 -32.06
C ARG C 375 -7.57 -13.07 -32.93
N THR C 376 -7.37 -12.96 -34.24
CA THR C 376 -8.15 -13.73 -35.21
C THR C 376 -7.90 -15.23 -35.02
N THR C 377 -6.64 -15.57 -34.74
CA THR C 377 -6.27 -16.97 -34.52
C THR C 377 -6.96 -17.51 -33.26
N TYR C 378 -6.95 -16.70 -32.20
CA TYR C 378 -7.56 -17.08 -30.93
C TYR C 378 -9.07 -17.28 -31.10
N ARG C 379 -9.70 -16.33 -31.79
CA ARG C 379 -11.14 -16.39 -32.00
C ARG C 379 -11.51 -17.56 -32.89
N LEU C 380 -10.63 -17.88 -33.82
CA LEU C 380 -10.84 -19.00 -34.74
C LEU C 380 -10.73 -20.33 -34.02
N ARG C 381 -9.77 -20.43 -33.11
CA ARG C 381 -9.59 -21.65 -32.34
C ARG C 381 -10.78 -21.89 -31.41
N LYS C 382 -11.19 -20.83 -30.73
CA LYS C 382 -12.30 -20.93 -29.78
C LYS C 382 -13.61 -21.22 -30.50
N ALA C 383 -13.75 -20.70 -31.72
CA ALA C 383 -14.94 -20.94 -32.52
C ALA C 383 -15.04 -22.41 -32.94
N ASN C 384 -13.90 -23.00 -33.26
CA ASN C 384 -13.86 -24.41 -33.65
C ASN C 384 -14.18 -25.34 -32.49
N GLU C 385 -13.71 -24.99 -31.29
CA GLU C 385 -13.99 -25.76 -30.10
C GLU C 385 -15.48 -25.71 -29.79
N ARG C 386 -16.03 -24.51 -29.92
CA ARG C 386 -17.42 -24.22 -29.63
C ARG C 386 -18.32 -24.91 -30.65
N ALA C 387 -17.90 -24.87 -31.91
CA ALA C 387 -18.62 -25.55 -32.99
C ALA C 387 -18.54 -27.07 -32.79
N HIS C 388 -17.37 -27.54 -32.36
CA HIS C 388 -17.15 -28.95 -32.14
C HIS C 388 -18.11 -29.54 -31.12
N ILE C 389 -18.32 -28.81 -30.03
CA ILE C 389 -19.23 -29.26 -28.98
C ILE C 389 -20.67 -29.18 -29.45
N LEU C 390 -20.99 -28.13 -30.19
CA LEU C 390 -22.36 -27.96 -30.70
C LEU C 390 -22.73 -29.10 -31.65
N ARG C 391 -21.78 -29.52 -32.49
CA ARG C 391 -22.03 -30.63 -33.41
C ARG C 391 -22.41 -31.88 -32.63
N GLY C 392 -21.76 -32.08 -31.49
CA GLY C 392 -22.04 -33.21 -30.63
C GLY C 392 -23.44 -33.14 -30.04
N LEU C 393 -23.86 -31.93 -29.68
CA LEU C 393 -25.20 -31.75 -29.10
C LEU C 393 -26.27 -32.04 -30.14
N VAL C 394 -26.05 -31.58 -31.38
CA VAL C 394 -27.00 -31.80 -32.46
C VAL C 394 -27.18 -33.29 -32.72
N LYS C 395 -26.09 -34.05 -32.62
CA LYS C 395 -26.17 -35.49 -32.78
C LYS C 395 -27.02 -36.10 -31.68
N ALA C 396 -26.93 -35.54 -30.48
CA ALA C 396 -27.71 -36.03 -29.34
C ALA C 396 -29.20 -35.74 -29.52
N LEU C 397 -29.52 -34.60 -30.11
CA LEU C 397 -30.91 -34.21 -30.29
C LEU C 397 -31.62 -35.09 -31.33
N ASP C 398 -30.89 -35.46 -32.38
CA ASP C 398 -31.46 -36.29 -33.44
C ASP C 398 -31.80 -37.68 -32.91
N ALA C 399 -31.06 -38.12 -31.89
CA ALA C 399 -31.30 -39.40 -31.25
C ALA C 399 -31.62 -39.19 -29.76
N LEU C 400 -32.35 -38.13 -29.49
CA LEU C 400 -32.62 -37.70 -28.11
C LEU C 400 -33.37 -38.77 -27.32
N ASP C 401 -34.31 -39.44 -27.99
CA ASP C 401 -35.07 -40.50 -27.36
C ASP C 401 -34.14 -41.57 -26.79
N GLU C 402 -33.06 -41.86 -27.53
CA GLU C 402 -32.09 -42.86 -27.11
C GLU C 402 -31.14 -42.32 -26.05
N VAL C 403 -30.59 -41.14 -26.29
CA VAL C 403 -29.61 -40.53 -25.40
C VAL C 403 -30.09 -40.48 -23.95
N ILE C 404 -31.33 -40.07 -23.74
CA ILE C 404 -31.88 -39.98 -22.40
C ILE C 404 -31.97 -41.39 -21.84
N ALA C 405 -32.53 -42.30 -22.61
CA ALA C 405 -32.69 -43.69 -22.20
C ALA C 405 -31.31 -44.29 -21.90
N LEU C 406 -30.32 -43.92 -22.71
CA LEU C 406 -28.98 -44.46 -22.56
C LEU C 406 -28.37 -44.03 -21.24
N ILE C 407 -28.56 -42.77 -20.87
CA ILE C 407 -27.99 -42.24 -19.64
C ILE C 407 -28.69 -42.81 -18.42
N ARG C 408 -30.02 -42.95 -18.51
CA ARG C 408 -30.81 -43.47 -17.39
C ARG C 408 -30.42 -44.91 -17.04
N ALA C 409 -30.25 -45.74 -18.06
CA ALA C 409 -30.00 -47.16 -17.83
C ALA C 409 -28.55 -47.40 -17.38
N SER C 410 -27.76 -46.33 -17.32
CA SER C 410 -26.36 -46.43 -16.90
C SER C 410 -26.27 -46.34 -15.38
N GLU C 411 -25.51 -47.25 -14.78
CA GLU C 411 -25.37 -47.27 -13.33
C GLU C 411 -24.58 -46.07 -12.80
N THR C 412 -23.58 -45.63 -13.57
CA THR C 412 -22.78 -44.46 -13.21
C THR C 412 -22.81 -43.42 -14.32
N VAL C 413 -22.06 -42.35 -14.14
CA VAL C 413 -21.91 -41.34 -15.18
C VAL C 413 -20.77 -41.70 -16.12
N ASP C 414 -19.83 -42.51 -15.62
CA ASP C 414 -18.72 -42.98 -16.44
C ASP C 414 -19.22 -44.02 -17.44
N ILE C 415 -20.13 -44.87 -16.98
CA ILE C 415 -20.77 -45.85 -17.85
C ILE C 415 -21.64 -45.13 -18.88
N ALA C 416 -22.28 -44.05 -18.45
CA ALA C 416 -23.12 -43.26 -19.33
C ALA C 416 -22.28 -42.53 -20.36
N ARG C 417 -21.15 -41.98 -19.93
CA ARG C 417 -20.27 -41.24 -20.82
C ARG C 417 -19.66 -42.16 -21.86
N ALA C 418 -19.03 -43.25 -21.40
CA ALA C 418 -18.38 -44.21 -22.28
C ALA C 418 -19.35 -44.73 -23.36
N GLY C 419 -20.62 -44.83 -22.99
CA GLY C 419 -21.65 -45.27 -23.92
C GLY C 419 -21.96 -44.25 -24.99
N LEU C 420 -22.06 -42.98 -24.58
CA LEU C 420 -22.37 -41.89 -25.50
C LEU C 420 -21.37 -41.79 -26.64
N ILE C 421 -20.11 -42.10 -26.35
CA ILE C 421 -19.07 -42.12 -27.38
C ILE C 421 -19.41 -43.18 -28.42
N GLU C 422 -19.73 -44.36 -27.94
CA GLU C 422 -20.05 -45.49 -28.81
C GLU C 422 -21.38 -45.32 -29.56
N LEU C 423 -22.38 -44.75 -28.89
CA LEU C 423 -23.72 -44.72 -29.45
C LEU C 423 -23.84 -43.68 -30.57
N LEU C 424 -23.20 -42.53 -30.40
CA LEU C 424 -23.35 -41.42 -31.33
C LEU C 424 -22.08 -41.16 -32.14
N ASP C 425 -21.04 -41.94 -31.88
CA ASP C 425 -19.74 -41.75 -32.51
C ASP C 425 -19.26 -40.32 -32.27
N ILE C 426 -18.93 -40.04 -31.02
CA ILE C 426 -18.63 -38.68 -30.57
C ILE C 426 -17.40 -38.68 -29.66
N ASP C 427 -16.70 -37.54 -29.61
CA ASP C 427 -15.55 -37.39 -28.72
C ASP C 427 -15.98 -37.50 -27.26
N GLU C 428 -15.00 -37.51 -26.35
CA GLU C 428 -15.28 -37.55 -24.93
C GLU C 428 -15.60 -36.15 -24.42
N ILE C 429 -15.01 -35.14 -25.05
CA ILE C 429 -15.25 -33.75 -24.69
C ILE C 429 -16.70 -33.41 -25.02
N GLN C 430 -17.10 -33.80 -26.23
CA GLN C 430 -18.46 -33.58 -26.70
C GLN C 430 -19.45 -34.37 -25.86
N ALA C 431 -19.11 -35.63 -25.59
CA ALA C 431 -19.96 -36.50 -24.78
C ALA C 431 -20.14 -35.92 -23.39
N GLN C 432 -19.10 -35.27 -22.87
CA GLN C 432 -19.16 -34.64 -21.56
C GLN C 432 -20.16 -33.51 -21.58
N ALA C 433 -20.21 -32.79 -22.69
CA ALA C 433 -21.12 -31.65 -22.86
C ALA C 433 -22.57 -32.11 -22.88
N ILE C 434 -22.82 -33.26 -23.48
CA ILE C 434 -24.16 -33.82 -23.50
C ILE C 434 -24.61 -34.13 -22.08
N LEU C 435 -23.70 -34.68 -21.29
CA LEU C 435 -23.99 -34.99 -19.90
C LEU C 435 -24.22 -33.70 -19.13
N ASP C 436 -23.43 -32.68 -19.44
CA ASP C 436 -23.50 -31.41 -18.73
C ASP C 436 -24.73 -30.61 -19.14
N MET C 437 -25.46 -31.12 -20.13
CA MET C 437 -26.62 -30.42 -20.68
C MET C 437 -27.76 -30.35 -19.66
N GLN C 438 -28.40 -29.18 -19.58
CA GLN C 438 -29.52 -28.99 -18.66
C GLN C 438 -30.82 -29.45 -19.29
N LEU C 439 -31.81 -29.77 -18.46
CA LEU C 439 -33.12 -30.15 -18.95
C LEU C 439 -33.80 -28.97 -19.62
N ARG C 440 -33.35 -27.76 -19.30
CA ARG C 440 -33.83 -26.57 -19.99
C ARG C 440 -33.70 -26.65 -21.50
N ARG C 441 -32.52 -27.05 -21.98
CA ARG C 441 -32.26 -26.92 -23.40
C ARG C 441 -32.92 -28.02 -24.22
N LEU C 442 -33.72 -28.87 -23.57
CA LEU C 442 -34.47 -29.91 -24.26
C LEU C 442 -35.84 -29.39 -24.72
N ALA C 443 -36.14 -28.13 -24.41
CA ALA C 443 -37.37 -27.52 -24.89
C ALA C 443 -37.28 -27.29 -26.39
N ALA C 444 -38.45 -27.18 -27.04
CA ALA C 444 -38.51 -27.07 -28.49
C ALA C 444 -37.66 -25.93 -29.02
N LEU C 445 -37.95 -24.72 -28.56
CA LEU C 445 -37.22 -23.53 -28.99
C LEU C 445 -35.76 -23.61 -28.60
N GLU C 446 -35.48 -24.33 -27.52
CA GLU C 446 -34.11 -24.46 -27.02
C GLU C 446 -33.30 -25.40 -27.89
N ARG C 447 -33.95 -26.44 -28.41
CA ARG C 447 -33.29 -27.35 -29.34
C ARG C 447 -32.92 -26.58 -30.61
N GLN C 448 -33.79 -25.65 -30.99
CA GLN C 448 -33.60 -24.85 -32.19
C GLN C 448 -32.45 -23.85 -32.04
N ARG C 449 -32.25 -23.33 -30.84
CA ARG C 449 -31.17 -22.38 -30.59
C ARG C 449 -29.82 -23.05 -30.83
N ILE C 450 -29.70 -24.30 -30.39
CA ILE C 450 -28.48 -25.08 -30.58
C ILE C 450 -28.18 -25.26 -32.05
N ILE C 451 -29.21 -25.57 -32.84
CA ILE C 451 -29.06 -25.71 -34.28
C ILE C 451 -28.55 -24.41 -34.88
N ASP C 452 -29.28 -23.32 -34.61
CA ASP C 452 -28.94 -22.02 -35.17
C ASP C 452 -27.56 -21.54 -34.74
N ASP C 453 -27.22 -21.80 -33.46
CA ASP C 453 -25.93 -21.38 -32.93
C ASP C 453 -24.79 -22.06 -33.69
N LEU C 454 -25.02 -23.30 -34.11
CA LEU C 454 -24.05 -24.01 -34.92
C LEU C 454 -23.89 -23.30 -36.26
N ALA C 455 -25.02 -22.97 -36.88
CA ALA C 455 -25.03 -22.25 -38.15
C ALA C 455 -24.40 -20.87 -37.98
N LYS C 456 -24.64 -20.26 -36.83
CA LYS C 456 -24.12 -18.93 -36.52
C LYS C 456 -22.60 -18.92 -36.45
N ILE C 457 -22.03 -19.90 -35.78
CA ILE C 457 -20.59 -19.99 -35.59
C ILE C 457 -19.87 -20.37 -36.88
N GLU C 458 -20.41 -21.36 -37.60
CA GLU C 458 -19.80 -21.79 -38.85
C GLU C 458 -19.68 -20.63 -39.84
N ALA C 459 -20.54 -19.63 -39.68
CA ALA C 459 -20.44 -18.41 -40.46
C ALA C 459 -19.31 -17.54 -39.93
N GLU C 460 -19.11 -17.56 -38.62
CA GLU C 460 -18.04 -16.80 -37.98
C GLU C 460 -16.68 -17.44 -38.26
N ILE C 461 -16.63 -18.77 -38.23
CA ILE C 461 -15.39 -19.49 -38.52
C ILE C 461 -14.92 -19.19 -39.94
N ALA C 462 -15.86 -19.22 -40.88
CA ALA C 462 -15.55 -18.94 -42.28
C ALA C 462 -15.03 -17.51 -42.44
N ASP C 463 -15.65 -16.57 -41.73
CA ASP C 463 -15.21 -15.18 -41.76
C ASP C 463 -13.80 -15.05 -41.21
N LEU C 464 -13.55 -15.66 -40.05
CA LEU C 464 -12.25 -15.58 -39.40
C LEU C 464 -11.15 -16.17 -40.28
N GLU C 465 -11.44 -17.31 -40.90
CA GLU C 465 -10.49 -17.94 -41.82
C GLU C 465 -10.18 -17.03 -42.99
N ASP C 466 -11.19 -16.26 -43.43
CA ASP C 466 -11.03 -15.36 -44.55
C ASP C 466 -10.10 -14.21 -44.19
N ILE C 467 -10.15 -13.77 -42.93
CA ILE C 467 -9.30 -12.69 -42.46
C ILE C 467 -7.83 -13.13 -42.49
N LEU C 468 -7.56 -14.30 -41.96
CA LEU C 468 -6.19 -14.81 -41.87
C LEU C 468 -5.58 -15.05 -43.25
N ALA C 469 -6.44 -15.27 -44.24
CA ALA C 469 -5.98 -15.58 -45.60
C ALA C 469 -5.77 -14.33 -46.43
N LYS C 470 -6.30 -13.20 -45.98
CA LYS C 470 -6.22 -11.95 -46.73
C LYS C 470 -5.51 -10.86 -45.93
N PRO C 471 -4.25 -10.58 -46.27
CA PRO C 471 -3.54 -9.47 -45.59
C PRO C 471 -4.25 -8.14 -45.76
N GLU C 472 -5.07 -8.02 -46.80
CA GLU C 472 -5.81 -6.77 -47.06
C GLU C 472 -6.81 -6.49 -45.94
N ARG C 473 -7.56 -7.51 -45.54
CA ARG C 473 -8.54 -7.36 -44.47
C ARG C 473 -7.85 -7.04 -43.15
N GLN C 474 -6.74 -7.71 -42.89
CA GLN C 474 -5.98 -7.50 -41.66
C GLN C 474 -5.61 -6.02 -41.50
N ARG C 475 -5.08 -5.44 -42.58
CA ARG C 475 -4.73 -4.02 -42.57
C ARG C 475 -5.97 -3.15 -42.43
N GLY C 476 -7.07 -3.59 -43.03
CA GLY C 476 -8.32 -2.86 -42.96
C GLY C 476 -8.88 -2.77 -41.56
N ILE C 477 -8.65 -3.81 -40.77
CA ILE C 477 -9.13 -3.84 -39.39
C ILE C 477 -8.33 -2.87 -38.53
N VAL C 478 -7.02 -2.79 -38.74
CA VAL C 478 -6.18 -1.83 -38.02
C VAL C 478 -6.70 -0.42 -38.29
N ARG C 479 -6.88 -0.11 -39.56
CA ARG C 479 -7.36 1.20 -40.00
C ARG C 479 -8.72 1.52 -39.37
N ASP C 480 -9.68 0.62 -39.56
CA ASP C 480 -11.05 0.88 -39.14
C ASP C 480 -11.16 0.98 -37.61
N GLU C 481 -10.46 0.10 -36.90
CA GLU C 481 -10.51 0.10 -35.45
C GLU C 481 -9.79 1.31 -34.87
N LEU C 482 -8.65 1.66 -35.47
CA LEU C 482 -7.91 2.85 -35.03
C LEU C 482 -8.70 4.13 -35.32
N ALA C 483 -9.41 4.14 -36.44
CA ALA C 483 -10.23 5.28 -36.82
C ALA C 483 -11.28 5.57 -35.75
N GLU C 484 -11.89 4.51 -35.24
CA GLU C 484 -12.87 4.62 -34.17
C GLU C 484 -12.26 5.27 -32.93
N ILE C 485 -11.06 4.84 -32.58
CA ILE C 485 -10.38 5.36 -31.40
C ILE C 485 -10.06 6.85 -31.54
N VAL C 486 -9.57 7.23 -32.72
CA VAL C 486 -9.19 8.62 -32.96
C VAL C 486 -10.40 9.54 -33.00
N ASP C 487 -11.49 9.06 -33.60
CA ASP C 487 -12.71 9.86 -33.69
C ASP C 487 -13.28 10.10 -32.30
N ARG C 488 -13.07 9.15 -31.39
CA ARG C 488 -13.62 9.24 -30.05
C ARG C 488 -12.68 10.00 -29.10
N HIS C 489 -11.37 9.74 -29.21
CA HIS C 489 -10.41 10.24 -28.24
C HIS C 489 -9.41 11.24 -28.81
N GLY C 490 -9.44 11.45 -30.12
CA GLY C 490 -8.56 12.41 -30.74
C GLY C 490 -8.95 13.83 -30.38
N ASP C 491 -7.96 14.71 -30.23
CA ASP C 491 -8.21 16.10 -29.89
C ASP C 491 -7.41 17.06 -30.78
N ASP C 492 -7.70 18.35 -30.62
CA ASP C 492 -7.01 19.39 -31.38
C ASP C 492 -5.54 19.46 -31.02
N ARG C 493 -4.75 20.05 -31.92
CA ARG C 493 -3.36 20.35 -31.63
C ARG C 493 -3.29 21.45 -30.59
N ARG C 494 -2.28 21.38 -29.72
CA ARG C 494 -2.08 22.37 -28.67
C ARG C 494 -0.87 23.25 -28.97
N THR C 495 0.24 22.61 -29.31
CA THR C 495 1.45 23.34 -29.64
C THR C 495 1.37 23.90 -31.05
N ARG C 496 1.48 25.23 -31.16
CA ARG C 496 1.42 25.91 -32.45
C ARG C 496 2.80 25.92 -33.11
N ILE C 497 2.85 25.53 -34.38
CA ILE C 497 4.10 25.51 -35.13
C ILE C 497 4.23 26.75 -36.02
N ILE C 498 5.28 27.51 -35.78
CA ILE C 498 5.57 28.70 -36.57
C ILE C 498 6.97 28.59 -37.18
N ALA C 499 7.29 29.52 -38.08
CA ALA C 499 8.59 29.54 -38.74
C ALA C 499 9.55 30.46 -37.99
N ILE C 500 10.75 30.62 -38.53
CA ILE C 500 11.75 31.49 -37.92
C ILE C 500 11.29 32.94 -37.94
N ASN D 2 47.75 -5.91 18.74
CA ASN D 2 46.95 -4.75 18.34
C ASN D 2 45.50 -4.92 18.75
N ALA D 3 44.96 -3.94 19.46
CA ALA D 3 43.57 -3.99 19.91
C ALA D 3 42.96 -2.59 19.94
N LEU D 4 41.70 -2.49 19.55
CA LEU D 4 41.00 -1.20 19.49
C LEU D 4 39.62 -1.29 20.15
N VAL D 5 39.21 -0.18 20.77
CA VAL D 5 37.96 -0.14 21.51
C VAL D 5 36.74 -0.12 20.59
N ARG D 6 35.71 -0.86 20.97
CA ARG D 6 34.43 -0.88 20.27
C ARG D 6 33.45 0.02 21.00
N ARG D 7 32.54 0.64 20.24
CA ARG D 7 31.57 1.56 20.85
C ARG D 7 30.58 0.82 21.74
N LYS D 8 30.33 1.39 22.91
CA LYS D 8 29.38 0.84 23.87
C LYS D 8 28.76 1.93 24.74
N SER D 9 27.62 2.44 24.30
CA SER D 9 26.91 3.50 25.04
C SER D 9 27.79 4.71 25.30
N GLY D 15 32.72 7.87 19.13
CA GLY D 15 33.39 8.53 18.03
C GLY D 15 33.30 7.74 16.73
N LEU D 16 32.29 6.88 16.64
CA LEU D 16 32.09 6.03 15.47
C LEU D 16 30.69 6.28 14.91
N PRO D 17 30.43 5.85 13.66
CA PRO D 17 29.13 6.09 13.03
C PRO D 17 27.95 5.62 13.89
N GLY D 18 26.89 6.42 13.91
CA GLY D 18 25.73 6.14 14.73
C GLY D 18 24.99 4.86 14.35
N LYS D 19 25.05 4.53 13.07
CA LYS D 19 24.33 3.36 12.56
C LYS D 19 25.14 2.08 12.70
N LEU D 20 26.42 2.22 13.05
CA LEU D 20 27.29 1.06 13.27
C LEU D 20 26.86 0.24 14.49
N ALA D 21 26.58 -1.03 14.27
CA ALA D 21 26.36 -1.97 15.36
C ALA D 21 27.63 -2.77 15.59
N ASP D 22 28.53 -2.22 16.40
CA ASP D 22 29.88 -2.79 16.56
C ASP D 22 29.86 -4.15 17.25
N CYS D 23 30.96 -4.87 17.13
CA CYS D 23 31.12 -6.17 17.78
C CYS D 23 31.73 -5.96 19.17
N ARG D 24 31.93 -7.05 19.91
CA ARG D 24 32.48 -6.96 21.27
C ARG D 24 33.98 -7.22 21.28
N SER D 25 34.45 -8.09 20.39
CA SER D 25 35.86 -8.43 20.31
C SER D 25 36.73 -7.24 19.92
N THR D 26 37.77 -7.00 20.70
CA THR D 26 38.68 -5.88 20.46
C THR D 26 39.84 -6.27 19.55
N ASP D 27 39.81 -7.49 19.04
CA ASP D 27 40.86 -7.99 18.14
C ASP D 27 40.41 -7.91 16.69
N PRO D 28 41.03 -7.02 15.89
CA PRO D 28 40.67 -6.90 14.47
C PRO D 28 40.85 -8.20 13.69
N ARG D 29 41.87 -8.98 14.05
CA ARG D 29 42.18 -10.23 13.37
C ARG D 29 41.01 -11.21 13.45
N LYS D 30 40.23 -11.11 14.53
CA LYS D 30 39.07 -11.97 14.74
C LYS D 30 37.75 -11.24 14.43
N SER D 31 37.82 -9.94 14.18
CA SER D 31 36.61 -9.13 13.97
C SER D 31 36.21 -9.10 12.50
N GLU D 32 34.93 -8.84 12.26
CA GLU D 32 34.37 -8.78 10.91
C GLU D 32 33.37 -7.64 10.78
N LEU D 33 33.47 -6.88 9.69
CA LEU D 33 32.49 -5.84 9.38
C LEU D 33 31.63 -6.22 8.18
N TYR D 34 30.34 -6.41 8.44
CA TYR D 34 29.37 -6.65 7.39
C TYR D 34 28.79 -5.34 6.89
N VAL D 35 29.18 -4.94 5.69
CA VAL D 35 28.60 -3.77 5.04
C VAL D 35 27.34 -4.20 4.29
N VAL D 36 26.18 -3.80 4.81
CA VAL D 36 24.90 -4.33 4.35
C VAL D 36 24.08 -3.31 3.56
N GLU D 37 23.40 -3.80 2.53
CA GLU D 37 22.50 -2.97 1.72
C GLU D 37 21.13 -2.87 2.38
N GLY D 38 20.77 -1.67 2.81
CA GLY D 38 19.41 -1.40 3.29
C GLY D 38 19.25 -1.49 4.80
N ASP D 39 18.35 -0.66 5.32
CA ASP D 39 18.07 -0.62 6.76
C ASP D 39 17.40 -1.90 7.24
N SER D 40 16.53 -2.47 6.40
CA SER D 40 15.83 -3.69 6.75
C SER D 40 16.80 -4.87 6.94
N ALA D 41 17.64 -5.09 5.94
CA ALA D 41 18.61 -6.19 5.98
C ALA D 41 19.63 -5.96 7.08
N GLY D 42 20.05 -4.71 7.26
CA GLY D 42 20.99 -4.36 8.31
C GLY D 42 20.38 -4.61 9.67
N GLY D 43 19.07 -4.39 9.78
CA GLY D 43 18.35 -4.63 11.02
C GLY D 43 18.35 -6.09 11.38
N SER D 44 18.03 -6.94 10.40
CA SER D 44 17.99 -8.38 10.62
C SER D 44 19.40 -8.94 10.84
N ALA D 45 20.39 -8.33 10.20
CA ALA D 45 21.77 -8.76 10.36
C ALA D 45 22.23 -8.46 11.77
N LYS D 46 21.85 -7.29 12.27
CA LYS D 46 22.17 -6.89 13.63
C LYS D 46 21.62 -7.88 14.64
N SER D 47 20.50 -8.53 14.28
CA SER D 47 19.85 -9.48 15.17
C SER D 47 20.40 -10.90 15.04
N GLY D 48 20.69 -11.32 13.81
CA GLY D 48 21.12 -12.68 13.57
C GLY D 48 22.62 -12.90 13.72
N ARG D 49 23.37 -11.82 13.80
CA ARG D 49 24.83 -11.88 13.88
C ARG D 49 25.35 -12.56 15.14
N ASP D 50 26.65 -12.83 15.15
CA ASP D 50 27.38 -13.14 16.36
C ASP D 50 28.02 -11.84 16.85
N SER D 51 27.39 -11.22 17.84
CA SER D 51 27.80 -9.90 18.31
C SER D 51 29.22 -9.86 18.84
N MET D 52 29.82 -11.04 19.07
CA MET D 52 31.18 -11.12 19.57
C MET D 52 32.19 -10.67 18.51
N PHE D 53 32.02 -11.17 17.28
CA PHE D 53 33.00 -10.96 16.23
C PHE D 53 32.47 -10.20 15.01
N GLN D 54 31.15 -10.08 14.90
CA GLN D 54 30.53 -9.50 13.72
C GLN D 54 29.87 -8.15 13.99
N ALA D 55 30.24 -7.16 13.19
CA ALA D 55 29.65 -5.82 13.26
C ALA D 55 28.86 -5.54 11.98
N ILE D 56 27.86 -4.68 12.09
CA ILE D 56 26.98 -4.37 10.96
C ILE D 56 27.00 -2.87 10.64
N LEU D 57 27.24 -2.54 9.37
CA LEU D 57 27.14 -1.16 8.90
C LEU D 57 26.15 -1.07 7.75
N PRO D 58 24.89 -0.72 8.04
CA PRO D 58 23.89 -0.62 6.97
C PRO D 58 24.08 0.61 6.10
N LEU D 59 24.09 0.44 4.79
CA LEU D 59 24.19 1.56 3.86
C LEU D 59 22.80 1.90 3.33
N ARG D 60 22.52 3.20 3.24
CA ARG D 60 21.21 3.66 2.79
C ARG D 60 21.33 4.34 1.43
N GLY D 61 20.66 3.76 0.44
CA GLY D 61 20.67 4.31 -0.90
C GLY D 61 21.95 4.00 -1.65
N LYS D 62 21.95 4.29 -2.95
CA LYS D 62 23.13 4.06 -3.78
C LYS D 62 24.30 4.91 -3.31
N ILE D 63 25.46 4.27 -3.17
CA ILE D 63 26.69 4.96 -2.78
C ILE D 63 27.17 5.90 -3.87
N ILE D 64 27.80 6.99 -3.47
CA ILE D 64 28.32 7.98 -4.40
C ILE D 64 29.49 7.40 -5.21
N ASN D 65 29.48 7.68 -6.51
CA ASN D 65 30.55 7.22 -7.39
C ASN D 65 31.78 8.10 -7.23
N VAL D 66 32.80 7.57 -6.56
CA VAL D 66 34.02 8.34 -6.29
C VAL D 66 34.83 8.56 -7.55
N GLU D 67 34.54 7.78 -8.60
CA GLU D 67 35.23 7.93 -9.87
C GLU D 67 34.75 9.18 -10.61
N LYS D 68 33.46 9.50 -10.47
CA LYS D 68 32.88 10.66 -11.13
C LYS D 68 32.93 11.92 -10.27
N ALA D 69 32.54 11.78 -9.01
CA ALA D 69 32.44 12.92 -8.10
C ALA D 69 33.82 13.41 -7.68
N ARG D 70 33.93 14.72 -7.44
CA ARG D 70 35.15 15.30 -6.93
C ARG D 70 35.37 14.84 -5.50
N ILE D 71 36.62 14.86 -5.04
CA ILE D 71 36.99 14.27 -3.76
C ILE D 71 36.29 14.97 -2.60
N ASP D 72 36.21 16.30 -2.65
CA ASP D 72 35.62 17.05 -1.55
C ASP D 72 34.15 16.68 -1.36
N ARG D 73 33.46 16.42 -2.46
CA ARG D 73 32.04 16.04 -2.39
C ARG D 73 31.88 14.62 -1.86
N VAL D 74 32.84 13.75 -2.18
CA VAL D 74 32.83 12.38 -1.69
C VAL D 74 32.96 12.35 -0.17
N LEU D 75 33.84 13.21 0.36
CA LEU D 75 34.09 13.26 1.79
C LEU D 75 32.94 13.91 2.54
N LYS D 76 32.06 14.59 1.79
CA LYS D 76 30.87 15.21 2.38
C LYS D 76 29.72 14.22 2.44
N ASN D 77 29.81 13.15 1.65
CA ASN D 77 28.80 12.10 1.65
C ASN D 77 28.80 11.33 2.98
N THR D 78 27.65 11.26 3.62
CA THR D 78 27.53 10.64 4.94
C THR D 78 27.83 9.14 4.91
N GLU D 79 27.45 8.48 3.83
CA GLU D 79 27.61 7.02 3.74
C GLU D 79 29.07 6.63 3.53
N VAL D 80 29.82 7.49 2.84
CA VAL D 80 31.24 7.23 2.64
C VAL D 80 32.00 7.48 3.93
N GLN D 81 31.66 8.57 4.61
CA GLN D 81 32.28 8.90 5.89
C GLN D 81 32.09 7.77 6.89
N ALA D 82 30.92 7.15 6.87
CA ALA D 82 30.61 6.05 7.76
C ALA D 82 31.54 4.86 7.50
N ILE D 83 31.75 4.55 6.24
CA ILE D 83 32.62 3.45 5.85
C ILE D 83 34.06 3.73 6.27
N ILE D 84 34.55 4.92 5.91
CA ILE D 84 35.92 5.30 6.23
C ILE D 84 36.14 5.31 7.74
N THR D 85 35.16 5.85 8.48
CA THR D 85 35.28 5.94 9.93
C THR D 85 35.23 4.56 10.58
N ALA D 86 34.38 3.70 10.05
CA ALA D 86 34.19 2.36 10.61
C ALA D 86 35.41 1.47 10.36
N LEU D 87 36.04 1.65 9.20
CA LEU D 87 37.20 0.83 8.84
C LEU D 87 38.46 1.27 9.61
N GLY D 88 38.49 2.53 10.02
CA GLY D 88 39.56 3.03 10.86
C GLY D 88 40.80 3.49 10.11
N THR D 89 41.06 2.87 8.96
CA THR D 89 42.17 3.27 8.12
C THR D 89 41.89 4.63 7.51
N GLY D 90 42.93 5.31 7.05
CA GLY D 90 42.76 6.56 6.35
C GLY D 90 42.34 6.31 4.91
N ILE D 91 42.67 7.24 4.03
CA ILE D 91 42.44 7.06 2.61
C ILE D 91 43.61 7.63 1.81
N HIS D 92 43.86 7.06 0.64
CA HIS D 92 44.94 7.49 -0.24
C HIS D 92 46.30 7.42 0.46
N ASP D 93 47.00 8.55 0.56
CA ASP D 93 48.35 8.58 1.11
C ASP D 93 48.37 8.37 2.62
N GLU D 94 47.30 8.77 3.29
CA GLU D 94 47.21 8.65 4.75
C GLU D 94 46.67 7.30 5.18
N PHE D 95 46.63 6.35 4.26
CA PHE D 95 46.15 5.00 4.57
C PHE D 95 47.14 4.27 5.46
N ASP D 96 46.63 3.60 6.48
CA ASP D 96 47.47 2.81 7.38
C ASP D 96 46.73 1.54 7.77
N ILE D 97 47.20 0.40 7.26
CA ILE D 97 46.54 -0.88 7.49
C ILE D 97 46.58 -1.28 8.96
N GLY D 98 47.56 -0.77 9.69
CA GLY D 98 47.72 -1.08 11.10
C GLY D 98 46.53 -0.64 11.93
N LYS D 99 45.81 0.37 11.43
CA LYS D 99 44.67 0.94 12.12
C LYS D 99 43.35 0.30 11.68
N LEU D 100 43.45 -0.76 10.88
CA LEU D 100 42.28 -1.48 10.39
C LEU D 100 41.53 -2.16 11.54
N ARG D 101 40.25 -1.82 11.69
CA ARG D 101 39.45 -2.29 12.82
C ARG D 101 38.79 -3.64 12.55
N TYR D 102 38.80 -4.07 11.29
CA TYR D 102 38.25 -5.37 10.91
C TYR D 102 39.07 -6.02 9.80
N HIS D 103 39.57 -7.23 10.04
CA HIS D 103 40.37 -7.93 9.04
C HIS D 103 39.49 -8.66 8.01
N LYS D 104 38.18 -8.62 8.22
CA LYS D 104 37.23 -9.13 7.23
C LYS D 104 36.16 -8.08 6.95
N ILE D 105 36.14 -7.61 5.70
CA ILE D 105 35.16 -6.63 5.28
C ILE D 105 34.24 -7.31 4.27
N VAL D 106 33.07 -7.74 4.75
CA VAL D 106 32.12 -8.46 3.93
C VAL D 106 31.08 -7.51 3.35
N LEU D 107 31.05 -7.41 2.02
CA LEU D 107 30.01 -6.66 1.32
C LEU D 107 28.81 -7.57 1.07
N MET D 108 27.68 -7.21 1.66
CA MET D 108 26.46 -8.01 1.52
C MET D 108 25.34 -7.19 0.90
N ALA D 109 25.05 -7.49 -0.37
CA ALA D 109 24.02 -6.78 -1.13
C ALA D 109 22.99 -7.77 -1.65
N ASP D 110 21.85 -7.25 -2.10
CA ASP D 110 20.81 -8.09 -2.68
C ASP D 110 21.35 -8.85 -3.89
N ALA D 111 20.76 -10.01 -4.16
CA ALA D 111 21.14 -10.80 -5.32
C ALA D 111 20.63 -10.16 -6.61
N ASP D 112 19.76 -9.16 -6.49
CA ASP D 112 19.19 -8.51 -7.66
C ASP D 112 20.20 -7.60 -8.34
N VAL D 113 19.74 -6.92 -9.38
CA VAL D 113 20.60 -6.10 -10.23
C VAL D 113 21.15 -4.85 -9.52
N ASP D 114 20.37 -4.27 -8.61
CA ASP D 114 20.81 -3.08 -7.89
C ASP D 114 21.86 -3.40 -6.83
N GLY D 115 21.83 -4.61 -6.31
CA GLY D 115 22.85 -5.07 -5.39
C GLY D 115 24.18 -5.19 -6.11
N GLN D 116 24.12 -5.68 -7.35
CA GLN D 116 25.31 -5.76 -8.18
C GLN D 116 25.90 -4.37 -8.42
N HIS D 117 25.03 -3.39 -8.63
CA HIS D 117 25.48 -2.01 -8.86
C HIS D 117 26.19 -1.44 -7.64
N ILE D 118 25.57 -1.60 -6.48
CA ILE D 118 26.12 -1.11 -5.22
C ILE D 118 27.47 -1.75 -4.93
N SER D 119 27.64 -3.01 -5.34
CA SER D 119 28.90 -3.70 -5.16
C SER D 119 30.01 -3.02 -5.96
N THR D 120 29.70 -2.63 -7.19
CA THR D 120 30.70 -1.96 -8.04
C THR D 120 31.04 -0.59 -7.50
N LEU D 121 30.06 0.07 -6.89
CA LEU D 121 30.26 1.38 -6.30
C LEU D 121 31.11 1.29 -5.03
N LEU D 122 30.92 0.21 -4.27
CA LEU D 122 31.73 -0.02 -3.08
C LEU D 122 33.16 -0.45 -3.44
N LEU D 123 33.27 -1.36 -4.40
CA LEU D 123 34.57 -1.84 -4.85
C LEU D 123 35.37 -0.69 -5.46
N THR D 124 34.67 0.28 -6.05
CA THR D 124 35.32 1.45 -6.63
C THR D 124 35.84 2.35 -5.52
N LEU D 125 35.05 2.49 -4.46
CA LEU D 125 35.47 3.26 -3.29
C LEU D 125 36.71 2.63 -2.67
N LEU D 126 36.67 1.32 -2.46
CA LEU D 126 37.78 0.61 -1.83
C LEU D 126 39.05 0.67 -2.69
N PHE D 127 38.91 0.40 -3.98
CA PHE D 127 40.07 0.33 -4.87
C PHE D 127 40.77 1.68 -5.02
N ARG D 128 39.99 2.76 -4.95
CA ARG D 128 40.53 4.10 -5.19
C ARG D 128 41.04 4.78 -3.92
N PHE D 129 40.37 4.53 -2.80
CA PHE D 129 40.69 5.19 -1.55
C PHE D 129 41.52 4.32 -0.60
N MET D 130 41.26 3.01 -0.62
CA MET D 130 41.87 2.08 0.32
C MET D 130 42.28 0.77 -0.35
N ARG D 131 43.10 0.87 -1.38
CA ARG D 131 43.45 -0.29 -2.22
C ARG D 131 44.07 -1.47 -1.46
N PRO D 132 44.97 -1.19 -0.50
CA PRO D 132 45.64 -2.30 0.21
C PRO D 132 44.67 -3.29 0.87
N LEU D 133 43.46 -2.86 1.16
CA LEU D 133 42.45 -3.75 1.73
C LEU D 133 42.10 -4.86 0.76
N ILE D 134 42.12 -4.55 -0.53
CA ILE D 134 41.84 -5.52 -1.57
C ILE D 134 43.06 -6.40 -1.83
N GLU D 135 44.23 -5.78 -1.88
CA GLU D 135 45.47 -6.49 -2.18
C GLU D 135 45.79 -7.54 -1.13
N ASN D 136 45.44 -7.26 0.12
CA ASN D 136 45.78 -8.14 1.23
C ASN D 136 44.62 -9.05 1.65
N GLY D 137 43.58 -9.10 0.83
CA GLY D 137 42.50 -10.06 1.02
C GLY D 137 41.61 -9.80 2.22
N HIS D 138 41.32 -8.53 2.49
CA HIS D 138 40.42 -8.17 3.60
C HIS D 138 39.00 -7.92 3.10
N VAL D 139 38.83 -7.89 1.78
CA VAL D 139 37.53 -7.63 1.18
C VAL D 139 36.88 -8.91 0.66
N PHE D 140 35.64 -9.16 1.10
CA PHE D 140 34.89 -10.34 0.69
C PHE D 140 33.51 -9.97 0.16
N LEU D 141 32.88 -10.91 -0.53
CA LEU D 141 31.53 -10.74 -1.04
C LEU D 141 30.64 -11.88 -0.57
N ALA D 142 29.62 -11.56 0.21
CA ALA D 142 28.66 -12.56 0.66
C ALA D 142 27.67 -12.88 -0.46
N GLN D 143 27.40 -14.16 -0.67
CA GLN D 143 26.42 -14.58 -1.67
C GLN D 143 25.10 -14.92 -1.00
N PRO D 144 24.07 -14.06 -1.17
CA PRO D 144 22.81 -14.37 -0.50
C PRO D 144 22.09 -15.54 -1.15
N PRO D 145 21.20 -16.21 -0.41
CA PRO D 145 20.37 -17.26 -0.99
C PRO D 145 19.33 -16.71 -1.96
N LEU D 146 18.82 -17.57 -2.84
CA LEU D 146 17.77 -17.18 -3.77
C LEU D 146 16.47 -17.91 -3.46
N TYR D 147 16.61 -19.11 -2.87
CA TYR D 147 15.44 -19.93 -2.57
C TYR D 147 15.55 -20.58 -1.20
N LYS D 148 14.38 -20.84 -0.60
CA LYS D 148 14.29 -21.61 0.63
C LYS D 148 13.27 -22.72 0.41
N LEU D 149 13.74 -23.96 0.36
CA LEU D 149 12.86 -25.11 0.17
C LEU D 149 12.29 -25.54 1.51
N LYS D 150 10.97 -25.41 1.65
CA LYS D 150 10.29 -25.72 2.91
C LYS D 150 9.63 -27.09 2.87
N TRP D 151 10.39 -28.13 3.20
CA TRP D 151 9.87 -29.49 3.20
C TRP D 151 8.85 -29.64 4.32
N GLN D 152 7.86 -30.51 4.12
CA GLN D 152 6.76 -30.66 5.06
C GLN D 152 7.20 -31.19 6.42
N ARG D 153 8.14 -32.12 6.41
CA ARG D 153 8.56 -32.80 7.62
C ARG D 153 10.05 -32.62 7.91
N SER D 154 10.83 -32.36 6.87
CA SER D 154 12.28 -32.23 7.01
C SER D 154 12.68 -30.77 7.24
N ASP D 155 13.93 -30.56 7.61
CA ASP D 155 14.45 -29.21 7.79
C ASP D 155 14.50 -28.48 6.45
N PRO D 156 14.30 -27.16 6.47
CA PRO D 156 14.31 -26.40 5.22
C PRO D 156 15.72 -26.28 4.63
N GLU D 157 15.81 -26.27 3.31
CA GLU D 157 17.08 -26.13 2.62
C GLU D 157 17.15 -24.81 1.86
N PHE D 158 18.34 -24.22 1.80
CA PHE D 158 18.57 -22.97 1.06
C PHE D 158 19.33 -23.24 -0.22
N ALA D 159 18.98 -22.52 -1.28
CA ALA D 159 19.65 -22.64 -2.57
C ALA D 159 20.17 -21.27 -3.02
N TYR D 160 21.35 -21.26 -3.64
CA TYR D 160 22.00 -20.02 -4.05
C TYR D 160 21.97 -19.82 -5.56
N SER D 161 21.28 -20.70 -6.27
CA SER D 161 21.12 -20.59 -7.71
C SER D 161 19.91 -21.38 -8.18
N ASP D 162 19.44 -21.11 -9.39
CA ASP D 162 18.32 -21.85 -9.96
C ASP D 162 18.66 -23.33 -10.12
N ARG D 163 19.93 -23.60 -10.44
CA ARG D 163 20.38 -24.98 -10.64
C ARG D 163 20.32 -25.76 -9.33
N GLU D 164 20.88 -25.18 -8.28
CA GLU D 164 20.89 -25.83 -6.97
C GLU D 164 19.47 -26.09 -6.48
N ARG D 165 18.58 -25.13 -6.72
CA ARG D 165 17.17 -25.31 -6.39
C ARG D 165 16.62 -26.56 -7.05
N ASP D 166 16.86 -26.70 -8.34
CA ASP D 166 16.38 -27.85 -9.09
C ASP D 166 17.01 -29.15 -8.59
N GLY D 167 18.27 -29.06 -8.16
CA GLY D 167 19.00 -30.23 -7.69
C GLY D 167 18.49 -30.71 -6.33
N LEU D 168 18.30 -29.77 -5.42
CA LEU D 168 17.82 -30.08 -4.09
C LEU D 168 16.37 -30.54 -4.12
N LEU D 169 15.60 -30.01 -5.06
CA LEU D 169 14.20 -30.42 -5.20
C LEU D 169 14.08 -31.87 -5.63
N GLU D 170 14.82 -32.24 -6.68
CA GLU D 170 14.76 -33.61 -7.19
C GLU D 170 15.29 -34.61 -6.18
N ALA D 171 16.42 -34.27 -5.54
CA ALA D 171 17.04 -35.16 -4.56
C ALA D 171 16.09 -35.45 -3.41
N GLY D 172 15.47 -34.41 -2.88
CA GLY D 172 14.53 -34.55 -1.77
C GLY D 172 13.34 -35.40 -2.16
N LEU D 173 12.75 -35.11 -3.32
CA LEU D 173 11.60 -35.85 -3.80
C LEU D 173 11.98 -37.31 -4.06
N LYS D 174 13.18 -37.51 -4.58
CA LYS D 174 13.69 -38.85 -4.84
C LYS D 174 13.92 -39.59 -3.52
N ALA D 175 14.19 -38.81 -2.47
CA ALA D 175 14.45 -39.36 -1.15
C ALA D 175 13.16 -39.58 -0.35
N GLY D 176 12.03 -39.19 -0.92
CA GLY D 176 10.73 -39.45 -0.32
C GLY D 176 10.15 -38.27 0.45
N LYS D 177 10.83 -37.14 0.41
CA LYS D 177 10.35 -35.94 1.07
C LYS D 177 9.26 -35.26 0.22
N LYS D 178 8.54 -34.32 0.83
CA LYS D 178 7.44 -33.65 0.13
C LYS D 178 7.36 -32.16 0.48
N ILE D 179 6.85 -31.38 -0.46
CA ILE D 179 6.69 -29.94 -0.30
C ILE D 179 5.27 -29.54 -0.64
N ASN D 180 4.76 -28.52 0.05
CA ASN D 180 3.49 -27.90 -0.34
C ASN D 180 3.67 -27.18 -1.67
N LYS D 181 2.63 -27.21 -2.51
CA LYS D 181 2.67 -26.50 -3.78
C LYS D 181 2.11 -25.09 -3.62
N GLU D 182 1.71 -24.74 -2.39
CA GLU D 182 1.28 -23.39 -2.06
C GLU D 182 2.42 -22.61 -1.44
N ASP D 183 2.72 -22.89 -0.17
CA ASP D 183 3.87 -22.27 0.50
C ASP D 183 5.13 -22.58 -0.29
N GLY D 184 5.48 -23.86 -0.33
CA GLY D 184 6.53 -24.35 -1.20
C GLY D 184 7.88 -23.67 -1.10
N ILE D 185 8.41 -23.31 -2.26
CA ILE D 185 9.75 -22.73 -2.35
C ILE D 185 9.65 -21.21 -2.30
N GLN D 186 10.04 -20.64 -1.16
CA GLN D 186 10.09 -19.19 -1.02
C GLN D 186 11.25 -18.63 -1.84
N ARG D 187 10.96 -17.59 -2.62
CA ARG D 187 11.98 -16.94 -3.44
C ARG D 187 12.37 -15.60 -2.82
N TYR D 188 13.65 -15.44 -2.52
CA TYR D 188 14.15 -14.18 -1.96
C TYR D 188 14.43 -13.20 -3.08
N LYS D 189 13.92 -11.98 -2.92
CA LYS D 189 14.15 -10.90 -3.88
C LYS D 189 15.03 -9.81 -3.28
N GLY D 190 15.60 -10.09 -2.11
CA GLY D 190 16.50 -9.16 -1.45
C GLY D 190 16.72 -9.55 0.00
N LEU D 191 17.81 -9.04 0.57
CA LEU D 191 18.16 -9.33 1.96
C LEU D 191 17.08 -8.86 2.93
N GLY D 192 16.40 -7.78 2.56
CA GLY D 192 15.38 -7.17 3.40
C GLY D 192 14.20 -8.08 3.67
N GLU D 193 14.03 -9.09 2.82
CA GLU D 193 12.92 -10.04 2.96
C GLU D 193 13.23 -11.18 3.94
N MET D 194 14.49 -11.26 4.37
CA MET D 194 14.90 -12.32 5.28
C MET D 194 14.78 -11.86 6.73
N ASP D 195 14.58 -12.83 7.63
CA ASP D 195 14.59 -12.54 9.05
C ASP D 195 16.00 -12.76 9.60
N ALA D 196 16.17 -12.57 10.91
CA ALA D 196 17.49 -12.69 11.53
C ALA D 196 18.06 -14.10 11.38
N LYS D 197 17.23 -15.11 11.64
CA LYS D 197 17.67 -16.49 11.61
C LYS D 197 18.16 -16.91 10.22
N GLU D 198 17.39 -16.54 9.20
CA GLU D 198 17.72 -16.91 7.83
C GLU D 198 19.05 -16.31 7.40
N LEU D 199 19.32 -15.08 7.81
CA LEU D 199 20.57 -14.42 7.46
C LEU D 199 21.75 -15.12 8.12
N TRP D 200 21.54 -15.59 9.34
CA TRP D 200 22.60 -16.30 10.05
C TRP D 200 22.94 -17.60 9.34
N GLU D 201 21.93 -18.36 8.98
CA GLU D 201 22.12 -19.71 8.43
C GLU D 201 22.45 -19.73 6.94
N THR D 202 22.80 -18.58 6.36
CA THR D 202 23.12 -18.53 4.93
C THR D 202 24.26 -17.59 4.58
N THR D 203 24.45 -16.53 5.38
CA THR D 203 25.43 -15.50 5.04
C THR D 203 26.33 -15.04 6.19
N MET D 204 26.00 -15.40 7.43
CA MET D 204 26.75 -14.89 8.57
C MET D 204 27.37 -15.99 9.42
N ASP D 205 26.76 -17.17 9.45
CA ASP D 205 27.35 -18.30 10.16
C ASP D 205 28.62 -18.70 9.43
N PRO D 206 29.79 -18.55 10.09
CA PRO D 206 31.05 -18.82 9.39
C PRO D 206 31.22 -20.27 8.95
N SER D 207 30.40 -21.17 9.48
CA SER D 207 30.51 -22.60 9.17
C SER D 207 29.61 -22.99 8.00
N VAL D 208 28.88 -22.03 7.44
CA VAL D 208 27.92 -22.29 6.37
C VAL D 208 27.92 -21.21 5.28
N ARG D 209 28.38 -20.01 5.63
CA ARG D 209 28.34 -18.89 4.70
C ARG D 209 29.21 -19.10 3.47
N VAL D 210 28.75 -18.59 2.33
CA VAL D 210 29.48 -18.67 1.07
C VAL D 210 30.10 -17.30 0.76
N LEU D 211 31.39 -17.16 1.06
CA LEU D 211 32.10 -15.91 0.81
C LEU D 211 33.04 -16.02 -0.39
N ARG D 212 33.20 -14.89 -1.09
CA ARG D 212 34.16 -14.77 -2.19
C ARG D 212 35.18 -13.69 -1.87
N GLN D 213 36.46 -14.06 -1.83
CA GLN D 213 37.53 -13.13 -1.52
C GLN D 213 37.96 -12.36 -2.77
N VAL D 214 37.84 -11.04 -2.72
CA VAL D 214 38.20 -10.20 -3.85
C VAL D 214 39.71 -10.20 -4.04
N THR D 215 40.14 -10.63 -5.22
CA THR D 215 41.55 -10.68 -5.58
C THR D 215 41.90 -9.60 -6.59
N LEU D 216 43.11 -9.07 -6.48
CA LEU D 216 43.61 -8.07 -7.42
C LEU D 216 44.88 -8.56 -8.11
N ASP D 217 44.75 -8.96 -9.37
CA ASP D 217 45.89 -9.47 -10.13
C ASP D 217 46.65 -8.34 -10.83
N ASP D 218 46.15 -7.91 -11.98
CA ASP D 218 46.77 -6.83 -12.75
C ASP D 218 46.19 -5.49 -12.32
N ALA D 219 47.01 -4.71 -11.61
CA ALA D 219 46.56 -3.41 -11.09
C ALA D 219 46.30 -2.43 -12.22
N ALA D 220 47.14 -2.46 -13.25
CA ALA D 220 47.00 -1.55 -14.38
C ALA D 220 45.73 -1.84 -15.17
N ALA D 221 45.45 -3.13 -15.37
CA ALA D 221 44.25 -3.55 -16.09
C ALA D 221 43.00 -3.18 -15.31
N ALA D 222 43.08 -3.30 -13.99
CA ALA D 222 41.96 -2.94 -13.12
C ALA D 222 41.73 -1.44 -13.16
N ASP D 223 42.84 -0.69 -13.14
CA ASP D 223 42.79 0.76 -13.19
C ASP D 223 42.03 1.23 -14.43
N GLU D 224 42.24 0.54 -15.54
CA GLU D 224 41.60 0.90 -16.80
C GLU D 224 40.13 0.49 -16.82
N LEU D 225 39.82 -0.68 -16.26
CA LEU D 225 38.45 -1.16 -16.24
C LEU D 225 37.57 -0.28 -15.36
N PHE D 226 38.11 0.12 -14.21
CA PHE D 226 37.39 0.99 -13.30
C PHE D 226 37.08 2.33 -13.96
N SER D 227 38.05 2.86 -14.70
CA SER D 227 37.91 4.17 -15.33
C SER D 227 36.93 4.14 -16.49
N ILE D 228 36.88 3.02 -17.20
CA ILE D 228 35.95 2.87 -18.32
C ILE D 228 34.52 2.76 -17.82
N LEU D 229 34.30 1.84 -16.88
CA LEU D 229 32.96 1.56 -16.39
C LEU D 229 32.40 2.66 -15.49
N MET D 230 33.24 3.22 -14.64
CA MET D 230 32.79 4.14 -13.60
C MET D 230 33.13 5.60 -13.88
N GLY D 231 33.93 5.85 -14.91
CA GLY D 231 34.42 7.19 -15.21
C GLY D 231 33.40 8.11 -15.83
N GLU D 232 33.83 9.33 -16.16
CA GLU D 232 32.93 10.34 -16.71
C GLU D 232 32.68 10.16 -18.20
N ASP D 233 33.57 9.43 -18.88
CA ASP D 233 33.44 9.18 -20.31
C ASP D 233 32.31 8.20 -20.62
N VAL D 234 31.19 8.71 -21.12
CA VAL D 234 30.05 7.86 -21.44
C VAL D 234 30.32 6.99 -22.67
N ASP D 235 30.86 7.61 -23.71
CA ASP D 235 31.13 6.91 -24.97
C ASP D 235 31.98 5.66 -24.73
N ALA D 236 33.06 5.81 -23.97
CA ALA D 236 33.94 4.71 -23.64
C ALA D 236 33.16 3.60 -22.94
N ARG D 237 32.25 4.00 -22.05
CA ARG D 237 31.43 3.04 -21.32
C ARG D 237 30.42 2.37 -22.25
N ARG D 238 29.78 3.16 -23.10
CA ARG D 238 28.77 2.64 -24.02
C ARG D 238 29.35 1.57 -24.94
N SER D 239 30.51 1.85 -25.54
CA SER D 239 31.11 0.91 -26.48
C SER D 239 31.61 -0.35 -25.77
N PHE D 240 32.04 -0.20 -24.51
CA PHE D 240 32.51 -1.36 -23.74
C PHE D 240 31.37 -2.32 -23.45
N ILE D 241 30.20 -1.80 -23.10
CA ILE D 241 29.05 -2.63 -22.79
C ILE D 241 28.54 -3.34 -24.04
N THR D 242 28.35 -2.60 -25.13
CA THR D 242 27.86 -3.20 -26.37
C THR D 242 28.85 -4.21 -26.93
N ARG D 243 30.11 -4.10 -26.53
CA ARG D 243 31.16 -5.00 -27.00
C ARG D 243 31.25 -6.28 -26.18
N ASN D 244 31.04 -6.18 -24.87
CA ASN D 244 31.33 -7.27 -23.95
C ASN D 244 30.10 -7.89 -23.29
N ALA D 245 28.97 -7.19 -23.34
CA ALA D 245 27.74 -7.71 -22.75
C ALA D 245 27.27 -8.97 -23.47
N LYS D 246 27.63 -9.07 -24.75
CA LYS D 246 27.25 -10.21 -25.57
C LYS D 246 27.90 -11.51 -25.10
N ASP D 247 28.95 -11.38 -24.29
CA ASP D 247 29.77 -12.53 -23.89
C ASP D 247 29.95 -12.65 -22.38
N VAL D 248 29.03 -12.08 -21.60
CA VAL D 248 29.11 -12.16 -20.14
C VAL D 248 28.91 -13.58 -19.65
N ARG D 249 28.04 -14.32 -20.34
CA ARG D 249 27.73 -15.70 -19.96
C ARG D 249 28.93 -16.63 -20.10
N PHE D 250 29.87 -16.26 -20.96
CA PHE D 250 30.95 -17.15 -21.36
C PHE D 250 32.30 -16.77 -20.76
N LEU D 251 32.28 -16.00 -19.68
CA LEU D 251 33.50 -15.57 -19.02
C LEU D 251 34.15 -16.73 -18.25
N ASP D 252 33.31 -17.66 -17.77
CA ASP D 252 33.78 -18.77 -16.94
C ASP D 252 33.63 -20.13 -17.62
N VAL D 253 33.19 -20.14 -18.87
CA VAL D 253 33.04 -21.40 -19.61
C VAL D 253 34.40 -21.97 -19.98
MG MG I . -9.20 13.46 8.53
MG MG J . 11.25 8.55 -3.28
MG MG K . 17.06 -5.05 -3.88
C LFX L . 1.82 8.77 9.86
F LFX L . 6.78 13.24 13.34
N LFX L . 6.28 18.37 12.41
O LFX L . 0.89 8.67 9.04
C01 LFX L . 4.70 16.53 12.81
N01 LFX L . 5.66 15.61 12.30
O01 LFX L . 3.29 15.32 10.49
C02 LFX L . 6.40 16.16 11.24
N02 LFX L . 2.28 12.69 9.90
O02 LFX L . 4.05 9.27 11.55
C03 LFX L . 1.68 13.77 9.38
O03 LFX L . 2.27 7.77 10.42
C04 LFX L . 5.09 14.27 11.96
C05 LFX L . 3.45 12.84 10.80
C06 LFX L . 3.96 14.12 11.09
C07 LFX L . 5.34 17.83 13.30
C08 LFX L . 7.10 17.45 11.64
C09 LFX L . 2.64 14.99 9.22
C10 LFX L . 4.06 11.69 11.37
C11 LFX L . 5.68 13.11 12.50
C12 LFX L . 1.75 11.34 9.60
C13 LFX L . 5.17 11.82 12.21
C14 LFX L . 0.50 14.17 10.30
C15 LFX L . 3.51 10.28 11.05
C16 LFX L . 7.14 19.33 13.11
C17 LFX L . 2.39 10.13 10.19
H01 LFX L . 4.09 16.77 12.11
H01A LFX L . 4.18 16.10 13.54
H02 LFX L . 5.79 16.34 10.49
H02A LFX L . 7.07 15.52 10.95
H03 LFX L . 1.33 13.53 8.51
H07 LFX L . 5.79 17.65 14.17
H07A LFX L . 4.65 18.47 13.44
H08 LFX L . 7.89 17.21 12.18
H08A LFX L . 7.40 17.90 10.83
H09 LFX L . 3.33 14.77 8.55
H09A LFX L . 2.14 15.74 8.93
H12 LFX L . 0.95 11.24 9.00
H13 LFX L . 5.58 11.05 12.58
H14 LFX L . -0.14 13.38 10.41
H14A LFX L . 0.85 14.44 11.19
H14B LFX L . 0.01 14.94 9.88
H16 LFX L . 6.55 20.05 13.54
H16A LFX L . 7.75 19.77 12.46
H16B LFX L . 7.66 18.86 13.80
MG MG M . 3.59 7.30 11.89
C LFX N . 11.90 5.69 -1.83
F LFX N . 16.79 10.88 0.56
N LFX N . 20.82 9.32 3.36
O LFX N . 11.32 6.52 -2.55
C01 LFX N . 19.66 8.34 1.42
N01 LFX N . 18.43 8.81 1.98
O01 LFX N . 17.55 6.13 1.82
C02 LFX N . 18.56 10.08 2.59
N02 LFX N . 15.17 5.43 0.35
O02 LFX N . 12.90 8.34 -1.60
C03 LFX N . 15.89 4.47 0.98
O03 LFX N . 11.48 4.53 -1.72
C04 LFX N . 17.19 8.55 1.18
C05 LFX N . 15.59 6.84 0.41
C06 LFX N . 16.75 7.19 1.11
C07 LFX N . 20.66 8.16 2.57
C08 LFX N . 19.58 10.00 3.72
C09 LFX N . 16.72 4.99 2.17
C10 LFX N . 14.84 7.85 -0.24
C11 LFX N . 16.42 9.55 0.54
C12 LFX N . 13.94 5.05 -0.39
C13 LFX N . 15.25 9.18 -0.17
C14 LFX N . 16.86 3.85 -0.08
C15 LFX N . 13.57 7.46 -1.02
C16 LFX N . 21.77 10.24 2.74
C17 LFX N . 13.15 6.10 -1.07
H01 LFX N . 19.51 7.50 0.98
H01A LFX N . 20.01 9.01 0.77
H02 LFX N . 17.69 10.36 2.95
H02A LFX N . 18.86 10.70 1.94
H03 LFX N . 15.29 3.78 1.28
H07 LFX N . 21.54 7.91 2.19
H07A LFX N . 20.36 7.45 3.13
H08 LFX N . 19.78 10.91 4.02
H08A LFX N . 19.17 9.51 4.46
H09 LFX N . 16.12 5.27 2.90
H09A LFX N . 17.29 4.30 2.49
H12 LFX N . 13.65 4.10 -0.44
H13 LFX N . 14.75 9.86 -0.61
H14 LFX N . 16.49 4.02 -1.02
H14A LFX N . 17.75 4.27 0.00
H14B LFX N . 16.93 2.86 0.07
H16 LFX N . 22.70 9.84 2.80
H16A LFX N . 21.74 11.12 3.19
H16B LFX N . 21.53 10.35 1.78
#